data_8S90
#
_entry.id   8S90
#
_cell.length_a   1.00
_cell.length_b   1.00
_cell.length_c   1.00
_cell.angle_alpha   90.00
_cell.angle_beta   90.00
_cell.angle_gamma   90.00
#
_symmetry.space_group_name_H-M   'P 1'
#
loop_
_entity.id
_entity.type
_entity.pdbx_description
1 polymer 'Calcium homeostasis modulator protein 1'
2 non-polymer 'ruthenium(6+) azanide pentaamino(oxido)ruthenium (1/4/2)'
#
_entity_poly.entity_id   1
_entity_poly.type   'polypeptide(L)'
_entity_poly.pdbx_seq_one_letter_code
;MMDKFRMIFQFLQSNQESFMNGICGIMALASAQMYSAFDFNCPCLPGYNAAYSAGILLAPPLVLFLLGLVMNNNVSMLAE
EWKRPPGRRAKDPAVLRYMFCSMAQRALWAPVVWVAVTLLDGKCFLCAFCTAVPVSALGNGSLAPGLPAPELARLLARVP
CPEIYDGDWLLAREVAVRYLRCISQALGWSFVLLTTLLAFVVRSVRPCFTQAAFLKSKYWSHYIDIERKLFDETCTEHAK
AFAKVCIQQFFEAMNHDLELGHTNGTLATAPASAAAPTTPDGAEEEREKLRGITDQGTMNRLLGSAWSHPQFEK
;
_entity_poly.pdbx_strand_id   B,A,C,D,E,F,G,H
#
# COMPACT_ATOMS: atom_id res chain seq x y z
N MET A 1 3.59 -21.03 3.51
CA MET A 1 4.51 -21.08 4.64
C MET A 1 4.61 -19.71 5.29
N MET A 2 4.09 -18.70 4.59
CA MET A 2 4.14 -17.34 5.11
C MET A 2 3.27 -17.17 6.35
N ASP A 3 2.34 -18.09 6.61
CA ASP A 3 1.37 -17.91 7.68
C ASP A 3 2.03 -17.77 9.04
N LYS A 4 3.05 -18.58 9.33
CA LYS A 4 3.62 -18.58 10.67
C LYS A 4 4.30 -17.27 11.00
N PHE A 5 4.74 -16.54 9.97
CA PHE A 5 5.46 -15.29 10.17
C PHE A 5 4.71 -14.07 9.65
N ARG A 6 3.88 -14.23 8.61
CA ARG A 6 3.11 -13.08 8.11
C ARG A 6 2.13 -12.58 9.16
N MET A 7 1.76 -13.46 10.10
CA MET A 7 0.89 -13.07 11.21
C MET A 7 1.49 -11.96 12.07
N ILE A 8 2.67 -12.18 12.63
CA ILE A 8 3.34 -11.13 13.39
C ILE A 8 3.70 -9.96 12.50
N PHE A 9 3.82 -10.19 11.18
CA PHE A 9 4.10 -9.12 10.23
C PHE A 9 3.07 -8.00 10.29
N GLN A 10 1.80 -8.31 10.11
CA GLN A 10 0.77 -7.29 10.30
C GLN A 10 0.57 -6.97 11.76
N PHE A 11 0.80 -7.95 12.65
CA PHE A 11 0.78 -7.67 14.09
C PHE A 11 1.85 -6.66 14.45
N LEU A 12 3.05 -6.83 13.88
CA LEU A 12 4.03 -5.76 13.95
C LEU A 12 3.50 -4.50 13.28
N GLN A 13 2.90 -4.65 12.11
CA GLN A 13 2.23 -3.55 11.45
C GLN A 13 1.05 -3.01 12.24
N SER A 14 0.53 -3.80 13.19
CA SER A 14 -0.66 -3.41 13.91
C SER A 14 -0.48 -2.12 14.72
N ASN A 15 0.39 -2.13 15.72
CA ASN A 15 0.53 -0.96 16.59
C ASN A 15 1.94 -0.93 17.13
N GLN A 16 2.17 0.00 18.06
CA GLN A 16 3.48 0.19 18.68
C GLN A 16 3.32 0.25 20.20
N GLU A 17 2.58 -0.70 20.76
CA GLU A 17 2.33 -0.75 22.19
C GLU A 17 3.01 -1.97 22.77
N SER A 18 4.04 -1.74 23.58
CA SER A 18 4.76 -2.84 24.21
C SER A 18 5.71 -2.34 25.29
N PHE A 19 6.59 -3.22 25.77
CA PHE A 19 7.56 -2.90 26.79
C PHE A 19 8.90 -3.55 26.44
N MET A 20 9.79 -3.68 27.41
CA MET A 20 11.06 -4.38 27.23
C MET A 20 10.85 -5.75 26.59
N ASN A 21 9.81 -6.47 27.04
CA ASN A 21 9.39 -7.67 26.33
C ASN A 21 8.98 -7.36 24.90
N GLY A 22 8.27 -6.24 24.70
CA GLY A 22 8.03 -5.78 23.34
C GLY A 22 9.32 -5.35 22.65
N ILE A 23 10.27 -4.83 23.43
CA ILE A 23 11.61 -4.62 22.90
C ILE A 23 12.24 -5.97 22.54
N CYS A 24 12.02 -6.98 23.40
CA CYS A 24 12.32 -8.35 23.01
C CYS A 24 11.45 -8.77 21.84
N GLY A 25 10.25 -8.18 21.73
CA GLY A 25 9.43 -8.40 20.55
C GLY A 25 10.12 -7.95 19.27
N ILE A 26 11.04 -7.00 19.38
CA ILE A 26 11.84 -6.61 18.23
C ILE A 26 12.62 -7.81 17.71
N MET A 27 13.19 -8.61 18.62
CA MET A 27 13.99 -9.75 18.20
C MET A 27 13.13 -10.99 18.00
N ALA A 28 12.45 -11.45 19.06
CA ALA A 28 11.88 -12.79 19.03
C ALA A 28 10.72 -12.90 18.05
N LEU A 29 10.03 -11.80 17.78
CA LEU A 29 9.05 -11.82 16.69
C LEU A 29 9.71 -12.24 15.40
N ALA A 30 10.93 -11.76 15.16
CA ALA A 30 11.74 -12.32 14.09
C ALA A 30 12.01 -13.81 14.33
N SER A 31 12.21 -14.20 15.59
CA SER A 31 12.41 -15.61 15.89
C SER A 31 11.14 -16.40 15.62
N ALA A 32 9.98 -15.76 15.76
CA ALA A 32 8.76 -16.40 15.29
C ALA A 32 8.73 -16.46 13.77
N GLN A 33 9.51 -15.62 13.10
CA GLN A 33 9.44 -15.52 11.65
C GLN A 33 10.69 -16.10 10.99
N MET A 34 11.85 -15.97 11.64
CA MET A 34 13.10 -16.47 11.10
C MET A 34 13.01 -17.95 10.77
N TYR A 35 12.17 -18.69 11.50
CA TYR A 35 11.91 -20.08 11.13
C TYR A 35 11.36 -20.17 9.72
N SER A 36 10.58 -19.18 9.30
CA SER A 36 9.81 -19.30 8.06
C SER A 36 10.71 -19.40 6.83
N ALA A 37 11.70 -18.52 6.71
CA ALA A 37 12.57 -18.50 5.53
C ALA A 37 13.74 -19.47 5.63
N PHE A 38 14.15 -19.83 6.84
CA PHE A 38 15.16 -20.85 7.03
C PHE A 38 14.58 -22.24 6.82
N ASP A 39 15.00 -22.89 5.75
CA ASP A 39 14.37 -24.13 5.31
C ASP A 39 14.73 -25.25 6.28
N PHE A 40 14.15 -26.42 6.06
CA PHE A 40 14.45 -27.62 6.83
C PHE A 40 14.36 -28.82 5.90
N ASN A 41 15.35 -29.70 5.96
CA ASN A 41 15.38 -30.88 5.10
C ASN A 41 16.39 -31.86 5.68
N CYS A 42 15.94 -33.06 5.99
CA CYS A 42 16.80 -33.97 6.72
C CYS A 42 17.47 -34.95 5.76
N PRO A 43 18.63 -35.48 6.15
CA PRO A 43 19.43 -36.30 5.24
C PRO A 43 18.73 -37.51 4.69
N CYS A 44 17.72 -38.01 5.39
CA CYS A 44 17.11 -39.31 5.09
C CYS A 44 18.17 -40.35 4.75
N LEU A 45 19.02 -40.63 5.73
CA LEU A 45 20.08 -41.61 5.87
C LEU A 45 19.90 -42.39 7.17
N PRO A 46 20.66 -43.45 7.42
CA PRO A 46 20.27 -44.39 8.48
C PRO A 46 20.49 -43.89 9.89
N GLY A 47 21.54 -43.13 10.17
CA GLY A 47 21.81 -42.79 11.55
C GLY A 47 22.03 -41.32 11.80
N TYR A 48 22.21 -40.55 10.73
CA TYR A 48 22.47 -39.12 10.86
C TYR A 48 21.28 -38.36 11.40
N ASN A 49 20.05 -38.83 11.14
CA ASN A 49 18.86 -38.07 11.51
C ASN A 49 18.87 -37.70 12.98
N ALA A 50 18.90 -38.71 13.86
CA ALA A 50 18.81 -38.45 15.29
C ALA A 50 19.97 -37.58 15.77
N ALA A 51 21.07 -37.55 15.02
CA ALA A 51 22.05 -36.51 15.25
C ALA A 51 21.55 -35.17 14.75
N TYR A 52 21.09 -35.12 13.50
CA TYR A 52 20.85 -33.83 12.88
C TYR A 52 19.69 -33.10 13.51
N SER A 53 18.62 -33.82 13.87
CA SER A 53 17.46 -33.11 14.38
C SER A 53 17.77 -32.45 15.71
N ALA A 54 18.58 -33.08 16.54
CA ALA A 54 18.96 -32.46 17.80
C ALA A 54 19.74 -31.19 17.58
N GLY A 55 20.25 -30.99 16.38
CA GLY A 55 20.89 -29.73 16.06
C GLY A 55 19.92 -28.57 16.04
N ILE A 56 18.66 -28.84 15.70
CA ILE A 56 17.73 -27.73 15.52
C ILE A 56 16.74 -27.64 16.69
N LEU A 57 17.13 -28.18 17.85
CA LEU A 57 16.42 -27.84 19.07
C LEU A 57 17.34 -27.36 20.17
N LEU A 58 18.64 -27.25 19.94
CA LEU A 58 19.56 -26.82 20.98
C LEU A 58 20.47 -25.69 20.55
N ALA A 59 20.95 -25.67 19.32
CA ALA A 59 21.86 -24.60 19.00
C ALA A 59 21.09 -23.31 18.74
N PRO A 60 20.18 -23.27 17.77
CA PRO A 60 19.47 -22.02 17.47
C PRO A 60 18.67 -21.49 18.66
N PRO A 61 18.23 -22.32 19.58
CA PRO A 61 17.75 -21.73 20.84
C PRO A 61 18.86 -21.02 21.59
N LEU A 62 19.95 -21.74 21.87
CA LEU A 62 21.01 -21.19 22.71
C LEU A 62 21.59 -19.90 22.12
N VAL A 63 21.61 -19.79 20.80
CA VAL A 63 22.03 -18.54 20.18
C VAL A 63 21.10 -17.42 20.56
N LEU A 64 19.80 -17.62 20.43
CA LEU A 64 18.86 -16.55 20.74
C LEU A 64 18.91 -16.15 22.20
N PHE A 65 19.37 -17.06 23.06
CA PHE A 65 19.55 -16.70 24.46
C PHE A 65 20.70 -15.72 24.64
N LEU A 66 21.91 -16.13 24.28
CA LEU A 66 23.08 -15.28 24.44
C LEU A 66 22.97 -13.97 23.69
N LEU A 67 22.18 -13.93 22.62
CA LEU A 67 21.96 -12.67 21.93
C LEU A 67 21.01 -11.78 22.72
N GLY A 68 20.45 -12.30 23.81
CA GLY A 68 19.63 -11.46 24.66
C GLY A 68 20.43 -10.74 25.72
N LEU A 69 21.41 -11.43 26.32
CA LEU A 69 22.24 -10.78 27.31
C LEU A 69 23.04 -9.65 26.70
N VAL A 70 23.80 -9.93 25.64
CA VAL A 70 24.66 -8.92 25.04
C VAL A 70 23.84 -7.76 24.48
N MET A 71 22.58 -8.02 24.15
CA MET A 71 21.79 -6.98 23.47
C MET A 71 21.43 -5.85 24.41
N ASN A 72 21.26 -6.13 25.69
CA ASN A 72 20.86 -5.06 26.60
C ASN A 72 22.07 -4.44 27.29
N ASN A 73 21.89 -3.19 27.70
CA ASN A 73 22.99 -2.32 28.11
C ASN A 73 23.27 -2.37 29.60
N ASN A 74 23.45 -3.55 30.16
CA ASN A 74 23.69 -3.68 31.59
C ASN A 74 24.84 -4.59 31.97
N VAL A 75 25.20 -5.54 31.12
CA VAL A 75 26.07 -6.64 31.55
C VAL A 75 27.44 -6.15 31.97
N SER A 76 27.90 -5.04 31.38
CA SER A 76 29.19 -4.48 31.79
C SER A 76 29.20 -4.14 33.25
N MET A 77 28.17 -3.42 33.71
CA MET A 77 28.11 -3.00 35.11
C MET A 77 28.13 -4.19 36.05
N LEU A 78 27.48 -5.29 35.66
CA LEU A 78 27.60 -6.52 36.44
C LEU A 78 28.95 -7.19 36.18
N ALA A 79 29.37 -7.24 34.92
CA ALA A 79 30.65 -7.87 34.61
C ALA A 79 31.80 -7.11 35.24
N GLU A 80 31.75 -5.77 35.21
CA GLU A 80 32.83 -4.98 35.78
C GLU A 80 32.97 -5.21 37.28
N GLU A 81 31.85 -5.14 38.01
CA GLU A 81 31.92 -5.20 39.46
C GLU A 81 32.02 -6.62 39.99
N TRP A 82 31.89 -7.63 39.12
CA TRP A 82 32.08 -9.00 39.59
C TRP A 82 33.56 -9.37 39.60
N LYS A 83 34.27 -9.08 38.52
CA LYS A 83 35.71 -9.35 38.45
C LYS A 83 36.48 -8.69 39.57
N ARG A 84 36.06 -7.52 40.04
CA ARG A 84 36.74 -6.86 41.14
C ARG A 84 36.62 -7.69 42.42
N PRO A 85 37.44 -7.40 43.42
CA PRO A 85 37.36 -8.14 44.68
C PRO A 85 36.16 -7.73 45.50
N PRO A 86 35.65 -8.62 46.35
CA PRO A 86 34.62 -8.21 47.31
C PRO A 86 35.12 -7.10 48.22
N GLY A 87 34.18 -6.37 48.82
CA GLY A 87 34.53 -5.24 49.66
C GLY A 87 34.61 -3.97 48.85
N ARG A 88 35.47 -3.95 47.83
CA ARG A 88 35.53 -2.83 46.90
C ARG A 88 34.24 -2.65 46.12
N ARG A 89 33.42 -3.69 46.03
CA ARG A 89 32.15 -3.62 45.31
C ARG A 89 31.28 -2.52 45.91
N ALA A 90 30.97 -1.51 45.12
CA ALA A 90 30.11 -0.42 45.56
C ALA A 90 28.65 -0.82 45.66
N LYS A 91 28.32 -2.11 45.51
CA LYS A 91 26.96 -2.58 45.51
C LYS A 91 26.85 -3.87 46.33
N ASP A 92 25.75 -4.01 47.04
CA ASP A 92 25.50 -5.20 47.84
C ASP A 92 25.30 -6.41 46.94
N PRO A 93 25.59 -7.61 47.45
CA PRO A 93 25.19 -8.82 46.74
C PRO A 93 23.71 -8.84 46.37
N ALA A 94 22.86 -8.27 47.22
CA ALA A 94 21.42 -8.27 46.94
C ALA A 94 21.13 -7.57 45.62
N VAL A 95 21.58 -6.33 45.48
CA VAL A 95 21.34 -5.61 44.24
C VAL A 95 22.03 -6.31 43.07
N LEU A 96 23.16 -6.97 43.33
CA LEU A 96 23.74 -7.80 42.30
C LEU A 96 22.84 -8.97 41.97
N ARG A 97 22.49 -9.78 42.97
CA ARG A 97 21.73 -11.00 42.72
C ARG A 97 20.41 -10.70 42.05
N TYR A 98 19.70 -9.66 42.50
CA TYR A 98 18.47 -9.29 41.81
C TYR A 98 18.75 -8.86 40.39
N MET A 99 19.54 -7.79 40.22
CA MET A 99 19.76 -7.22 38.90
C MET A 99 20.34 -8.23 37.92
N PHE A 100 21.11 -9.20 38.39
CA PHE A 100 21.53 -10.28 37.53
C PHE A 100 20.38 -11.19 37.15
N CYS A 101 19.48 -11.49 38.08
CA CYS A 101 18.34 -12.33 37.79
C CYS A 101 17.31 -11.65 36.91
N SER A 102 17.25 -10.31 36.94
CA SER A 102 16.30 -9.62 36.08
C SER A 102 16.84 -9.46 34.66
N MET A 103 17.94 -10.15 34.36
CA MET A 103 18.37 -10.24 32.97
C MET A 103 17.84 -11.50 32.32
N ALA A 104 17.82 -12.60 33.07
CA ALA A 104 17.31 -13.86 32.55
C ALA A 104 15.85 -13.73 32.12
N GLN A 105 14.98 -13.27 33.02
CA GLN A 105 13.56 -13.29 32.75
C GLN A 105 13.15 -12.28 31.69
N ARG A 106 14.10 -11.52 31.16
CA ARG A 106 13.80 -10.75 29.96
C ARG A 106 14.42 -11.41 28.74
N ALA A 107 15.33 -12.34 28.95
CA ALA A 107 15.96 -13.03 27.82
C ALA A 107 15.18 -14.28 27.43
N LEU A 108 14.56 -14.93 28.41
CA LEU A 108 13.90 -16.20 28.18
C LEU A 108 12.65 -16.10 27.31
N TRP A 109 12.28 -14.88 27.00
CA TRP A 109 11.08 -14.59 26.24
C TRP A 109 11.27 -14.88 24.78
N ALA A 110 12.31 -15.64 24.47
CA ALA A 110 12.57 -15.98 23.12
C ALA A 110 12.80 -17.46 23.04
N PRO A 111 13.86 -17.93 23.70
CA PRO A 111 14.13 -19.37 23.56
C PRO A 111 13.03 -20.27 24.06
N VAL A 112 11.82 -19.77 24.21
CA VAL A 112 10.70 -20.66 24.48
C VAL A 112 9.72 -20.58 23.32
N VAL A 113 9.73 -19.47 22.60
CA VAL A 113 8.91 -19.37 21.41
C VAL A 113 9.53 -20.14 20.27
N TRP A 114 10.85 -20.34 20.31
CA TRP A 114 11.49 -21.08 19.23
C TRP A 114 11.68 -22.54 19.62
N VAL A 115 11.01 -22.98 20.66
CA VAL A 115 10.93 -24.42 20.89
C VAL A 115 9.49 -24.89 20.74
N ALA A 116 8.53 -24.01 21.01
CA ALA A 116 7.17 -24.31 20.60
C ALA A 116 7.07 -24.35 19.08
N VAL A 117 7.44 -23.27 18.41
CA VAL A 117 7.07 -23.11 17.01
C VAL A 117 7.95 -23.95 16.09
N THR A 118 8.82 -24.79 16.63
CA THR A 118 9.35 -25.89 15.85
C THR A 118 9.02 -27.24 16.45
N LEU A 119 7.99 -27.30 17.27
CA LEU A 119 7.32 -28.56 17.52
C LEU A 119 5.95 -28.63 16.88
N LEU A 120 5.21 -27.52 16.86
CA LEU A 120 3.83 -27.57 16.37
C LEU A 120 3.78 -27.87 14.88
N ASP A 121 4.86 -27.67 14.16
CA ASP A 121 4.84 -28.06 12.76
C ASP A 121 5.54 -29.38 12.52
N GLY A 122 6.09 -29.97 13.57
CA GLY A 122 6.44 -31.37 13.54
C GLY A 122 7.63 -31.74 12.68
N LYS A 123 8.03 -30.89 11.74
CA LYS A 123 9.14 -31.22 10.86
C LYS A 123 10.37 -31.58 11.66
N CYS A 124 10.66 -30.80 12.70
CA CYS A 124 11.81 -31.10 13.55
C CYS A 124 11.68 -32.45 14.20
N PHE A 125 10.46 -32.89 14.46
CA PHE A 125 10.29 -34.15 15.16
C PHE A 125 10.21 -35.32 14.19
N LEU A 126 9.75 -35.07 12.98
CA LEU A 126 9.53 -36.16 12.03
C LEU A 126 10.84 -36.84 11.67
N CYS A 127 11.86 -36.06 11.31
CA CYS A 127 13.14 -36.64 10.93
C CYS A 127 13.94 -37.13 12.11
N ALA A 128 13.34 -37.23 13.29
CA ALA A 128 14.12 -37.58 14.46
C ALA A 128 13.71 -38.92 15.05
N PHE A 129 12.54 -39.42 14.69
CA PHE A 129 12.10 -40.69 15.26
C PHE A 129 11.43 -41.55 14.21
N CYS A 130 11.62 -41.24 12.94
CA CYS A 130 11.04 -42.09 11.93
C CYS A 130 11.70 -43.46 11.88
N THR A 131 12.94 -43.58 12.34
CA THR A 131 13.63 -44.86 12.28
C THR A 131 12.95 -45.93 13.11
N ALA A 132 12.19 -45.54 14.14
CA ALA A 132 11.48 -46.50 14.96
C ALA A 132 10.00 -46.18 15.02
N VAL A 133 9.29 -46.64 14.00
CA VAL A 133 7.83 -46.63 13.96
C VAL A 133 7.37 -48.07 14.09
N PRO A 134 6.30 -48.35 14.80
CA PRO A 134 5.80 -49.73 14.82
C PRO A 134 5.13 -50.02 13.49
N VAL A 135 5.83 -50.75 12.63
CA VAL A 135 5.35 -50.96 11.27
C VAL A 135 4.17 -51.90 11.24
N SER A 136 4.09 -52.80 12.22
CA SER A 136 2.94 -53.68 12.31
C SER A 136 1.64 -52.92 12.61
N ALA A 137 1.72 -51.73 13.19
CA ALA A 137 0.55 -50.97 13.57
C ALA A 137 0.02 -50.23 12.35
N LEU A 138 -1.15 -50.63 11.87
CA LEU A 138 -1.75 -50.05 10.67
C LEU A 138 -0.82 -50.25 9.47
N GLY A 139 -0.59 -51.52 9.15
CA GLY A 139 0.40 -51.87 8.15
C GLY A 139 -0.13 -52.53 6.90
N ASN A 140 -1.44 -52.45 6.66
CA ASN A 140 -2.05 -52.93 5.42
C ASN A 140 -1.74 -54.42 5.19
N GLY A 141 -2.29 -55.25 6.07
CA GLY A 141 -2.01 -56.68 6.06
C GLY A 141 -0.54 -56.91 6.37
N SER A 142 -0.09 -56.55 7.57
CA SER A 142 1.34 -56.62 7.90
C SER A 142 1.80 -58.02 8.31
N LEU A 143 3.01 -58.11 8.83
CA LEU A 143 3.59 -59.37 9.22
C LEU A 143 5.09 -59.45 9.00
N ALA A 144 5.67 -58.37 8.45
CA ALA A 144 7.11 -58.26 8.20
C ALA A 144 7.57 -59.45 7.37
N PRO A 145 7.32 -59.45 6.07
CA PRO A 145 7.59 -60.65 5.26
C PRO A 145 9.08 -60.95 5.15
N GLY A 146 9.65 -61.48 6.23
CA GLY A 146 11.04 -61.87 6.25
C GLY A 146 12.02 -60.74 6.17
N LEU A 147 11.59 -59.51 6.46
CA LEU A 147 12.46 -58.36 6.30
C LEU A 147 13.55 -58.36 7.34
N PRO A 148 14.78 -58.01 6.99
CA PRO A 148 15.86 -58.01 7.98
C PRO A 148 15.92 -56.71 8.75
N ALA A 149 16.86 -56.58 9.68
CA ALA A 149 17.05 -55.29 10.35
C ALA A 149 17.75 -54.28 9.44
N PRO A 150 18.95 -54.53 8.96
CA PRO A 150 19.52 -53.63 7.95
C PRO A 150 18.75 -53.78 6.65
N GLU A 151 18.87 -52.77 5.80
CA GLU A 151 18.09 -52.69 4.57
C GLU A 151 16.60 -52.56 4.85
N LEU A 152 16.25 -52.20 6.07
CA LEU A 152 14.94 -51.74 6.47
C LEU A 152 15.01 -50.40 7.14
N ALA A 153 16.04 -50.17 7.96
CA ALA A 153 16.35 -48.82 8.41
C ALA A 153 16.53 -47.90 7.22
N ARG A 154 17.19 -48.37 6.17
CA ARG A 154 17.28 -47.59 4.95
C ARG A 154 15.96 -47.60 4.20
N LEU A 155 15.02 -48.42 4.63
CA LEU A 155 13.68 -48.38 4.04
C LEU A 155 12.78 -47.41 4.79
N LEU A 156 12.73 -47.52 6.11
CA LEU A 156 11.96 -46.57 6.88
C LEU A 156 12.50 -45.16 6.75
N ALA A 157 13.81 -45.00 6.84
CA ALA A 157 14.38 -43.69 7.12
C ALA A 157 14.10 -42.68 6.02
N ARG A 158 13.69 -43.11 4.85
CA ARG A 158 13.46 -42.13 3.80
C ARG A 158 12.16 -41.37 3.98
N VAL A 159 11.33 -41.76 4.96
CA VAL A 159 9.93 -41.37 4.97
C VAL A 159 9.68 -39.87 4.76
N PRO A 160 10.44 -38.97 5.35
CA PRO A 160 10.18 -37.56 5.09
C PRO A 160 10.54 -37.13 3.70
N CYS A 161 11.59 -37.69 3.11
CA CYS A 161 11.97 -37.26 1.78
C CYS A 161 10.96 -37.81 0.77
N PRO A 162 10.02 -36.99 0.30
CA PRO A 162 8.85 -37.54 -0.41
C PRO A 162 9.16 -38.26 -1.72
N GLU A 163 9.77 -37.57 -2.67
CA GLU A 163 9.88 -38.14 -4.00
C GLU A 163 10.85 -39.30 -4.06
N ILE A 164 11.69 -39.45 -3.03
CA ILE A 164 12.64 -40.55 -3.02
C ILE A 164 12.17 -41.70 -2.13
N TYR A 165 10.88 -41.76 -1.81
CA TYR A 165 10.41 -42.86 -0.99
C TYR A 165 10.46 -44.17 -1.75
N ASP A 166 10.86 -45.24 -1.07
CA ASP A 166 10.98 -46.54 -1.72
C ASP A 166 9.63 -47.06 -2.22
N GLY A 167 8.72 -47.37 -1.29
CA GLY A 167 7.47 -47.97 -1.73
C GLY A 167 6.56 -48.54 -0.67
N ASP A 168 5.57 -49.31 -1.11
CA ASP A 168 4.45 -49.72 -0.29
C ASP A 168 4.77 -50.86 0.66
N TRP A 169 6.01 -51.32 0.72
CA TRP A 169 6.32 -52.48 1.53
C TRP A 169 6.10 -52.16 3.00
N LEU A 170 5.03 -52.71 3.54
CA LEU A 170 4.74 -52.58 4.96
C LEU A 170 4.49 -51.14 5.34
N LEU A 171 4.12 -50.30 4.37
CA LEU A 171 3.81 -48.93 4.71
C LEU A 171 3.28 -48.21 3.49
N ALA A 172 2.37 -47.28 3.72
CA ALA A 172 2.10 -46.20 2.77
C ALA A 172 2.84 -44.99 3.29
N ARG A 173 2.83 -43.91 2.53
CA ARG A 173 3.45 -42.71 3.04
C ARG A 173 2.50 -41.96 3.96
N GLU A 174 1.24 -41.81 3.56
CA GLU A 174 0.36 -40.93 4.31
C GLU A 174 -0.21 -41.57 5.55
N VAL A 175 0.39 -42.63 6.05
CA VAL A 175 0.01 -43.16 7.35
C VAL A 175 1.21 -43.25 8.29
N ALA A 176 2.43 -43.18 7.76
CA ALA A 176 3.60 -43.06 8.62
C ALA A 176 3.85 -41.61 8.98
N VAL A 177 3.69 -40.71 8.03
CA VAL A 177 3.48 -39.31 8.35
C VAL A 177 2.01 -39.24 8.71
N ARG A 178 1.57 -38.13 9.29
CA ARG A 178 0.19 -37.98 9.76
C ARG A 178 -0.12 -38.98 10.86
N TYR A 179 0.90 -39.55 11.47
CA TYR A 179 0.80 -40.16 12.77
C TYR A 179 1.99 -39.80 13.63
N LEU A 180 3.04 -39.27 13.02
CA LEU A 180 4.11 -38.61 13.77
C LEU A 180 3.92 -37.12 13.83
N ARG A 181 2.99 -36.56 13.06
CA ARG A 181 2.65 -35.17 13.29
C ARG A 181 1.49 -35.05 14.26
N CYS A 182 0.89 -36.16 14.66
CA CYS A 182 -0.03 -36.12 15.78
C CYS A 182 0.72 -36.09 17.10
N ILE A 183 1.55 -37.11 17.36
CA ILE A 183 2.29 -37.20 18.61
C ILE A 183 3.08 -35.92 18.87
N SER A 184 3.65 -35.34 17.81
CA SER A 184 4.39 -34.10 17.98
C SER A 184 3.51 -33.00 18.51
N GLN A 185 2.38 -32.74 17.85
CA GLN A 185 1.54 -31.63 18.29
C GLN A 185 0.94 -31.86 19.67
N ALA A 186 1.10 -33.06 20.22
CA ALA A 186 0.70 -33.26 21.61
C ALA A 186 1.73 -32.69 22.56
N LEU A 187 3.01 -32.88 22.26
CA LEU A 187 4.02 -32.27 23.11
C LEU A 187 3.93 -30.75 23.03
N GLY A 188 3.67 -30.23 21.83
CA GLY A 188 3.69 -28.79 21.64
C GLY A 188 2.69 -28.06 22.52
N TRP A 189 1.55 -28.69 22.79
CA TRP A 189 0.62 -28.08 23.72
C TRP A 189 0.97 -28.45 25.15
N SER A 190 1.24 -29.73 25.42
CA SER A 190 1.58 -30.13 26.77
C SER A 190 2.94 -29.61 27.20
N PHE A 191 3.66 -28.95 26.30
CA PHE A 191 4.84 -28.20 26.72
C PHE A 191 4.48 -26.76 27.02
N VAL A 192 3.87 -26.05 26.04
CA VAL A 192 3.59 -24.63 26.22
C VAL A 192 2.64 -24.41 27.39
N LEU A 193 1.80 -25.40 27.68
CA LEU A 193 1.00 -25.33 28.90
C LEU A 193 1.88 -25.25 30.14
N LEU A 194 2.77 -26.23 30.31
CA LEU A 194 3.61 -26.29 31.51
C LEU A 194 4.44 -25.04 31.69
N THR A 195 4.98 -24.48 30.61
CA THR A 195 5.78 -23.28 30.73
C THR A 195 4.96 -22.10 31.23
N THR A 196 3.83 -21.83 30.57
CA THR A 196 3.05 -20.66 30.97
C THR A 196 2.52 -20.81 32.38
N LEU A 197 2.14 -22.01 32.77
CA LEU A 197 1.77 -22.24 34.16
C LEU A 197 2.93 -21.95 35.09
N LEU A 198 4.16 -22.22 34.64
CA LEU A 198 5.32 -21.90 35.46
C LEU A 198 5.65 -20.42 35.37
N ALA A 199 5.08 -19.71 34.39
CA ALA A 199 5.17 -18.26 34.42
C ALA A 199 4.26 -17.70 35.49
N PHE A 200 3.27 -18.47 35.92
CA PHE A 200 2.37 -18.01 36.96
C PHE A 200 3.07 -17.90 38.29
N VAL A 201 3.54 -19.06 38.67
CA VAL A 201 4.16 -19.21 39.90
C VAL A 201 5.22 -18.23 40.06
N VAL A 202 6.04 -17.92 39.07
CA VAL A 202 7.15 -17.04 39.37
C VAL A 202 6.79 -15.68 39.86
N ARG A 203 5.88 -15.04 39.13
CA ARG A 203 5.48 -13.72 39.51
C ARG A 203 4.74 -13.81 40.79
N SER A 204 3.83 -14.76 40.80
CA SER A 204 2.98 -14.89 41.94
C SER A 204 3.63 -15.21 43.23
N VAL A 205 4.80 -15.82 43.26
CA VAL A 205 5.36 -15.90 44.54
C VAL A 205 6.38 -14.93 44.85
N ARG A 206 7.45 -14.78 44.07
CA ARG A 206 8.55 -14.24 44.97
C ARG A 206 9.97 -13.92 44.52
N PRO A 207 10.93 -14.98 44.63
CA PRO A 207 12.35 -14.98 44.24
C PRO A 207 12.96 -13.59 44.04
N CYS A 208 13.36 -12.98 45.15
CA CYS A 208 14.14 -11.73 45.16
C CYS A 208 13.31 -10.53 44.72
N PHE A 209 12.11 -10.42 45.28
CA PHE A 209 11.23 -9.27 45.07
C PHE A 209 11.27 -8.31 46.24
N THR A 210 12.28 -8.41 47.11
CA THR A 210 12.32 -7.65 48.35
C THR A 210 12.22 -6.15 48.10
N GLN A 211 11.35 -5.50 48.88
CA GLN A 211 11.09 -4.08 48.70
C GLN A 211 12.38 -3.27 48.92
N ALA A 212 13.27 -3.78 49.74
CA ALA A 212 14.53 -3.07 49.97
C ALA A 212 15.33 -2.92 48.69
N ALA A 213 15.72 -4.03 48.09
CA ALA A 213 16.75 -3.98 47.07
C ALA A 213 16.16 -3.50 45.74
N PHE A 214 14.87 -3.77 45.51
CA PHE A 214 14.23 -3.22 44.33
C PHE A 214 14.37 -1.72 44.28
N LEU A 215 14.25 -1.08 45.44
CA LEU A 215 14.37 0.37 45.50
C LEU A 215 15.76 0.82 45.10
N LYS A 216 16.78 0.27 45.76
CA LYS A 216 18.15 0.69 45.49
C LYS A 216 18.50 0.52 44.02
N SER A 217 18.01 -0.56 43.41
CA SER A 217 18.32 -0.82 42.01
C SER A 217 17.78 0.28 41.12
N LYS A 218 16.45 0.43 41.06
CA LYS A 218 15.85 1.36 40.11
C LYS A 218 16.32 2.78 40.35
N TYR A 219 16.65 3.12 41.59
CA TYR A 219 17.33 4.38 41.84
C TYR A 219 18.64 4.43 41.10
N TRP A 220 19.45 3.37 41.24
CA TRP A 220 20.79 3.37 40.67
C TRP A 220 20.75 3.48 39.16
N SER A 221 20.01 2.58 38.50
CA SER A 221 19.93 2.61 37.05
C SER A 221 19.34 3.92 36.55
N HIS A 222 18.48 4.54 37.36
CA HIS A 222 18.02 5.86 37.00
C HIS A 222 19.15 6.87 37.08
N TYR A 223 20.12 6.62 37.95
CA TYR A 223 21.18 7.60 38.17
C TYR A 223 22.17 7.62 37.04
N ILE A 224 22.44 6.46 36.44
CA ILE A 224 23.39 6.40 35.34
C ILE A 224 22.91 7.23 34.16
N ASP A 225 21.59 7.31 33.99
CA ASP A 225 21.04 8.08 32.88
C ASP A 225 21.43 9.55 33.00
N ILE A 226 21.13 10.17 34.14
CA ILE A 226 21.40 11.60 34.29
C ILE A 226 22.88 11.89 34.20
N GLU A 227 23.72 10.94 34.62
CA GLU A 227 25.16 11.16 34.55
C GLU A 227 25.63 11.31 33.12
N ARG A 228 25.26 10.36 32.25
CA ARG A 228 25.69 10.43 30.87
C ARG A 228 25.10 11.65 30.17
N LYS A 229 23.79 11.87 30.34
CA LYS A 229 23.13 12.99 29.67
C LYS A 229 23.72 14.32 30.09
N LEU A 230 24.13 14.43 31.35
CA LEU A 230 24.60 15.71 31.84
C LEU A 230 26.06 15.98 31.49
N PHE A 231 26.87 14.95 31.29
CA PHE A 231 28.28 15.18 31.00
C PHE A 231 28.45 15.93 29.69
N ASP A 232 27.60 15.62 28.70
CA ASP A 232 27.68 16.28 27.41
C ASP A 232 27.48 17.79 27.53
N GLU A 233 26.69 18.23 28.49
CA GLU A 233 26.45 19.65 28.66
C GLU A 233 27.74 20.40 28.95
N THR A 234 28.51 19.93 29.94
CA THR A 234 29.75 20.62 30.30
C THR A 234 30.73 20.64 29.14
N CYS A 235 30.78 19.55 28.37
CA CYS A 235 31.71 19.50 27.24
C CYS A 235 31.38 20.56 26.21
N THR A 236 30.17 20.50 25.65
CA THR A 236 29.77 21.48 24.64
C THR A 236 29.85 22.88 25.20
N GLU A 237 29.52 23.05 26.48
CA GLU A 237 29.72 24.34 27.12
C GLU A 237 31.20 24.69 27.17
N HIS A 238 32.01 23.85 27.83
CA HIS A 238 33.42 24.16 28.00
C HIS A 238 34.15 24.27 26.67
N ALA A 239 33.67 23.57 25.65
CA ALA A 239 34.31 23.65 24.35
C ALA A 239 34.00 24.97 23.65
N LYS A 240 32.76 25.45 23.78
CA LYS A 240 32.32 26.64 23.07
C LYS A 240 33.21 27.84 23.38
N ALA A 241 33.61 27.98 24.65
CA ALA A 241 34.54 29.04 25.01
C ALA A 241 35.90 28.84 24.37
N PHE A 242 36.24 27.62 23.97
CA PHE A 242 37.56 27.35 23.45
C PHE A 242 37.68 27.53 21.94
N ALA A 243 36.60 27.31 21.20
CA ALA A 243 36.70 27.42 19.74
C ALA A 243 36.93 28.85 19.30
N LYS A 244 36.40 29.82 20.04
CA LYS A 244 36.43 31.21 19.60
C LYS A 244 37.87 31.72 19.43
N VAL A 245 38.81 31.18 20.21
CA VAL A 245 40.18 31.64 20.08
C VAL A 245 40.78 31.22 18.76
N CYS A 246 40.45 30.05 18.25
CA CYS A 246 41.11 29.55 17.06
C CYS A 246 40.39 29.95 15.78
N ILE A 247 39.05 29.77 15.74
CA ILE A 247 38.29 30.06 14.54
C ILE A 247 38.49 31.48 14.07
N GLN A 248 38.63 32.41 15.00
CA GLN A 248 38.93 33.79 14.62
C GLN A 248 40.26 33.89 13.91
N GLN A 249 41.20 32.98 14.21
CA GLN A 249 42.52 33.06 13.58
C GLN A 249 42.44 32.74 12.10
N PHE A 250 41.54 31.83 11.72
CA PHE A 250 41.34 31.55 10.30
C PHE A 250 40.90 32.81 9.57
N PHE A 251 39.89 33.49 10.09
CA PHE A 251 39.61 34.84 9.63
C PHE A 251 40.81 35.72 9.95
N GLU A 252 40.97 36.78 9.15
CA GLU A 252 42.01 37.76 9.38
C GLU A 252 43.41 37.17 9.24
N ALA A 253 43.51 35.96 8.70
CA ALA A 253 44.76 35.24 8.69
C ALA A 253 45.06 34.64 7.34
N MET A 254 44.09 34.68 6.43
CA MET A 254 44.34 34.24 5.06
C MET A 254 44.84 35.40 4.20
N ASN A 255 44.07 36.47 4.11
CA ASN A 255 44.48 37.69 3.45
C ASN A 255 44.02 38.94 4.19
N HIS A 256 43.24 38.81 5.25
CA HIS A 256 42.62 39.94 5.94
C HIS A 256 41.65 40.70 5.05
N ASP A 257 41.26 40.08 3.94
CA ASP A 257 40.36 40.70 2.97
C ASP A 257 40.16 39.71 1.83
N LEU A 258 39.36 40.12 0.86
CA LEU A 258 39.15 39.37 -0.35
C LEU A 258 39.64 40.19 -1.54
N GLU A 259 40.26 39.50 -2.50
CA GLU A 259 40.68 40.15 -3.74
C GLU A 259 39.49 40.49 -4.63
N LEU A 260 38.33 39.90 -4.37
CA LEU A 260 37.13 40.14 -5.16
C LEU A 260 36.48 41.48 -4.88
N GLY A 261 37.11 42.33 -4.08
CA GLY A 261 36.59 43.67 -3.85
C GLY A 261 36.53 44.44 -5.16
N HIS A 262 35.32 44.86 -5.53
CA HIS A 262 35.13 45.61 -6.77
C HIS A 262 35.25 47.10 -6.53
N MET B 1 12.78 -16.90 -3.47
CA MET B 1 14.12 -16.46 -3.08
C MET B 1 14.04 -15.13 -2.35
N MET B 2 12.88 -14.49 -2.44
CA MET B 2 12.68 -13.20 -1.79
C MET B 2 12.72 -13.31 -0.27
N ASP B 3 12.55 -14.52 0.28
CA ASP B 3 12.41 -14.67 1.72
C ASP B 3 13.62 -14.16 2.49
N LYS B 4 14.83 -14.44 2.00
CA LYS B 4 16.02 -14.10 2.77
C LYS B 4 16.19 -12.59 2.91
N PHE B 5 15.62 -11.83 1.98
CA PHE B 5 15.78 -10.39 1.96
C PHE B 5 14.47 -9.64 2.18
N ARG B 6 13.34 -10.21 1.77
CA ARG B 6 12.05 -9.54 2.01
C ARG B 6 11.76 -9.43 3.50
N MET B 7 12.38 -10.29 4.31
CA MET B 7 12.25 -10.21 5.76
C MET B 7 12.76 -8.90 6.33
N ILE B 8 14.02 -8.55 6.08
CA ILE B 8 14.53 -7.27 6.51
C ILE B 8 13.82 -6.12 5.82
N PHE B 9 13.23 -6.39 4.64
CA PHE B 9 12.47 -5.38 3.92
C PHE B 9 11.33 -4.79 4.74
N GLN B 10 10.43 -5.62 5.26
CA GLN B 10 9.40 -5.11 6.16
C GLN B 10 10.00 -4.80 7.53
N PHE B 11 11.05 -5.52 7.93
CA PHE B 11 11.76 -5.16 9.15
C PHE B 11 12.36 -3.76 9.04
N LEU B 12 12.96 -3.46 7.89
CA LEU B 12 13.28 -2.07 7.59
C LEU B 12 12.03 -1.21 7.58
N GLN B 13 10.97 -1.69 6.94
CA GLN B 13 9.69 -1.03 6.98
C GLN B 13 9.10 -0.98 8.37
N SER B 14 9.57 -1.84 9.29
CA SER B 14 8.99 -1.92 10.62
C SER B 14 9.09 -0.62 11.39
N ASN B 15 10.29 -0.18 11.73
CA ASN B 15 10.45 1.00 12.58
C ASN B 15 11.77 1.68 12.23
N GLN B 16 12.11 2.68 13.03
CA GLN B 16 13.33 3.45 12.86
C GLN B 16 14.08 3.57 14.18
N GLU B 17 14.25 2.43 14.85
CA GLU B 17 14.91 2.40 16.15
C GLU B 17 16.21 1.63 16.02
N SER B 18 17.33 2.33 16.16
CA SER B 18 18.64 1.70 16.04
C SER B 18 19.76 2.63 16.50
N PHE B 19 21.00 2.24 16.23
CA PHE B 19 22.18 3.03 16.58
C PHE B 19 23.16 2.97 15.42
N MET B 20 24.43 3.31 15.69
CA MET B 20 25.51 3.18 14.71
C MET B 20 25.50 1.81 14.06
N ASN B 21 25.30 0.76 14.87
CA ASN B 21 25.05 -0.56 14.30
C ASN B 21 23.80 -0.56 13.43
N GLY B 22 22.74 0.14 13.86
CA GLY B 22 21.60 0.35 12.98
C GLY B 22 21.97 1.22 11.80
N ILE B 23 22.90 2.15 11.98
CA ILE B 23 23.48 2.85 10.85
C ILE B 23 24.24 1.87 9.97
N CYS B 24 24.97 0.95 10.59
CA CYS B 24 25.48 -0.21 9.85
C CYS B 24 24.34 -1.05 9.31
N GLY B 25 23.19 -1.03 9.99
CA GLY B 25 22.01 -1.66 9.45
C GLY B 25 21.58 -1.07 8.12
N ILE B 26 21.95 0.18 7.88
CA ILE B 26 21.70 0.79 6.57
C ILE B 26 22.43 -0.01 5.49
N MET B 27 23.66 -0.42 5.77
CA MET B 27 24.43 -1.16 4.77
C MET B 27 24.18 -2.66 4.85
N ALA B 28 24.48 -3.28 6.00
CA ALA B 28 24.57 -4.73 6.05
C ALA B 28 23.21 -5.39 5.87
N LEU B 29 22.13 -4.71 6.24
CA LEU B 29 20.81 -5.22 5.91
C LEU B 29 20.70 -5.43 4.41
N ALA B 30 21.25 -4.49 3.62
CA ALA B 30 21.43 -4.76 2.20
C ALA B 30 22.32 -5.96 1.98
N SER B 31 23.36 -6.12 2.81
CA SER B 31 24.22 -7.30 2.68
C SER B 31 23.45 -8.57 3.01
N ALA B 32 22.45 -8.46 3.89
CA ALA B 32 21.54 -9.59 4.07
C ALA B 32 20.66 -9.79 2.84
N GLN B 33 20.52 -8.75 2.02
CA GLN B 33 19.59 -8.79 0.90
C GLN B 33 20.32 -8.87 -0.43
N MET B 34 21.48 -8.20 -0.52
CA MET B 34 22.27 -8.17 -1.75
C MET B 34 22.59 -9.57 -2.24
N TYR B 35 22.68 -10.54 -1.32
CA TYR B 35 22.81 -11.93 -1.74
C TYR B 35 21.63 -12.36 -2.60
N SER B 36 20.44 -11.83 -2.31
CA SER B 36 19.23 -12.36 -2.92
C SER B 36 19.20 -12.17 -4.43
N ALA B 37 19.50 -10.96 -4.91
CA ALA B 37 19.43 -10.67 -6.34
C ALA B 37 20.69 -11.05 -7.10
N PHE B 38 21.84 -11.11 -6.41
CA PHE B 38 23.07 -11.59 -7.01
C PHE B 38 23.07 -13.11 -7.12
N ASP B 39 22.99 -13.61 -8.34
CA ASP B 39 22.75 -15.02 -8.58
C ASP B 39 24.01 -15.80 -8.20
N PHE B 40 23.93 -17.13 -8.28
CA PHE B 40 25.05 -18.02 -8.04
C PHE B 40 24.89 -19.22 -8.97
N ASN B 41 25.98 -19.60 -9.64
CA ASN B 41 25.96 -20.72 -10.57
C ASN B 41 27.40 -21.14 -10.83
N CYS B 42 27.73 -22.38 -10.55
CA CYS B 42 29.11 -22.79 -10.61
C CYS B 42 29.41 -23.47 -11.95
N PRO B 43 30.67 -23.43 -12.38
CA PRO B 43 31.04 -23.90 -13.70
C PRO B 43 30.68 -25.34 -14.00
N CYS B 44 30.56 -26.16 -12.96
CA CYS B 44 30.45 -27.61 -13.11
C CYS B 44 31.41 -28.13 -14.17
N LEU B 45 32.69 -27.95 -13.89
CA LEU B 45 33.91 -28.38 -14.55
C LEU B 45 34.83 -29.05 -13.54
N PRO B 46 35.93 -29.67 -13.96
CA PRO B 46 36.63 -30.60 -13.07
C PRO B 46 37.42 -29.95 -11.94
N GLY B 47 38.04 -28.81 -12.16
CA GLY B 47 38.90 -28.26 -11.13
C GLY B 47 38.64 -26.82 -10.77
N TYR B 48 37.86 -26.13 -11.60
CA TYR B 48 37.56 -24.73 -11.37
C TYR B 48 36.72 -24.50 -10.13
N ASN B 49 35.89 -25.46 -9.74
CA ASN B 49 34.94 -25.25 -8.65
C ASN B 49 35.67 -24.79 -7.39
N ALA B 50 36.58 -25.61 -6.89
CA ALA B 50 37.25 -25.30 -5.63
C ALA B 50 38.02 -23.99 -5.72
N ALA B 51 38.37 -23.56 -6.92
CA ALA B 51 38.81 -22.19 -7.09
C ALA B 51 37.64 -21.23 -6.97
N TYR B 52 36.56 -21.48 -7.71
CA TYR B 52 35.54 -20.46 -7.85
C TYR B 52 34.79 -20.24 -6.55
N SER B 53 34.52 -21.31 -5.81
CA SER B 53 33.70 -21.12 -4.62
C SER B 53 34.43 -20.28 -3.58
N ALA B 54 35.75 -20.45 -3.48
CA ALA B 54 36.51 -19.63 -2.55
C ALA B 54 36.46 -18.16 -2.92
N GLY B 55 36.04 -17.86 -4.16
CA GLY B 55 35.84 -16.48 -4.52
C GLY B 55 34.68 -15.85 -3.79
N ILE B 56 33.67 -16.65 -3.42
CA ILE B 56 32.48 -16.06 -2.83
C ILE B 56 32.43 -16.29 -1.33
N LEU B 57 33.57 -16.52 -0.70
CA LEU B 57 33.65 -16.41 0.75
C LEU B 57 34.76 -15.51 1.22
N LEU B 58 35.51 -14.88 0.33
CA LEU B 58 36.61 -14.02 0.74
C LEU B 58 36.58 -12.65 0.10
N ALA B 59 36.21 -12.54 -1.16
CA ALA B 59 36.26 -11.20 -1.72
C ALA B 59 35.06 -10.39 -1.27
N PRO B 60 33.83 -10.81 -1.54
CA PRO B 60 32.67 -10.00 -1.15
C PRO B 60 32.58 -9.76 0.34
N PRO B 61 33.12 -10.62 1.19
CA PRO B 61 33.28 -10.19 2.58
C PRO B 61 34.24 -9.04 2.71
N LEU B 62 35.45 -9.19 2.20
CA LEU B 62 36.48 -8.18 2.39
C LEU B 62 36.06 -6.83 1.84
N VAL B 63 35.28 -6.82 0.77
CA VAL B 63 34.74 -5.57 0.26
C VAL B 63 33.86 -4.91 1.30
N LEU B 64 32.93 -5.66 1.89
CA LEU B 64 32.02 -5.05 2.85
C LEU B 64 32.76 -4.56 4.09
N PHE B 65 33.93 -5.11 4.35
CA PHE B 65 34.73 -4.60 5.46
C PHE B 65 35.27 -3.22 5.15
N LEU B 66 36.10 -3.10 4.11
CA LEU B 66 36.71 -1.84 3.75
C LEU B 66 35.69 -0.77 3.44
N LEU B 67 34.48 -1.15 3.02
CA LEU B 67 33.44 -0.14 2.81
C LEU B 67 32.87 0.32 4.15
N GLY B 68 33.30 -0.29 5.25
CA GLY B 68 32.89 0.19 6.55
C GLY B 68 33.81 1.25 7.10
N LEU B 69 35.11 1.09 6.92
CA LEU B 69 36.04 2.11 7.37
C LEU B 69 35.82 3.42 6.65
N VAL B 70 35.86 3.40 5.31
CA VAL B 70 35.75 4.63 4.54
C VAL B 70 34.38 5.27 4.76
N MET B 71 33.38 4.49 5.14
CA MET B 71 32.03 5.04 5.22
C MET B 71 31.88 5.99 6.39
N ASN B 72 32.60 5.77 7.48
CA ASN B 72 32.43 6.64 8.64
C ASN B 72 33.46 7.76 8.63
N ASN B 73 33.09 8.85 9.30
CA ASN B 73 33.78 10.13 9.18
C ASN B 73 34.87 10.33 10.24
N ASN B 74 35.78 9.38 10.37
CA ASN B 74 36.83 9.49 11.37
C ASN B 74 38.22 9.17 10.86
N VAL B 75 38.36 8.39 9.79
CA VAL B 75 39.65 7.80 9.46
C VAL B 75 40.69 8.86 9.13
N SER B 76 40.26 10.00 8.60
CA SER B 76 41.20 11.08 8.31
C SER B 76 41.93 11.51 9.57
N MET B 77 41.18 11.76 10.65
CA MET B 77 41.78 12.23 11.89
C MET B 77 42.80 11.24 12.42
N LEU B 78 42.53 9.94 12.25
CA LEU B 78 43.55 8.94 12.60
C LEU B 78 44.61 8.88 11.51
N ALA B 79 44.21 8.92 10.25
CA ALA B 79 45.19 8.86 9.17
C ALA B 79 46.09 10.08 9.18
N GLU B 80 45.52 11.26 9.43
CA GLU B 80 46.32 12.48 9.44
C GLU B 80 47.37 12.44 10.53
N GLU B 81 46.97 12.11 11.76
CA GLU B 81 47.89 12.20 12.89
C GLU B 81 48.81 10.98 12.99
N TRP B 82 48.60 9.96 12.18
CA TRP B 82 49.54 8.83 12.19
C TRP B 82 50.75 9.12 11.32
N LYS B 83 50.52 9.60 10.10
CA LYS B 83 51.62 9.95 9.20
C LYS B 83 52.57 10.96 9.80
N ARG B 84 52.08 11.88 10.63
CA ARG B 84 52.95 12.85 11.27
C ARG B 84 53.93 12.15 12.21
N PRO B 85 54.99 12.84 12.64
CA PRO B 85 55.96 12.24 13.55
C PRO B 85 55.41 12.17 14.96
N PRO B 86 55.88 11.22 15.76
CA PRO B 86 55.54 11.24 17.19
C PRO B 86 56.00 12.51 17.86
N GLY B 87 55.40 12.83 19.00
CA GLY B 87 55.69 14.06 19.69
C GLY B 87 54.80 15.19 19.23
N ARG B 88 54.82 15.48 17.93
CA ARG B 88 53.89 16.44 17.37
C ARG B 88 52.44 16.00 17.47
N ARG B 89 52.19 14.71 17.66
CA ARG B 89 50.84 14.18 17.80
C ARG B 89 50.15 14.86 18.98
N ALA B 90 49.06 15.57 18.68
CA ALA B 90 48.30 16.24 19.73
C ALA B 90 47.45 15.27 20.55
N LYS B 91 47.62 13.96 20.36
CA LYS B 91 46.84 12.95 21.04
C LYS B 91 47.73 11.81 21.52
N ASP B 92 47.40 11.27 22.68
CA ASP B 92 48.14 10.17 23.25
C ASP B 92 47.94 8.92 22.40
N PRO B 93 48.90 8.00 22.42
CA PRO B 93 48.67 6.66 21.85
C PRO B 93 47.41 6.01 22.37
N ALA B 94 47.07 6.22 23.63
CA ALA B 94 45.88 5.60 24.21
C ALA B 94 44.63 6.00 23.44
N VAL B 95 44.39 7.30 23.30
CA VAL B 95 43.22 7.76 22.55
C VAL B 95 43.31 7.32 21.10
N LEU B 96 44.52 7.22 20.57
CA LEU B 96 44.67 6.63 19.25
C LEU B 96 44.27 5.17 19.26
N ARG B 97 44.92 4.37 20.12
CA ARG B 97 44.70 2.93 20.11
C ARG B 97 43.24 2.59 20.35
N TYR B 98 42.60 3.26 21.30
CA TYR B 98 41.17 3.03 21.51
C TYR B 98 40.38 3.42 20.27
N MET B 99 40.44 4.71 19.91
CA MET B 99 39.62 5.21 18.81
C MET B 99 39.85 4.46 17.51
N PHE B 100 41.05 3.96 17.28
CA PHE B 100 41.27 3.08 16.15
C PHE B 100 40.57 1.74 16.31
N CYS B 101 40.59 1.16 17.50
CA CYS B 101 39.91 -0.10 17.74
C CYS B 101 38.40 0.02 17.73
N SER B 102 37.86 1.20 18.04
CA SER B 102 36.41 1.36 18.00
C SER B 102 35.93 1.62 16.59
N MET B 103 36.80 1.43 15.59
CA MET B 103 36.34 1.43 14.22
C MET B 103 36.07 0.01 13.74
N ALA B 104 36.91 -0.93 14.16
CA ALA B 104 36.72 -2.33 13.78
C ALA B 104 35.38 -2.86 14.27
N GLN B 105 35.10 -2.73 15.56
CA GLN B 105 33.93 -3.38 16.15
C GLN B 105 32.63 -2.72 15.69
N ARG B 106 32.71 -1.68 14.87
CA ARG B 106 31.51 -1.20 14.21
C ARG B 106 31.49 -1.63 12.76
N ALA B 107 32.63 -2.08 12.24
CA ALA B 107 32.69 -2.53 10.85
C ALA B 107 32.39 -4.01 10.74
N LEU B 108 32.75 -4.78 11.77
CA LEU B 108 32.65 -6.23 11.70
C LEU B 108 31.20 -6.73 11.71
N TRP B 109 30.29 -5.80 11.89
CA TRP B 109 28.87 -6.11 12.00
C TRP B 109 28.28 -6.41 10.65
N ALA B 110 29.13 -6.69 9.69
CA ALA B 110 28.67 -6.99 8.37
C ALA B 110 29.36 -8.24 7.91
N PRO B 111 30.69 -8.16 7.77
CA PRO B 111 31.35 -9.36 7.24
C PRO B 111 31.19 -10.60 8.08
N VAL B 112 30.21 -10.65 8.98
CA VAL B 112 29.92 -11.89 9.65
C VAL B 112 28.51 -12.33 9.28
N VAL B 113 27.67 -11.38 8.89
CA VAL B 113 26.35 -11.73 8.40
C VAL B 113 26.44 -12.26 6.99
N TRP B 114 27.48 -11.88 6.25
CA TRP B 114 27.60 -12.36 4.88
C TRP B 114 28.52 -13.56 4.82
N VAL B 115 28.81 -14.17 5.95
CA VAL B 115 29.44 -15.49 5.91
C VAL B 115 28.51 -16.53 6.51
N ALA B 116 27.63 -16.10 7.41
CA ALA B 116 26.54 -16.98 7.78
C ALA B 116 25.60 -17.19 6.61
N VAL B 117 25.06 -16.11 6.05
CA VAL B 117 23.92 -16.23 5.15
C VAL B 117 24.33 -16.70 3.76
N THR B 118 25.60 -17.05 3.57
CA THR B 118 25.95 -17.88 2.42
C THR B 118 26.57 -19.19 2.84
N LEU B 119 26.34 -19.62 4.06
CA LEU B 119 26.49 -21.02 4.41
C LEU B 119 25.16 -21.70 4.64
N LEU B 120 24.19 -21.01 5.24
CA LEU B 120 22.94 -21.67 5.60
C LEU B 120 22.15 -22.09 4.38
N ASP B 121 22.44 -21.51 3.22
CA ASP B 121 21.75 -21.98 2.03
C ASP B 121 22.62 -22.90 1.20
N GLY B 122 23.85 -23.13 1.64
CA GLY B 122 24.63 -24.25 1.14
C GLY B 122 25.13 -24.15 -0.28
N LYS B 123 24.53 -23.28 -1.10
CA LYS B 123 24.95 -23.18 -2.50
C LYS B 123 26.44 -22.92 -2.60
N CYS B 124 26.96 -22.03 -1.77
CA CYS B 124 28.38 -21.73 -1.78
C CYS B 124 29.19 -22.97 -1.42
N PHE B 125 28.63 -23.85 -0.62
CA PHE B 125 29.41 -25.02 -0.19
C PHE B 125 29.24 -26.18 -1.15
N LEU B 126 28.10 -26.24 -1.84
CA LEU B 126 27.82 -27.39 -2.69
C LEU B 126 28.81 -27.49 -3.84
N CYS B 127 29.04 -26.39 -4.54
CA CYS B 127 29.95 -26.40 -5.67
C CYS B 127 31.40 -26.41 -5.25
N ALA B 128 31.69 -26.66 -3.97
CA ALA B 128 33.07 -26.56 -3.52
C ALA B 128 33.63 -27.90 -3.07
N PHE B 129 32.78 -28.86 -2.79
CA PHE B 129 33.27 -30.16 -2.34
C PHE B 129 32.52 -31.30 -2.98
N CYS B 130 31.80 -31.03 -4.06
CA CYS B 130 31.13 -32.14 -4.70
C CYS B 130 32.10 -33.09 -5.37
N THR B 131 33.30 -32.64 -5.71
CA THR B 131 34.26 -33.52 -6.38
C THR B 131 34.66 -34.70 -5.52
N ALA B 132 34.56 -34.58 -4.21
CA ALA B 132 34.90 -35.69 -3.32
C ALA B 132 33.74 -36.01 -2.38
N VAL B 133 32.82 -36.81 -2.90
CA VAL B 133 31.74 -37.41 -2.13
C VAL B 133 32.05 -38.90 -2.03
N PRO B 134 31.80 -39.54 -0.91
CA PRO B 134 31.98 -41.00 -0.88
C PRO B 134 30.84 -41.65 -1.64
N VAL B 135 31.12 -42.08 -2.86
CA VAL B 135 30.07 -42.58 -3.74
C VAL B 135 29.57 -43.94 -3.29
N SER B 136 30.42 -44.70 -2.61
CA SER B 136 30.00 -45.98 -2.06
C SER B 136 28.95 -45.82 -0.96
N ALA B 137 28.88 -44.66 -0.32
CA ALA B 137 27.96 -44.44 0.79
C ALA B 137 26.60 -44.08 0.23
N LEU B 138 25.62 -44.98 0.41
CA LEU B 138 24.28 -44.79 -0.11
C LEU B 138 24.33 -44.69 -1.64
N GLY B 139 24.79 -45.76 -2.27
CA GLY B 139 25.06 -45.74 -3.69
C GLY B 139 24.21 -46.66 -4.53
N ASN B 140 23.10 -47.16 -3.98
CA ASN B 140 22.13 -47.95 -4.75
C ASN B 140 22.79 -49.17 -5.38
N GLY B 141 23.22 -50.10 -4.51
CA GLY B 141 23.97 -51.27 -4.95
C GLY B 141 25.30 -50.83 -5.55
N SER B 142 26.18 -50.22 -4.76
CA SER B 142 27.43 -49.66 -5.30
C SER B 142 28.52 -50.71 -5.48
N LEU B 143 29.74 -50.23 -5.75
CA LEU B 143 30.86 -51.10 -5.99
C LEU B 143 31.83 -50.55 -7.02
N ALA B 144 31.52 -49.38 -7.58
CA ALA B 144 32.36 -48.70 -8.55
C ALA B 144 32.67 -49.64 -9.72
N PRO B 145 31.74 -49.85 -10.63
CA PRO B 145 31.92 -50.88 -11.66
C PRO B 145 33.05 -50.53 -12.63
N GLY B 146 34.29 -50.70 -12.17
CA GLY B 146 35.44 -50.46 -13.00
C GLY B 146 35.66 -49.02 -13.40
N LEU B 147 35.05 -48.08 -12.69
CA LEU B 147 35.13 -46.68 -13.09
C LEU B 147 36.54 -46.14 -12.86
N PRO B 148 37.07 -45.34 -13.77
CA PRO B 148 38.43 -44.81 -13.56
C PRO B 148 38.40 -43.54 -12.73
N ALA B 149 39.57 -42.96 -12.47
CA ALA B 149 39.60 -41.66 -11.79
C ALA B 149 39.18 -40.54 -12.72
N PRO B 150 39.87 -40.28 -13.83
CA PRO B 150 39.34 -39.32 -14.80
C PRO B 150 38.10 -39.88 -15.44
N GLU B 151 37.30 -38.98 -16.01
CA GLU B 151 35.99 -39.33 -16.56
C GLU B 151 35.04 -39.83 -15.49
N LEU B 152 35.36 -39.54 -14.24
CA LEU B 152 34.47 -39.65 -13.11
C LEU B 152 34.40 -38.34 -12.34
N ALA B 153 35.52 -37.65 -12.20
CA ALA B 153 35.48 -36.27 -11.77
C ALA B 153 34.57 -35.45 -12.65
N ARG B 154 34.62 -35.68 -13.97
CA ARG B 154 33.67 -35.03 -14.86
C ARG B 154 32.29 -35.65 -14.74
N LEU B 155 32.18 -36.76 -14.02
CA LEU B 155 30.87 -37.33 -13.74
C LEU B 155 30.28 -36.77 -12.45
N LEU B 156 31.05 -36.79 -11.38
CA LEU B 156 30.58 -36.20 -10.15
C LEU B 156 30.35 -34.70 -10.29
N ALA B 157 31.29 -34.00 -10.91
CA ALA B 157 31.34 -32.56 -10.76
C ALA B 157 30.12 -31.85 -11.30
N ARG B 158 29.31 -32.51 -12.11
CA ARG B 158 28.17 -31.80 -12.65
C ARG B 158 27.04 -31.64 -11.64
N VAL B 159 27.16 -32.26 -10.47
CA VAL B 159 26.01 -32.51 -9.60
C VAL B 159 25.14 -31.28 -9.35
N PRO B 160 25.68 -30.08 -9.13
CA PRO B 160 24.80 -28.94 -8.93
C PRO B 160 24.08 -28.51 -10.17
N CYS B 161 24.70 -28.62 -11.33
CA CYS B 161 24.04 -28.19 -12.56
C CYS B 161 22.94 -29.18 -12.90
N PRO B 162 21.67 -28.88 -12.62
CA PRO B 162 20.64 -29.93 -12.64
C PRO B 162 20.38 -30.54 -14.00
N GLU B 163 20.00 -29.73 -14.99
CA GLU B 163 19.52 -30.32 -16.24
C GLU B 163 20.64 -30.96 -17.04
N ILE B 164 21.89 -30.66 -16.71
CA ILE B 164 23.01 -31.27 -17.43
C ILE B 164 23.62 -32.42 -16.66
N TYR B 165 22.92 -32.99 -15.70
CA TYR B 165 23.48 -34.12 -14.97
C TYR B 165 23.57 -35.35 -15.86
N ASP B 166 24.67 -36.09 -15.73
CA ASP B 166 24.88 -37.27 -16.57
C ASP B 166 23.82 -38.34 -16.32
N GLY B 167 23.82 -38.93 -15.13
CA GLY B 167 22.90 -40.03 -14.89
C GLY B 167 23.09 -40.85 -13.63
N ASP B 168 22.40 -41.99 -13.59
CA ASP B 168 22.24 -42.77 -12.37
C ASP B 168 23.46 -43.59 -12.00
N TRP B 169 24.55 -43.48 -12.72
CA TRP B 169 25.71 -44.32 -12.46
C TRP B 169 26.27 -44.02 -11.09
N LEU B 170 26.04 -44.93 -10.15
CA LEU B 170 26.60 -44.82 -8.82
C LEU B 170 26.08 -43.58 -8.10
N LEU B 171 24.94 -43.06 -8.52
CA LEU B 171 24.38 -41.92 -7.82
C LEU B 171 23.02 -41.59 -8.38
N ALA B 172 22.13 -41.12 -7.52
CA ALA B 172 20.98 -40.34 -7.94
C ALA B 172 21.34 -38.89 -7.70
N ARG B 173 20.47 -37.98 -8.12
CA ARG B 173 20.75 -36.58 -7.82
C ARG B 173 20.32 -36.24 -6.41
N GLU B 174 19.13 -36.66 -6.00
CA GLU B 174 18.59 -36.17 -4.74
C GLU B 174 19.15 -36.90 -3.53
N VAL B 175 20.29 -37.56 -3.66
CA VAL B 175 20.97 -38.10 -2.50
C VAL B 175 22.40 -37.60 -2.42
N ALA B 176 22.94 -37.06 -3.51
CA ALA B 176 24.23 -36.39 -3.44
C ALA B 176 24.07 -34.95 -3.02
N VAL B 177 23.05 -34.28 -3.53
CA VAL B 177 22.55 -33.08 -2.89
C VAL B 177 21.68 -33.61 -1.77
N ARG B 178 21.27 -32.74 -0.84
CA ARG B 178 20.50 -33.14 0.32
C ARG B 178 21.30 -34.09 1.21
N TYR B 179 22.60 -34.12 1.02
CA TYR B 179 23.53 -34.62 2.02
C TYR B 179 24.74 -33.72 2.13
N LEU B 180 24.92 -32.85 1.15
CA LEU B 180 25.88 -31.76 1.27
C LEU B 180 25.21 -30.47 1.71
N ARG B 181 23.88 -30.43 1.71
CA ARG B 181 23.23 -29.29 2.34
C ARG B 181 22.91 -29.59 3.80
N CYS B 182 23.15 -30.81 4.24
CA CYS B 182 23.12 -31.08 5.68
C CYS B 182 24.42 -30.63 6.33
N ILE B 183 25.54 -31.19 5.89
CA ILE B 183 26.84 -30.84 6.47
C ILE B 183 27.06 -29.35 6.48
N SER B 184 26.63 -28.66 5.43
CA SER B 184 26.79 -27.22 5.38
C SER B 184 26.04 -26.54 6.50
N GLN B 185 24.75 -26.83 6.64
CA GLN B 185 23.97 -26.16 7.67
C GLN B 185 24.43 -26.51 9.07
N ALA B 186 25.33 -27.47 9.21
CA ALA B 186 25.91 -27.71 10.52
C ALA B 186 26.99 -26.69 10.83
N LEU B 187 27.82 -26.35 9.84
CA LEU B 187 28.79 -25.30 10.09
C LEU B 187 28.10 -23.98 10.34
N GLY B 188 27.02 -23.70 9.62
CA GLY B 188 26.37 -22.41 9.72
C GLY B 188 25.87 -22.11 11.13
N TRP B 189 25.46 -23.13 11.86
CA TRP B 189 25.10 -22.90 13.25
C TRP B 189 26.32 -22.97 14.15
N SER B 190 27.16 -23.99 13.97
CA SER B 190 28.34 -24.11 14.81
C SER B 190 29.37 -23.03 14.50
N PHE B 191 29.11 -22.21 13.49
CA PHE B 191 29.90 -21.00 13.31
C PHE B 191 29.27 -19.82 14.02
N VAL B 192 28.00 -19.51 13.70
CA VAL B 192 27.36 -18.33 14.27
C VAL B 192 27.28 -18.44 15.78
N LEU B 193 27.21 -19.67 16.31
CA LEU B 193 27.31 -19.85 17.75
C LEU B 193 28.63 -19.31 18.27
N LEU B 194 29.76 -19.80 17.73
CA LEU B 194 31.07 -19.40 18.24
C LEU B 194 31.29 -17.90 18.15
N THR B 195 30.83 -17.27 17.08
CA THR B 195 31.03 -15.83 16.97
C THR B 195 30.27 -15.07 18.03
N THR B 196 28.96 -15.35 18.18
CA THR B 196 28.19 -14.59 19.15
C THR B 196 28.68 -14.84 20.56
N LEU B 197 29.11 -16.06 20.87
CA LEU B 197 29.73 -16.31 22.16
C LEU B 197 30.99 -15.48 22.32
N LEU B 198 31.71 -15.25 21.23
CA LEU B 198 32.90 -14.40 21.30
C LEU B 198 32.52 -12.92 21.32
N ALA B 199 31.28 -12.62 20.97
CA ALA B 199 30.79 -11.26 21.22
C ALA B 199 30.55 -11.05 22.70
N PHE B 200 30.38 -12.13 23.45
CA PHE B 200 30.15 -12.01 24.88
C PHE B 200 31.39 -11.50 25.60
N VAL B 201 32.39 -12.31 25.43
CA VAL B 201 33.61 -12.10 26.04
C VAL B 201 34.08 -10.75 25.78
N VAL B 202 33.98 -10.21 24.57
CA VAL B 202 34.62 -8.93 24.37
C VAL B 202 34.12 -7.81 25.21
N ARG B 203 32.79 -7.67 25.25
CA ARG B 203 32.22 -6.61 26.02
C ARG B 203 32.47 -6.91 27.46
N SER B 204 32.18 -8.16 27.79
CA SER B 204 32.28 -8.54 29.16
C SER B 204 33.62 -8.45 29.79
N VAL B 205 34.72 -8.50 29.04
CA VAL B 205 35.89 -8.24 29.76
C VAL B 205 36.42 -6.91 29.62
N ARG B 206 36.69 -6.38 28.43
CA ARG B 206 37.79 -5.36 28.65
C ARG B 206 38.43 -4.51 27.55
N PRO B 207 39.58 -5.05 26.91
CA PRO B 207 40.38 -4.48 25.81
C PRO B 207 40.16 -3.00 25.56
N CYS B 208 40.87 -2.19 26.36
CA CYS B 208 40.95 -0.73 26.16
C CYS B 208 39.63 -0.02 26.50
N PHE B 209 39.05 -0.40 27.64
CA PHE B 209 37.86 0.26 28.16
C PHE B 209 38.19 1.24 29.28
N THR B 210 39.47 1.64 29.40
CA THR B 210 39.93 2.46 30.52
C THR B 210 39.12 3.74 30.65
N GLN B 211 38.70 4.02 31.89
CA GLN B 211 37.87 5.19 32.15
C GLN B 211 38.60 6.47 31.77
N ALA B 212 39.93 6.46 31.84
CA ALA B 212 40.69 7.65 31.47
C ALA B 212 40.46 8.01 30.01
N ALA B 213 40.83 7.13 29.10
CA ALA B 213 40.94 7.53 27.70
C ALA B 213 39.57 7.60 27.05
N PHE B 214 38.62 6.81 27.53
CA PHE B 214 37.26 6.93 27.02
C PHE B 214 36.75 8.35 27.20
N LEU B 215 37.08 8.96 28.32
CA LEU B 215 36.65 10.32 28.57
C LEU B 215 37.24 11.29 27.56
N LYS B 216 38.56 11.27 27.42
CA LYS B 216 39.23 12.21 26.52
C LYS B 216 38.70 12.09 25.10
N SER B 217 38.40 10.86 24.69
CA SER B 217 37.91 10.64 23.34
C SER B 217 36.58 11.35 23.10
N LYS B 218 35.55 10.91 23.82
CA LYS B 218 34.20 11.41 23.57
C LYS B 218 34.14 12.91 23.75
N TYR B 219 34.96 13.46 24.65
CA TYR B 219 35.10 14.90 24.70
C TYR B 219 35.61 15.45 23.39
N TRP B 220 36.67 14.84 22.86
CA TRP B 220 37.30 15.36 21.65
C TRP B 220 36.35 15.32 20.47
N SER B 221 35.79 14.14 20.17
CA SER B 221 34.88 14.03 19.05
C SER B 221 33.67 14.91 19.22
N HIS B 222 33.27 15.17 20.46
CA HIS B 222 32.22 16.15 20.68
C HIS B 222 32.69 17.55 20.31
N TYR B 223 33.99 17.79 20.42
CA TYR B 223 34.50 19.14 20.20
C TYR B 223 34.55 19.49 18.73
N ILE B 224 34.84 18.50 17.88
CA ILE B 224 34.91 18.76 16.44
C ILE B 224 33.56 19.21 15.92
N ASP B 225 32.48 18.72 16.53
CA ASP B 225 31.15 19.10 16.07
C ASP B 225 30.94 20.60 16.23
N ILE B 226 31.14 21.13 17.43
CA ILE B 226 30.87 22.53 17.67
C ILE B 226 31.78 23.42 16.83
N GLU B 227 32.98 22.94 16.53
CA GLU B 227 33.89 23.74 15.72
C GLU B 227 33.33 23.97 14.32
N ARG B 228 32.94 22.88 13.65
CA ARG B 228 32.41 23.01 12.30
C ARG B 228 31.11 23.81 12.30
N LYS B 229 30.19 23.48 13.20
CA LYS B 229 28.90 24.15 13.22
C LYS B 229 29.05 25.64 13.49
N LEU B 230 30.03 26.01 14.30
CA LEU B 230 30.16 27.42 14.68
C LEU B 230 30.89 28.24 13.63
N PHE B 231 31.77 27.63 12.83
CA PHE B 231 32.52 28.41 11.84
C PHE B 231 31.58 29.04 10.84
N ASP B 232 30.52 28.34 10.45
CA ASP B 232 29.58 28.87 9.48
C ASP B 232 28.93 30.15 9.96
N GLU B 233 28.75 30.29 11.28
CA GLU B 233 28.12 31.49 11.82
C GLU B 233 28.94 32.74 11.47
N THR B 234 30.24 32.71 11.75
CA THR B 234 31.07 33.89 11.49
C THR B 234 31.09 34.22 10.01
N CYS B 235 31.11 33.19 9.15
CA CYS B 235 31.14 33.45 7.71
C CYS B 235 29.89 34.19 7.26
N THR B 236 28.73 33.58 7.45
CA THR B 236 27.47 34.21 7.05
C THR B 236 27.32 35.56 7.72
N GLU B 237 27.76 35.67 8.97
CA GLU B 237 27.78 36.98 9.62
C GLU B 237 28.74 37.92 8.90
N HIS B 238 30.02 37.56 8.83
CA HIS B 238 31.02 38.45 8.24
C HIS B 238 30.72 38.74 6.79
N ALA B 239 30.05 37.83 6.09
CA ALA B 239 29.73 38.08 4.70
C ALA B 239 28.59 39.07 4.55
N LYS B 240 27.59 38.99 5.43
CA LYS B 240 26.41 39.83 5.31
C LYS B 240 26.77 41.30 5.31
N ALA B 241 27.74 41.70 6.13
CA ALA B 241 28.20 43.08 6.10
C ALA B 241 28.88 43.43 4.80
N PHE B 242 29.37 42.44 4.07
CA PHE B 242 30.12 42.71 2.86
C PHE B 242 29.26 42.80 1.61
N ALA B 243 28.14 42.08 1.55
CA ALA B 243 27.31 42.11 0.35
C ALA B 243 26.68 43.47 0.12
N LYS B 244 26.35 44.18 1.20
CA LYS B 244 25.59 45.42 1.08
C LYS B 244 26.31 46.45 0.24
N VAL B 245 27.65 46.43 0.25
CA VAL B 245 28.38 47.42 -0.53
C VAL B 245 28.21 47.18 -2.01
N CYS B 246 28.13 45.93 -2.46
CA CYS B 246 28.11 45.67 -3.89
C CYS B 246 26.69 45.62 -4.45
N ILE B 247 25.79 44.91 -3.76
CA ILE B 247 24.42 44.74 -4.27
C ILE B 247 23.76 46.08 -4.50
N GLN B 248 24.03 47.05 -3.64
CA GLN B 248 23.50 48.39 -3.87
C GLN B 248 24.00 48.99 -5.17
N GLN B 249 25.19 48.59 -5.61
CA GLN B 249 25.75 49.16 -6.83
C GLN B 249 24.95 48.72 -8.06
N PHE B 250 24.43 47.49 -8.04
CA PHE B 250 23.57 47.04 -9.12
C PHE B 250 22.35 47.93 -9.24
N PHE B 251 21.66 48.16 -8.13
CA PHE B 251 20.69 49.23 -8.09
C PHE B 251 21.38 50.57 -8.33
N GLU B 252 20.64 51.52 -8.87
CA GLU B 252 21.14 52.87 -9.08
C GLU B 252 22.28 52.91 -10.08
N ALA B 253 22.52 51.81 -10.80
CA ALA B 253 23.68 51.67 -11.63
C ALA B 253 23.34 51.15 -13.01
N MET B 254 22.10 50.72 -13.20
CA MET B 254 21.67 50.32 -14.53
C MET B 254 21.07 51.50 -15.29
N ASN B 255 20.05 52.13 -14.72
CA ASN B 255 19.49 53.36 -15.28
C ASN B 255 19.12 54.36 -14.19
N HIS B 256 19.22 54.00 -12.91
CA HIS B 256 18.74 54.81 -11.79
C HIS B 256 17.23 55.02 -11.84
N ASP B 257 16.54 54.21 -12.64
CA ASP B 257 15.11 54.32 -12.82
C ASP B 257 14.69 53.24 -13.81
N LEU B 258 13.39 53.20 -14.07
CA LEU B 258 12.82 52.33 -15.08
C LEU B 258 12.17 53.18 -16.16
N GLU B 259 12.32 52.76 -17.41
CA GLU B 259 11.65 53.41 -18.52
C GLU B 259 10.15 53.15 -18.52
N LEU B 260 9.69 52.14 -17.78
CA LEU B 260 8.28 51.80 -17.72
C LEU B 260 7.46 52.76 -16.87
N GLY B 261 8.05 53.85 -16.41
CA GLY B 261 7.29 54.86 -15.69
C GLY B 261 6.19 55.43 -16.58
N HIS B 262 4.95 55.28 -16.14
CA HIS B 262 3.81 55.77 -16.89
C HIS B 262 3.46 57.19 -16.48
N MET C 1 -8.20 -20.02 3.36
CA MET C 1 -8.21 -20.20 4.80
C MET C 1 -7.92 -18.88 5.50
N MET C 2 -7.45 -17.90 4.72
CA MET C 2 -7.14 -16.59 5.28
C MET C 2 -8.37 -15.86 5.77
N ASP C 3 -9.57 -16.28 5.34
CA ASP C 3 -10.78 -15.52 5.63
C ASP C 3 -11.04 -15.39 7.13
N LYS C 4 -10.83 -16.46 7.89
CA LYS C 4 -11.20 -16.43 9.31
C LYS C 4 -10.34 -15.44 10.09
N PHE C 5 -9.14 -15.15 9.60
CA PHE C 5 -8.21 -14.27 10.28
C PHE C 5 -7.92 -12.99 9.52
N ARG C 6 -7.97 -13.01 8.19
CA ARG C 6 -7.75 -11.78 7.42
C ARG C 6 -8.82 -10.74 7.73
N MET C 7 -9.99 -11.19 8.18
CA MET C 7 -11.06 -10.28 8.58
C MET C 7 -10.66 -9.37 9.72
N ILE C 8 -10.24 -9.92 10.86
CA ILE C 8 -9.75 -9.09 11.95
C ILE C 8 -8.48 -8.34 11.55
N PHE C 9 -7.75 -8.86 10.55
CA PHE C 9 -6.56 -8.19 10.05
C PHE C 9 -6.83 -6.77 9.58
N GLN C 10 -7.76 -6.58 8.65
CA GLN C 10 -8.15 -5.23 8.27
C GLN C 10 -8.99 -4.58 9.37
N PHE C 11 -9.76 -5.37 10.11
CA PHE C 11 -10.47 -4.84 11.28
C PHE C 11 -9.49 -4.28 12.29
N LEU C 12 -8.40 -5.00 12.54
CA LEU C 12 -7.28 -4.42 13.26
C LEU C 12 -6.74 -3.20 12.53
N GLN C 13 -6.55 -3.33 11.22
CA GLN C 13 -6.17 -2.20 10.38
C GLN C 13 -7.23 -1.11 10.36
N SER C 14 -8.47 -1.43 10.74
CA SER C 14 -9.55 -0.47 10.64
C SER C 14 -9.33 0.77 11.50
N ASN C 15 -9.29 0.62 12.82
CA ASN C 15 -9.18 1.79 13.69
C ASN C 15 -8.49 1.37 14.98
N GLN C 16 -8.47 2.30 15.93
CA GLN C 16 -7.81 2.08 17.21
C GLN C 16 -8.76 2.50 18.35
N GLU C 17 -10.01 2.03 18.26
CA GLU C 17 -11.02 2.37 19.26
C GLU C 17 -11.40 1.11 20.02
N SER C 18 -11.04 1.08 21.31
CA SER C 18 -11.36 -0.07 22.14
C SER C 18 -11.10 0.22 23.62
N PHE C 19 -11.13 -0.83 24.45
CA PHE C 19 -10.89 -0.72 25.88
C PHE C 19 -10.03 -1.89 26.33
N MET C 20 -10.00 -2.16 27.63
CA MET C 20 -9.33 -3.34 28.18
C MET C 20 -9.69 -4.60 27.43
N ASN C 21 -10.98 -4.75 27.10
CA ASN C 21 -11.40 -5.81 26.18
C ASN C 21 -10.73 -5.65 24.82
N GLY C 22 -10.63 -4.41 24.34
CA GLY C 22 -9.83 -4.16 23.15
C GLY C 22 -8.36 -4.41 23.40
N ILE C 23 -7.90 -4.16 24.63
CA ILE C 23 -6.57 -4.61 25.02
C ILE C 23 -6.51 -6.13 25.00
N CYS C 24 -7.58 -6.78 25.47
CA CYS C 24 -7.73 -8.21 25.21
C CYS C 24 -7.86 -8.48 23.72
N GLY C 25 -8.38 -7.51 22.98
CA GLY C 25 -8.38 -7.61 21.53
C GLY C 25 -6.98 -7.73 20.96
N ILE C 26 -5.98 -7.21 21.68
CA ILE C 26 -4.60 -7.39 21.26
C ILE C 26 -4.27 -8.88 21.21
N MET C 27 -4.73 -9.64 22.21
CA MET C 27 -4.43 -11.06 22.25
C MET C 27 -5.45 -11.88 21.47
N ALA C 28 -6.72 -11.83 21.88
CA ALA C 28 -7.69 -12.82 21.41
C ALA C 28 -7.98 -12.66 19.92
N LEU C 29 -7.84 -11.45 19.38
CA LEU C 29 -7.92 -11.29 17.93
C LEU C 29 -6.89 -12.18 17.25
N ALA C 30 -5.70 -12.27 17.83
CA ALA C 30 -4.76 -13.31 17.41
C ALA C 30 -5.35 -14.69 17.64
N SER C 31 -6.09 -14.88 18.73
CA SER C 31 -6.73 -16.17 18.97
C SER C 31 -7.80 -16.44 17.93
N ALA C 32 -8.43 -15.38 17.40
CA ALA C 32 -9.28 -15.57 16.24
C ALA C 32 -8.47 -15.91 15.00
N GLN C 33 -7.17 -15.59 15.01
CA GLN C 33 -6.36 -15.75 13.82
C GLN C 33 -5.36 -16.90 13.99
N MET C 34 -4.86 -17.09 15.21
CA MET C 34 -3.89 -18.15 15.48
C MET C 34 -4.40 -19.52 15.04
N TYR C 35 -5.71 -19.70 15.05
CA TYR C 35 -6.28 -20.92 14.49
C TYR C 35 -5.91 -21.07 13.02
N SER C 36 -5.79 -19.95 12.30
CA SER C 36 -5.68 -20.00 10.85
C SER C 36 -4.40 -20.69 10.40
N ALA C 37 -3.25 -20.30 10.96
CA ALA C 37 -1.96 -20.86 10.54
C ALA C 37 -1.61 -22.16 11.23
N PHE C 38 -2.16 -22.41 12.42
CA PHE C 38 -2.00 -23.69 13.09
C PHE C 38 -2.88 -24.75 12.45
N ASP C 39 -2.25 -25.72 11.78
CA ASP C 39 -2.97 -26.67 10.95
C ASP C 39 -3.75 -27.62 11.84
N PHE C 40 -4.54 -28.50 11.23
CA PHE C 40 -5.28 -29.54 11.92
C PHE C 40 -5.33 -30.76 11.02
N ASN C 41 -5.05 -31.93 11.58
CA ASN C 41 -5.04 -33.17 10.81
C ASN C 41 -5.09 -34.33 11.79
N CYS C 42 -6.09 -35.18 11.67
CA CYS C 42 -6.29 -36.20 12.68
C CYS C 42 -5.70 -37.52 12.24
N PRO C 43 -5.34 -38.37 13.18
CA PRO C 43 -4.60 -39.60 12.88
C PRO C 43 -5.30 -40.52 11.91
N CYS C 44 -6.62 -40.45 11.83
CA CYS C 44 -7.43 -41.44 11.12
C CYS C 44 -6.94 -42.85 11.39
N LEU C 45 -7.02 -43.24 12.66
CA LEU C 45 -6.78 -44.51 13.31
C LEU C 45 -7.98 -44.88 14.18
N PRO C 46 -8.05 -46.09 14.74
CA PRO C 46 -9.31 -46.57 15.27
C PRO C 46 -9.76 -45.94 16.57
N GLY C 47 -8.85 -45.61 17.48
CA GLY C 47 -9.30 -45.14 18.78
C GLY C 47 -8.66 -43.86 19.23
N TYR C 48 -7.60 -43.44 18.56
CA TYR C 48 -6.88 -42.23 18.93
C TYR C 48 -7.69 -40.98 18.72
N ASN C 49 -8.61 -40.97 17.74
CA ASN C 49 -9.34 -39.75 17.39
C ASN C 49 -10.00 -39.14 18.60
N ALA C 50 -10.91 -39.88 19.24
CA ALA C 50 -11.68 -39.33 20.35
C ALA C 50 -10.76 -38.90 21.49
N ALA C 51 -9.56 -39.46 21.55
CA ALA C 51 -8.55 -38.86 22.41
C ALA C 51 -8.04 -37.56 21.82
N TYR C 52 -7.63 -37.58 20.57
CA TYR C 52 -6.90 -36.44 20.03
C TYR C 52 -7.76 -35.21 19.91
N SER C 53 -9.01 -35.37 19.50
CA SER C 53 -9.82 -34.18 19.28
C SER C 53 -10.08 -33.45 20.56
N ALA C 54 -10.25 -34.18 21.67
CA ALA C 54 -10.44 -33.51 22.95
C ALA C 54 -9.22 -32.71 23.36
N GLY C 55 -8.09 -32.97 22.71
CA GLY C 55 -6.92 -32.15 22.94
C GLY C 55 -7.10 -30.73 22.45
N ILE C 56 -7.90 -30.55 21.40
CA ILE C 56 -7.98 -29.23 20.80
C ILE C 56 -9.29 -28.54 21.16
N LEU C 57 -9.92 -28.94 22.26
CA LEU C 57 -10.96 -28.11 22.86
C LEU C 57 -10.74 -27.83 24.33
N LEU C 58 -9.65 -28.29 24.92
CA LEU C 58 -9.41 -28.06 26.33
C LEU C 58 -8.03 -27.48 26.63
N ALA C 59 -7.00 -27.89 25.93
CA ALA C 59 -5.72 -27.34 26.32
C ALA C 59 -5.56 -25.94 25.76
N PRO C 60 -5.63 -25.73 24.44
CA PRO C 60 -5.43 -24.38 23.89
C PRO C 60 -6.43 -23.36 24.40
N PRO C 61 -7.62 -23.76 24.82
CA PRO C 61 -8.42 -22.80 25.59
C PRO C 61 -7.77 -22.45 26.90
N LEU C 62 -7.46 -23.46 27.71
CA LEU C 62 -6.96 -23.21 29.06
C LEU C 62 -5.67 -22.40 29.04
N VAL C 63 -4.86 -22.57 28.01
CA VAL C 63 -3.67 -21.73 27.87
C VAL C 63 -4.06 -20.27 27.72
N LEU C 64 -5.00 -19.99 26.82
CA LEU C 64 -5.35 -18.59 26.60
C LEU C 64 -5.99 -17.97 27.84
N PHE C 65 -6.54 -18.79 28.72
CA PHE C 65 -7.06 -18.27 29.97
C PHE C 65 -5.94 -17.80 30.87
N LEU C 66 -5.07 -18.71 31.28
CA LEU C 66 -3.97 -18.37 32.19
C LEU C 66 -3.05 -17.30 31.62
N LEU C 67 -2.98 -17.17 30.30
CA LEU C 67 -2.20 -16.08 29.73
C LEU C 67 -2.94 -14.76 29.86
N GLY C 68 -4.17 -14.79 30.36
CA GLY C 68 -4.88 -13.54 30.62
C GLY C 68 -4.60 -13.01 32.02
N LEU C 69 -4.56 -13.89 33.01
CA LEU C 69 -4.26 -13.44 34.36
C LEU C 69 -2.86 -12.86 34.44
N VAL C 70 -1.85 -13.61 34.03
CA VAL C 70 -0.47 -13.16 34.14
C VAL C 70 -0.24 -11.91 33.31
N MET C 71 -1.03 -11.71 32.27
CA MET C 71 -0.76 -10.60 31.35
C MET C 71 -1.07 -9.25 31.98
N ASN C 72 -2.04 -9.18 32.87
CA ASN C 72 -2.39 -7.89 33.45
C ASN C 72 -1.65 -7.68 34.77
N ASN C 73 -1.47 -6.40 35.10
CA ASN C 73 -0.56 -5.97 36.16
C ASN C 73 -1.24 -5.82 37.52
N ASN C 74 -1.94 -6.85 37.97
CA ASN C 74 -2.64 -6.78 39.24
C ASN C 74 -2.43 -7.97 40.15
N VAL C 75 -2.11 -9.15 39.60
CA VAL C 75 -2.22 -10.38 40.37
C VAL C 75 -1.28 -10.39 41.57
N SER C 76 -0.14 -9.70 41.47
CA SER C 76 0.77 -9.62 42.60
C SER C 76 0.09 -9.02 43.82
N MET C 77 -0.60 -7.88 43.63
CA MET C 77 -1.25 -7.21 44.74
C MET C 77 -2.28 -8.11 45.41
N LEU C 78 -2.98 -8.92 44.61
CA LEU C 78 -3.87 -9.92 45.21
C LEU C 78 -3.07 -11.10 45.74
N ALA C 79 -2.07 -11.56 44.99
CA ALA C 79 -1.27 -12.67 45.44
C ALA C 79 -0.49 -12.32 46.70
N GLU C 80 0.06 -11.11 46.76
CA GLU C 80 0.84 -10.70 47.92
C GLU C 80 -0.02 -10.68 49.18
N GLU C 81 -1.18 -10.03 49.11
CA GLU C 81 -2.00 -9.83 50.30
C GLU C 81 -2.84 -11.05 50.66
N TRP C 82 -2.86 -12.07 49.81
CA TRP C 82 -3.57 -13.28 50.18
C TRP C 82 -2.71 -14.20 51.03
N LYS C 83 -1.46 -14.43 50.62
CA LYS C 83 -0.54 -15.24 51.40
C LYS C 83 -0.34 -14.73 52.81
N ARG C 84 -0.41 -13.42 53.03
CA ARG C 84 -0.28 -12.88 54.37
C ARG C 84 -1.44 -13.33 55.25
N PRO C 85 -1.32 -13.18 56.57
CA PRO C 85 -2.40 -13.58 57.47
C PRO C 85 -3.54 -12.58 57.43
N PRO C 86 -4.76 -13.02 57.73
CA PRO C 86 -5.86 -12.05 57.92
C PRO C 86 -5.55 -11.08 59.04
N GLY C 87 -6.24 -9.95 59.02
CA GLY C 87 -5.97 -8.91 60.00
C GLY C 87 -4.91 -7.94 59.52
N ARG C 88 -3.73 -8.46 59.22
CA ARG C 88 -2.68 -7.65 58.60
C ARG C 88 -3.06 -7.15 57.22
N ARG C 89 -4.03 -7.77 56.57
CA ARG C 89 -4.49 -7.36 55.24
C ARG C 89 -4.96 -5.91 55.31
N ALA C 90 -4.30 -5.03 54.57
CA ALA C 90 -4.69 -3.63 54.51
C ALA C 90 -5.94 -3.41 53.67
N LYS C 91 -6.63 -4.46 53.25
CA LYS C 91 -7.81 -4.36 52.41
C LYS C 91 -8.89 -5.31 52.88
N ASP C 92 -10.13 -4.87 52.78
CA ASP C 92 -11.26 -5.68 53.17
C ASP C 92 -11.42 -6.87 52.23
N PRO C 93 -12.00 -7.96 52.70
CA PRO C 93 -12.41 -9.04 51.79
C PRO C 93 -13.25 -8.55 50.62
N ALA C 94 -14.09 -7.54 50.84
CA ALA C 94 -14.94 -7.04 49.77
C ALA C 94 -14.10 -6.54 48.60
N VAL C 95 -13.16 -5.63 48.85
CA VAL C 95 -12.31 -5.13 47.78
C VAL C 95 -11.47 -6.26 47.20
N LEU C 96 -11.10 -7.24 48.03
CA LEU C 96 -10.46 -8.42 47.48
C LEU C 96 -11.41 -9.18 46.58
N ARG C 97 -12.57 -9.58 47.10
CA ARG C 97 -13.48 -10.42 46.34
C ARG C 97 -13.90 -9.77 45.04
N TYR C 98 -14.21 -8.48 45.07
CA TYR C 98 -14.52 -7.80 43.82
C TYR C 98 -13.33 -7.79 42.89
N MET C 99 -12.23 -7.18 43.32
CA MET C 99 -11.07 -7.01 42.44
C MET C 99 -10.54 -8.33 41.91
N PHE C 100 -10.68 -9.41 42.68
CA PHE C 100 -10.36 -10.71 42.14
C PHE C 100 -11.34 -11.16 41.07
N CYS C 101 -12.63 -10.90 41.25
CA CYS C 101 -13.64 -11.26 40.26
C CYS C 101 -13.56 -10.41 39.01
N SER C 102 -13.05 -9.19 39.11
CA SER C 102 -12.92 -8.36 37.92
C SER C 102 -11.67 -8.71 37.12
N MET C 103 -11.02 -9.81 37.47
CA MET C 103 -9.97 -10.33 36.61
C MET C 103 -10.50 -11.39 35.68
N ALA C 104 -11.42 -12.22 36.17
CA ALA C 104 -12.02 -13.25 35.35
C ALA C 104 -12.74 -12.66 34.14
N GLN C 105 -13.66 -11.72 34.39
CA GLN C 105 -14.53 -11.24 33.32
C GLN C 105 -13.78 -10.38 32.31
N ARG C 106 -12.48 -10.18 32.51
CA ARG C 106 -11.68 -9.60 31.45
C ARG C 106 -10.83 -10.67 30.77
N ALA C 107 -10.71 -11.83 31.41
CA ALA C 107 -9.92 -12.91 30.82
C ALA C 107 -10.78 -13.81 29.95
N LEU C 108 -12.07 -13.95 30.31
CA LEU C 108 -12.93 -14.89 29.62
C LEU C 108 -13.27 -14.48 28.19
N TRP C 109 -12.83 -13.29 27.82
CA TRP C 109 -13.12 -12.72 26.53
C TRP C 109 -12.27 -13.34 25.44
N ALA C 110 -11.70 -14.47 25.76
CA ALA C 110 -10.88 -15.16 24.80
C ALA C 110 -11.32 -16.60 24.75
N PRO C 111 -11.15 -17.30 25.87
CA PRO C 111 -11.49 -18.72 25.80
C PRO C 111 -12.94 -19.01 25.46
N VAL C 112 -13.66 -18.05 24.90
CA VAL C 112 -14.98 -18.37 24.38
C VAL C 112 -14.98 -18.13 22.88
N VAL C 113 -14.09 -17.29 22.40
CA VAL C 113 -13.94 -17.10 20.97
C VAL C 113 -13.18 -18.27 20.36
N TRP C 114 -12.36 -18.95 21.17
CA TRP C 114 -11.62 -20.08 20.61
C TRP C 114 -12.33 -21.38 20.92
N VAL C 115 -13.59 -21.32 21.31
CA VAL C 115 -14.39 -22.53 21.32
C VAL C 115 -15.52 -22.42 20.31
N ALA C 116 -15.95 -21.21 20.03
CA ALA C 116 -16.80 -21.03 18.87
C ALA C 116 -16.04 -21.32 17.59
N VAL C 117 -14.94 -20.63 17.36
CA VAL C 117 -14.32 -20.61 16.04
C VAL C 117 -13.54 -21.89 15.75
N THR C 118 -13.61 -22.88 16.63
CA THR C 118 -13.26 -24.24 16.23
C THR C 118 -14.40 -25.19 16.40
N LEU C 119 -15.62 -24.70 16.42
CA LEU C 119 -16.77 -25.52 16.13
C LEU C 119 -17.40 -25.17 14.80
N LEU C 120 -17.44 -23.89 14.43
CA LEU C 120 -18.14 -23.48 13.22
C LEU C 120 -17.47 -24.02 11.97
N ASP C 121 -16.21 -24.41 12.07
CA ASP C 121 -15.59 -25.01 10.89
C ASP C 121 -15.54 -26.52 11.00
N GLY C 122 -16.00 -27.07 12.12
CA GLY C 122 -16.33 -28.48 12.18
C GLY C 122 -15.17 -29.44 12.17
N LYS C 123 -13.98 -29.01 11.73
CA LYS C 123 -12.84 -29.91 11.67
C LYS C 123 -12.58 -30.56 13.00
N CYS C 124 -12.65 -29.78 14.08
CA CYS C 124 -12.45 -30.32 15.41
C CYS C 124 -13.49 -31.37 15.75
N PHE C 125 -14.69 -31.23 15.18
CA PHE C 125 -15.75 -32.16 15.54
C PHE C 125 -15.75 -33.37 14.62
N LEU C 126 -15.27 -33.21 13.39
CA LEU C 126 -15.35 -34.28 12.41
C LEU C 126 -14.52 -35.48 12.84
N CYS C 127 -13.27 -35.24 13.23
CA CYS C 127 -12.40 -36.34 13.63
C CYS C 127 -12.73 -36.86 15.02
N ALA C 128 -13.86 -36.49 15.60
CA ALA C 128 -14.13 -36.87 16.97
C ALA C 128 -15.33 -37.81 17.07
N PHE C 129 -16.17 -37.87 16.05
CA PHE C 129 -17.33 -38.74 16.13
C PHE C 129 -17.58 -39.45 14.82
N CYS C 130 -16.58 -39.49 13.95
CA CYS C 130 -16.78 -40.23 12.73
C CYS C 130 -16.88 -41.72 12.96
N THR C 131 -16.32 -42.23 14.05
CA THR C 131 -16.35 -43.66 14.30
C THR C 131 -17.77 -44.19 14.48
N ALA C 132 -18.70 -43.35 14.87
CA ALA C 132 -20.09 -43.78 15.03
C ALA C 132 -21.03 -42.89 14.22
N VAL C 133 -21.14 -43.23 12.94
CA VAL C 133 -22.12 -42.65 12.05
C VAL C 133 -23.15 -43.75 11.76
N PRO C 134 -24.42 -43.45 11.66
CA PRO C 134 -25.37 -44.49 11.26
C PRO C 134 -25.21 -44.74 9.77
N VAL C 135 -24.54 -45.84 9.44
CA VAL C 135 -24.19 -46.11 8.06
C VAL C 135 -25.41 -46.50 7.24
N SER C 136 -26.42 -47.08 7.90
CA SER C 136 -27.65 -47.41 7.22
C SER C 136 -28.40 -46.17 6.75
N ALA C 137 -28.16 -45.01 7.36
CA ALA C 137 -28.88 -43.80 7.02
C ALA C 137 -28.24 -43.16 5.80
N LEU C 138 -28.96 -43.16 4.68
CA LEU C 138 -28.44 -42.64 3.42
C LEU C 138 -27.21 -43.41 2.99
N GLY C 139 -27.40 -44.71 2.77
CA GLY C 139 -26.29 -45.59 2.53
C GLY C 139 -26.23 -46.24 1.16
N ASN C 140 -26.97 -45.71 0.20
CA ASN C 140 -26.91 -46.14 -1.20
C ASN C 140 -27.19 -47.64 -1.32
N GLY C 141 -28.43 -48.00 -1.02
CA GLY C 141 -28.85 -49.41 -0.98
C GLY C 141 -28.08 -50.12 0.13
N SER C 142 -28.30 -49.74 1.38
CA SER C 142 -27.52 -50.30 2.49
C SER C 142 -28.04 -51.65 2.96
N LEU C 143 -27.51 -52.10 4.10
CA LEU C 143 -27.87 -53.40 4.65
C LEU C 143 -26.72 -54.09 5.35
N ALA C 144 -25.54 -53.45 5.36
CA ALA C 144 -24.35 -53.97 6.02
C ALA C 144 -24.05 -55.38 5.54
N PRO C 145 -23.48 -55.52 4.34
CA PRO C 145 -23.35 -56.87 3.76
C PRO C 145 -22.37 -57.75 4.53
N GLY C 146 -22.82 -58.25 5.69
CA GLY C 146 -22.03 -59.13 6.50
C GLY C 146 -20.80 -58.50 7.11
N LEU C 147 -20.75 -57.18 7.20
CA LEU C 147 -19.54 -56.51 7.68
C LEU C 147 -19.38 -56.75 9.17
N PRO C 148 -18.16 -56.98 9.65
CA PRO C 148 -17.96 -57.21 11.08
C PRO C 148 -17.81 -55.90 11.84
N ALA C 149 -17.61 -55.98 13.16
CA ALA C 149 -17.32 -54.76 13.91
C ALA C 149 -15.89 -54.30 13.69
N PRO C 150 -14.86 -55.08 14.00
CA PRO C 150 -13.50 -54.70 13.61
C PRO C 150 -13.37 -54.78 12.10
N GLU C 151 -12.37 -54.09 11.58
CA GLU C 151 -12.18 -53.95 10.14
C GLU C 151 -13.34 -53.20 9.48
N LEU C 152 -14.12 -52.51 10.28
CA LEU C 152 -15.07 -51.49 9.86
C LEU C 152 -14.83 -50.18 10.56
N ALA C 153 -14.47 -50.22 11.84
CA ALA C 153 -13.94 -49.04 12.50
C ALA C 153 -12.74 -48.52 11.74
N ARG C 154 -11.87 -49.41 11.25
CA ARG C 154 -10.78 -48.97 10.40
C ARG C 154 -11.28 -48.61 9.01
N LEU C 155 -12.54 -48.90 8.71
CA LEU C 155 -13.13 -48.45 7.46
C LEU C 155 -13.77 -47.09 7.61
N LEU C 156 -14.60 -46.91 8.62
CA LEU C 156 -15.18 -45.59 8.85
C LEU C 156 -14.12 -44.57 9.20
N ALA C 157 -13.19 -44.93 10.07
CA ALA C 157 -12.38 -43.91 10.73
C ALA C 157 -11.51 -43.11 9.78
N ARG C 158 -11.33 -43.56 8.56
CA ARG C 158 -10.47 -42.80 7.67
C ARG C 158 -11.16 -41.57 7.11
N VAL C 159 -12.46 -41.41 7.36
CA VAL C 159 -13.29 -40.50 6.55
C VAL C 159 -12.70 -39.11 6.38
N PRO C 160 -12.12 -38.48 7.38
CA PRO C 160 -11.55 -37.15 7.15
C PRO C 160 -10.32 -37.18 6.28
N CYS C 161 -9.49 -38.20 6.38
CA CYS C 161 -8.27 -38.23 5.58
C CYS C 161 -8.65 -38.52 4.13
N PRO C 162 -8.69 -37.51 3.26
CA PRO C 162 -9.35 -37.69 1.96
C PRO C 162 -8.69 -38.70 1.04
N GLU C 163 -7.42 -38.50 0.70
CA GLU C 163 -6.83 -39.32 -0.36
C GLU C 163 -6.62 -40.76 0.08
N ILE C 164 -6.67 -41.02 1.38
CA ILE C 164 -6.50 -42.38 1.86
C ILE C 164 -7.81 -43.06 2.20
N TYR C 165 -8.93 -42.55 1.69
CA TYR C 165 -10.20 -43.19 1.97
C TYR C 165 -10.29 -44.54 1.27
N ASP C 166 -10.86 -45.53 1.97
CA ASP C 166 -10.96 -46.87 1.40
C ASP C 166 -11.84 -46.90 0.16
N GLY C 167 -13.13 -46.65 0.33
CA GLY C 167 -14.02 -46.79 -0.81
C GLY C 167 -15.52 -46.74 -0.56
N ASP C 168 -16.29 -47.12 -1.57
CA ASP C 168 -17.72 -46.90 -1.62
C ASP C 168 -18.52 -47.86 -0.76
N TRP C 169 -17.88 -48.75 -0.02
CA TRP C 169 -18.62 -49.76 0.73
C TRP C 169 -19.48 -49.10 1.79
N LEU C 170 -20.78 -49.07 1.54
CA LEU C 170 -21.73 -48.57 2.51
C LEU C 170 -21.50 -47.09 2.79
N LEU C 171 -20.85 -46.38 1.86
CA LEU C 171 -20.68 -44.96 2.07
C LEU C 171 -20.04 -44.35 0.84
N ALA C 172 -20.41 -43.12 0.55
CA ALA C 172 -19.61 -42.23 -0.26
C ALA C 172 -18.85 -41.33 0.69
N ARG C 173 -17.97 -40.49 0.16
CA ARG C 173 -17.31 -39.55 1.05
C ARG C 173 -18.18 -38.33 1.28
N GLU C 174 -18.77 -37.78 0.23
CA GLU C 174 -19.43 -36.50 0.38
C GLU C 174 -20.82 -36.61 0.98
N VAL C 175 -21.13 -37.71 1.64
CA VAL C 175 -22.37 -37.78 2.41
C VAL C 175 -22.10 -38.14 3.86
N ALA C 176 -20.91 -38.65 4.17
CA ALA C 176 -20.53 -38.83 5.56
C ALA C 176 -19.95 -37.56 6.13
N VAL C 177 -19.13 -36.87 5.34
CA VAL C 177 -18.86 -35.47 5.61
C VAL C 177 -20.06 -34.76 5.01
N ARG C 178 -20.23 -33.48 5.32
CA ARG C 178 -21.40 -32.72 4.89
C ARG C 178 -22.68 -33.27 5.49
N TYR C 179 -22.54 -34.06 6.54
CA TYR C 179 -23.62 -34.34 7.46
C TYR C 179 -23.12 -34.30 8.90
N LEU C 180 -21.81 -34.34 9.08
CA LEU C 180 -21.21 -34.04 10.36
C LEU C 180 -20.73 -32.60 10.42
N ARG C 181 -20.71 -31.89 9.31
CA ARG C 181 -20.48 -30.45 9.40
C ARG C 181 -21.79 -29.70 9.50
N CYS C 182 -22.91 -30.40 9.37
CA CYS C 182 -24.19 -29.78 9.72
C CYS C 182 -24.40 -29.79 11.23
N ILE C 183 -24.40 -30.98 11.83
CA ILE C 183 -24.63 -31.10 13.26
C ILE C 183 -23.68 -30.22 14.05
N SER C 184 -22.42 -30.12 13.60
CA SER C 184 -21.47 -29.27 14.28
C SER C 184 -21.91 -27.81 14.28
N GLN C 185 -22.22 -27.27 13.10
CA GLN C 185 -22.58 -25.86 13.04
C GLN C 185 -23.88 -25.56 13.76
N ALA C 186 -24.60 -26.60 14.21
CA ALA C 186 -25.76 -26.35 15.05
C ALA C 186 -25.34 -26.06 16.47
N LEU C 187 -24.35 -26.79 16.99
CA LEU C 187 -23.86 -26.47 18.32
C LEU C 187 -23.22 -25.08 18.33
N GLY C 188 -22.50 -24.74 17.26
CA GLY C 188 -21.76 -23.49 17.24
C GLY C 188 -22.65 -22.27 17.40
N TRP C 189 -23.88 -22.35 16.89
CA TRP C 189 -24.81 -21.25 17.14
C TRP C 189 -25.53 -21.43 18.45
N SER C 190 -26.03 -22.64 18.71
CA SER C 190 -26.75 -22.88 19.97
C SER C 190 -25.81 -22.85 21.17
N PHE C 191 -24.51 -22.72 20.93
CA PHE C 191 -23.60 -22.42 22.03
C PHE C 191 -23.40 -20.92 22.17
N VAL C 192 -22.97 -20.24 21.10
CA VAL C 192 -22.67 -18.82 21.21
C VAL C 192 -23.90 -18.03 21.59
N LEU C 193 -25.08 -18.53 21.23
CA LEU C 193 -26.31 -17.91 21.73
C LEU C 193 -26.36 -17.95 23.25
N LEU C 194 -26.24 -19.14 23.83
CA LEU C 194 -26.37 -19.29 25.28
C LEU C 194 -25.36 -18.45 26.03
N THR C 195 -24.12 -18.37 25.53
CA THR C 195 -23.11 -17.58 26.22
C THR C 195 -23.46 -16.10 26.22
N THR C 196 -23.77 -15.54 25.05
CA THR C 196 -24.05 -14.11 25.00
C THR C 196 -25.28 -13.77 25.81
N LEU C 197 -26.29 -14.62 25.78
CA LEU C 197 -27.43 -14.41 26.65
C LEU C 197 -27.02 -14.43 28.11
N LEU C 198 -26.03 -15.23 28.46
CA LEU C 198 -25.54 -15.24 29.83
C LEU C 198 -24.61 -14.06 30.09
N ALA C 199 -24.16 -13.38 29.03
CA ALA C 199 -23.49 -12.10 29.22
C ALA C 199 -24.50 -11.04 29.60
N PHE C 200 -25.77 -11.27 29.28
CA PHE C 200 -26.80 -10.29 29.61
C PHE C 200 -27.01 -10.21 31.11
N VAL C 201 -27.40 -11.36 31.58
CA VAL C 201 -27.72 -11.50 32.92
C VAL C 201 -26.65 -10.99 33.77
N VAL C 202 -25.38 -11.24 33.49
CA VAL C 202 -24.40 -10.82 34.47
C VAL C 202 -24.35 -9.36 34.76
N ARG C 203 -24.29 -8.56 33.69
CA ARG C 203 -24.22 -7.15 33.86
C ARG C 203 -25.51 -6.70 34.45
N SER C 204 -26.56 -7.20 33.82
CA SER C 204 -27.87 -6.76 34.21
C SER C 204 -28.29 -7.04 35.60
N VAL C 205 -27.74 -8.05 36.28
CA VAL C 205 -28.11 -8.08 37.63
C VAL C 205 -27.14 -7.55 38.55
N ARG C 206 -25.90 -7.99 38.59
CA ARG C 206 -25.40 -7.75 40.02
C ARG C 206 -24.01 -8.11 40.53
N PRO C 207 -23.85 -9.41 41.09
CA PRO C 207 -22.63 -10.04 41.63
C PRO C 207 -21.50 -9.08 41.95
N CYS C 208 -21.59 -8.46 43.13
CA CYS C 208 -20.52 -7.65 43.71
C CYS C 208 -20.33 -6.32 42.96
N PHE C 209 -21.45 -5.65 42.70
CA PHE C 209 -21.45 -4.31 42.12
C PHE C 209 -21.69 -3.23 43.15
N THR C 210 -21.51 -3.55 44.43
CA THR C 210 -21.85 -2.64 45.52
C THR C 210 -21.15 -1.30 45.39
N GLN C 211 -21.92 -0.22 45.54
CA GLN C 211 -21.38 1.12 45.38
C GLN C 211 -20.26 1.39 46.37
N ALA C 212 -20.32 0.74 47.54
CA ALA C 212 -19.28 0.94 48.53
C ALA C 212 -17.92 0.51 47.99
N ALA C 213 -17.78 -0.77 47.65
CA ALA C 213 -16.44 -1.32 47.44
C ALA C 213 -15.90 -0.92 46.08
N PHE C 214 -16.79 -0.70 45.11
CA PHE C 214 -16.33 -0.20 43.82
C PHE C 214 -15.56 1.10 44.00
N LEU C 215 -16.04 1.96 44.90
CA LEU C 215 -15.37 3.22 45.14
C LEU C 215 -13.96 3.00 45.69
N LYS C 216 -13.85 2.24 46.78
CA LYS C 216 -12.56 2.03 47.41
C LYS C 216 -11.56 1.45 46.43
N SER C 217 -12.02 0.56 45.57
CA SER C 217 -11.12 -0.06 44.61
C SER C 217 -10.51 0.95 43.67
N LYS C 218 -11.35 1.60 42.85
CA LYS C 218 -10.84 2.48 41.81
C LYS C 218 -10.03 3.61 42.40
N TYR C 219 -10.36 4.04 43.61
CA TYR C 219 -9.49 4.95 44.33
C TYR C 219 -8.11 4.34 44.53
N TRP C 220 -8.08 3.10 45.02
CA TRP C 220 -6.82 2.48 45.36
C TRP C 220 -5.94 2.29 44.15
N SER C 221 -6.47 1.64 43.10
CA SER C 221 -5.68 1.41 41.90
C SER C 221 -5.26 2.71 41.27
N HIS C 222 -6.06 3.77 41.44
CA HIS C 222 -5.62 5.07 41.00
C HIS C 222 -4.43 5.56 41.83
N TYR C 223 -4.35 5.11 43.07
CA TYR C 223 -3.31 5.63 43.97
C TYR C 223 -1.96 5.04 43.65
N ILE C 224 -1.93 3.77 43.23
CA ILE C 224 -0.66 3.13 42.92
C ILE C 224 0.02 3.84 41.76
N ASP C 225 -0.77 4.40 40.85
CA ASP C 225 -0.19 5.09 39.70
C ASP C 225 0.64 6.28 40.15
N ILE C 226 0.05 7.17 40.94
CA ILE C 226 0.77 8.38 41.34
C ILE C 226 1.98 8.04 42.18
N GLU C 227 1.92 6.95 42.93
CA GLU C 227 3.07 6.57 43.75
C GLU C 227 4.28 6.25 42.90
N ARG C 228 4.11 5.36 41.91
CA ARG C 228 5.23 4.99 41.06
C ARG C 228 5.72 6.19 40.26
N LYS C 229 4.81 6.93 39.63
CA LYS C 229 5.20 8.05 38.80
C LYS C 229 5.94 9.11 39.61
N LEU C 230 5.57 9.30 40.86
CA LEU C 230 6.17 10.36 41.65
C LEU C 230 7.51 9.97 42.25
N PHE C 231 7.75 8.67 42.49
CA PHE C 231 9.00 8.28 43.11
C PHE C 231 10.19 8.63 42.22
N ASP C 232 10.02 8.49 40.92
CA ASP C 232 11.10 8.80 39.99
C ASP C 232 11.53 10.26 40.09
N GLU C 233 10.61 11.15 40.43
CA GLU C 233 10.96 12.56 40.54
C GLU C 233 12.03 12.78 41.61
N THR C 234 11.80 12.25 42.81
CA THR C 234 12.75 12.46 43.89
C THR C 234 14.12 11.87 43.55
N CYS C 235 14.13 10.72 42.88
CA CYS C 235 15.39 10.09 42.53
C CYS C 235 16.20 10.98 41.60
N THR C 236 15.65 11.27 40.42
CA THR C 236 16.35 12.12 39.46
C THR C 236 16.69 13.46 40.07
N GLU C 237 15.81 13.98 40.93
CA GLU C 237 16.15 15.19 41.66
C GLU C 237 17.30 14.94 42.61
N HIS C 238 17.13 14.00 43.54
CA HIS C 238 18.16 13.76 44.55
C HIS C 238 19.48 13.32 43.93
N ALA C 239 19.42 12.67 42.77
CA ALA C 239 20.65 12.24 42.12
C ALA C 239 21.39 13.41 41.49
N LYS C 240 20.64 14.35 40.89
CA LYS C 240 21.26 15.46 40.17
C LYS C 240 22.22 16.25 41.05
N ALA C 241 21.84 16.46 42.31
CA ALA C 241 22.74 17.12 43.24
C ALA C 241 23.97 16.29 43.53
N PHE C 242 23.91 14.99 43.31
CA PHE C 242 25.02 14.12 43.66
C PHE C 242 26.04 13.95 42.54
N ALA C 243 25.61 14.02 41.28
CA ALA C 243 26.55 13.80 40.19
C ALA C 243 27.59 14.91 40.10
N LYS C 244 27.21 16.14 40.46
CA LYS C 244 28.08 17.29 40.24
C LYS C 244 29.40 17.15 40.99
N VAL C 245 29.38 16.45 42.13
CA VAL C 245 30.62 16.31 42.89
C VAL C 245 31.62 15.43 42.16
N CYS C 246 31.16 14.40 41.45
CA CYS C 246 32.10 13.46 40.85
C CYS C 246 32.48 13.86 39.43
N ILE C 247 31.49 14.21 38.60
CA ILE C 247 31.76 14.53 37.20
C ILE C 247 32.79 15.64 37.07
N GLN C 248 32.75 16.61 37.98
CA GLN C 248 33.77 17.65 37.96
C GLN C 248 35.16 17.07 38.20
N GLN C 249 35.26 15.96 38.92
CA GLN C 249 36.57 15.40 39.21
C GLN C 249 37.22 14.85 37.96
N PHE C 250 36.42 14.31 37.03
CA PHE C 250 36.97 13.86 35.76
C PHE C 250 37.61 15.01 35.02
N PHE C 251 36.90 16.12 34.89
CA PHE C 251 37.53 17.36 34.49
C PHE C 251 38.58 17.75 35.52
N GLU C 252 39.59 18.48 35.06
CA GLU C 252 40.62 19.01 35.96
C GLU C 252 41.42 17.90 36.63
N ALA C 253 41.28 16.66 36.15
CA ALA C 253 41.86 15.52 36.83
C ALA C 253 42.58 14.61 35.87
N MET C 254 42.43 14.85 34.58
CA MET C 254 43.20 14.08 33.60
C MET C 254 44.53 14.76 33.30
N ASN C 255 44.50 16.02 32.87
CA ASN C 255 45.69 16.81 32.68
C ASN C 255 45.49 18.26 33.11
N HIS C 256 44.28 18.66 33.48
CA HIS C 256 43.93 20.05 33.76
C HIS C 256 44.09 20.94 32.53
N ASP C 257 44.18 20.33 31.36
CA ASP C 257 44.36 21.04 30.10
C ASP C 257 44.44 20.00 28.99
N LEU C 258 44.61 20.50 27.78
CA LEU C 258 44.84 19.66 26.61
C LEU C 258 46.21 19.98 26.04
N GLU C 259 46.90 18.94 25.58
CA GLU C 259 48.16 19.11 24.89
C GLU C 259 47.99 19.71 23.50
N LEU C 260 46.78 19.68 22.96
CA LEU C 260 46.49 20.21 21.63
C LEU C 260 46.45 21.73 21.59
N GLY C 261 46.80 22.40 22.67
CA GLY C 261 46.88 23.85 22.66
C GLY C 261 47.91 24.32 21.64
N HIS C 262 47.46 25.09 20.67
CA HIS C 262 48.34 25.59 19.63
C HIS C 262 48.93 26.94 20.02
N MET D 1 -15.87 -14.28 -3.68
CA MET D 1 -16.77 -14.17 -2.54
C MET D 1 -16.40 -12.96 -1.70
N MET D 2 -15.21 -12.42 -1.95
CA MET D 2 -14.75 -11.25 -1.21
C MET D 2 -15.58 -10.01 -1.48
N ASP D 3 -16.37 -10.00 -2.58
CA ASP D 3 -17.05 -8.80 -2.99
C ASP D 3 -18.04 -8.29 -1.94
N LYS D 4 -18.78 -9.18 -1.30
CA LYS D 4 -19.83 -8.75 -0.38
C LYS D 4 -19.24 -8.04 0.84
N PHE D 5 -17.99 -8.34 1.17
CA PHE D 5 -17.36 -7.78 2.36
C PHE D 5 -16.17 -6.88 2.03
N ARG D 6 -15.47 -7.14 0.93
CA ARG D 6 -14.35 -6.27 0.57
C ARG D 6 -14.83 -4.85 0.26
N MET D 7 -16.10 -4.72 -0.11
CA MET D 7 -16.70 -3.41 -0.34
C MET D 7 -16.67 -2.51 0.89
N ILE D 8 -17.24 -2.96 1.99
CA ILE D 8 -17.18 -2.19 3.23
C ILE D 8 -15.74 -2.09 3.72
N PHE D 9 -14.88 -3.03 3.31
CA PHE D 9 -13.46 -2.99 3.68
C PHE D 9 -12.78 -1.69 3.27
N GLN D 10 -12.83 -1.34 1.98
CA GLN D 10 -12.32 -0.05 1.57
C GLN D 10 -13.25 1.08 2.00
N PHE D 11 -14.55 0.80 2.08
CA PHE D 11 -15.48 1.78 2.63
C PHE D 11 -15.13 2.10 4.08
N LEU D 12 -14.82 1.08 4.86
CA LEU D 12 -14.19 1.30 6.15
C LEU D 12 -12.87 2.05 5.98
N GLN D 13 -12.05 1.60 5.03
CA GLN D 13 -10.83 2.31 4.69
C GLN D 13 -11.09 3.70 4.15
N SER D 14 -12.32 3.97 3.68
CA SER D 14 -12.62 5.25 3.04
C SER D 14 -12.42 6.44 3.97
N ASN D 15 -13.20 6.55 5.03
CA ASN D 15 -13.12 7.72 5.90
C ASN D 15 -13.53 7.31 7.30
N GLN D 16 -13.67 8.32 8.16
CA GLN D 16 -14.03 8.12 9.56
C GLN D 16 -15.17 9.08 9.94
N GLU D 17 -16.19 9.14 9.10
CA GLU D 17 -17.33 10.02 9.33
C GLU D 17 -18.57 9.20 9.60
N SER D 18 -19.06 9.26 10.83
CA SER D 18 -20.25 8.51 11.22
C SER D 18 -20.78 8.96 12.58
N PHE D 19 -21.71 8.19 13.13
CA PHE D 19 -22.30 8.48 14.43
C PHE D 19 -22.45 7.16 15.20
N MET D 20 -23.29 7.16 16.23
CA MET D 20 -23.63 5.95 16.98
C MET D 20 -24.00 4.81 16.04
N ASN D 21 -24.79 5.10 15.00
CA ASN D 21 -25.01 4.13 13.94
C ASN D 21 -23.70 3.77 13.26
N GLY D 22 -22.82 4.75 13.03
CA GLY D 22 -21.48 4.43 12.57
C GLY D 22 -20.69 3.67 13.63
N ILE D 23 -20.96 3.97 14.90
CA ILE D 23 -20.44 3.11 15.97
C ILE D 23 -21.03 1.72 15.85
N CYS D 24 -22.33 1.64 15.54
CA CYS D 24 -22.90 0.36 15.12
C CYS D 24 -22.27 -0.12 13.83
N GLY D 25 -21.79 0.82 13.00
CA GLY D 25 -21.01 0.45 11.84
C GLY D 25 -19.75 -0.31 12.20
N ILE D 26 -19.24 -0.10 13.41
CA ILE D 26 -18.11 -0.89 13.88
C ILE D 26 -18.47 -2.36 13.91
N MET D 27 -19.69 -2.67 14.37
CA MET D 27 -20.11 -4.07 14.47
C MET D 27 -20.74 -4.55 13.16
N ALA D 28 -21.84 -3.93 12.74
CA ALA D 28 -22.68 -4.54 11.71
C ALA D 28 -21.98 -4.56 10.35
N LEU D 29 -21.05 -3.63 10.11
CA LEU D 29 -20.22 -3.73 8.92
C LEU D 29 -19.49 -5.07 8.91
N ALA D 30 -19.01 -5.51 10.06
CA ALA D 30 -18.56 -6.89 10.20
C ALA D 30 -19.69 -7.86 9.91
N SER D 31 -20.91 -7.53 10.33
CA SER D 31 -22.05 -8.39 10.03
C SER D 31 -22.32 -8.42 8.54
N ALA D 32 -22.01 -7.34 7.84
CA ALA D 32 -22.04 -7.38 6.39
C ALA D 32 -20.91 -8.25 5.85
N GLN D 33 -19.87 -8.46 6.65
CA GLN D 33 -18.69 -9.16 6.17
C GLN D 33 -18.57 -10.54 6.79
N MET D 34 -18.99 -10.69 8.05
CA MET D 34 -18.91 -11.96 8.76
C MET D 34 -19.60 -13.08 7.99
N TYR D 35 -20.62 -12.73 7.19
CA TYR D 35 -21.22 -13.71 6.30
C TYR D 35 -20.18 -14.28 5.33
N SER D 36 -19.22 -13.45 4.92
CA SER D 36 -18.34 -13.82 3.83
C SER D 36 -17.46 -15.03 4.16
N ALA D 37 -16.82 -15.02 5.33
CA ALA D 37 -15.91 -16.10 5.70
C ALA D 37 -16.61 -17.28 6.35
N PHE D 38 -17.78 -17.05 6.95
CA PHE D 38 -18.59 -18.15 7.47
C PHE D 38 -19.30 -18.88 6.36
N ASP D 39 -18.89 -20.11 6.11
CA ASP D 39 -19.33 -20.85 4.93
C ASP D 39 -20.80 -21.24 5.11
N PHE D 40 -21.37 -21.84 4.07
CA PHE D 40 -22.73 -22.36 4.10
C PHE D 40 -22.78 -23.61 3.23
N ASN D 41 -23.40 -24.67 3.75
CA ASN D 41 -23.48 -25.94 3.03
C ASN D 41 -24.56 -26.77 3.69
N CYS D 42 -25.57 -27.16 2.93
CA CYS D 42 -26.72 -27.80 3.53
C CYS D 42 -26.61 -29.32 3.42
N PRO D 43 -27.26 -30.04 4.32
CA PRO D 43 -27.09 -31.50 4.40
C PRO D 43 -27.43 -32.24 3.13
N CYS D 44 -28.28 -31.68 2.29
CA CYS D 44 -28.87 -32.38 1.15
C CYS D 44 -29.28 -33.80 1.54
N LEU D 45 -30.23 -33.87 2.47
CA LEU D 45 -30.96 -34.98 3.03
C LEU D 45 -32.46 -34.68 2.99
N PRO D 46 -33.33 -35.64 3.29
CA PRO D 46 -34.74 -35.48 2.92
C PRO D 46 -35.53 -34.48 3.76
N GLY D 47 -35.26 -34.36 5.05
CA GLY D 47 -36.11 -33.51 5.86
C GLY D 47 -35.36 -32.52 6.72
N TYR D 48 -34.06 -32.69 6.84
CA TYR D 48 -33.25 -31.82 7.67
C TYR D 48 -33.16 -30.41 7.12
N ASN D 49 -33.26 -30.23 5.81
CA ASN D 49 -33.04 -28.91 5.19
C ASN D 49 -33.94 -27.87 5.82
N ALA D 50 -35.26 -28.06 5.73
CA ALA D 50 -36.19 -27.05 6.21
C ALA D 50 -36.02 -26.81 7.71
N ALA D 51 -35.44 -27.77 8.43
CA ALA D 51 -34.97 -27.45 9.77
C ALA D 51 -33.72 -26.59 9.71
N TYR D 52 -32.72 -27.01 8.94
CA TYR D 52 -31.41 -26.38 9.04
C TYR D 52 -31.42 -24.96 8.53
N SER D 53 -32.14 -24.69 7.45
CA SER D 53 -32.08 -23.35 6.90
C SER D 53 -32.68 -22.34 7.85
N ALA D 54 -33.74 -22.72 8.56
CA ALA D 54 -34.32 -21.80 9.53
C ALA D 54 -33.34 -21.48 10.64
N GLY D 55 -32.30 -22.27 10.78
CA GLY D 55 -31.26 -21.94 11.72
C GLY D 55 -30.49 -20.70 11.34
N ILE D 56 -30.39 -20.42 10.05
CA ILE D 56 -29.53 -19.31 9.64
C ILE D 56 -30.37 -18.11 9.20
N LEU D 57 -31.61 -18.01 9.68
CA LEU D 57 -32.32 -16.75 9.61
C LEU D 57 -32.88 -16.30 10.94
N LEU D 58 -32.65 -17.03 12.02
CA LEU D 58 -33.18 -16.64 13.31
C LEU D 58 -32.14 -16.59 14.42
N ALA D 59 -31.19 -17.51 14.44
CA ALA D 59 -30.27 -17.43 15.56
C ALA D 59 -29.24 -16.34 15.32
N PRO D 60 -28.45 -16.38 14.25
CA PRO D 60 -27.43 -15.36 14.04
C PRO D 60 -27.98 -13.95 13.95
N PRO D 61 -29.23 -13.76 13.53
CA PRO D 61 -29.82 -12.43 13.76
C PRO D 61 -29.96 -12.12 15.23
N LEU D 62 -30.63 -12.99 15.97
CA LEU D 62 -30.93 -12.71 17.37
C LEU D 62 -29.67 -12.48 18.19
N VAL D 63 -28.58 -13.16 17.83
CA VAL D 63 -27.31 -12.88 18.50
C VAL D 63 -26.88 -11.46 18.27
N LEU D 64 -26.91 -11.00 17.02
CA LEU D 64 -26.44 -9.65 16.74
C LEU D 64 -27.33 -8.61 17.42
N PHE D 65 -28.57 -8.96 17.73
CA PHE D 65 -29.42 -8.04 18.47
C PHE D 65 -28.94 -7.89 19.89
N LEU D 66 -28.94 -8.97 20.66
CA LEU D 66 -28.54 -8.92 22.06
C LEU D 66 -27.12 -8.42 22.25
N LEU D 67 -26.27 -8.58 21.24
CA LEU D 67 -24.93 -8.01 21.34
C LEU D 67 -24.95 -6.51 21.13
N GLY D 68 -26.12 -5.96 20.79
CA GLY D 68 -26.23 -4.52 20.69
C GLY D 68 -26.60 -3.87 22.01
N LEU D 69 -27.51 -4.49 22.76
CA LEU D 69 -27.87 -3.95 24.05
C LEU D 69 -26.68 -3.94 25.00
N VAL D 70 -26.06 -5.11 25.20
CA VAL D 70 -24.96 -5.21 26.15
C VAL D 70 -23.79 -4.34 25.73
N MET D 71 -23.67 -4.04 24.44
CA MET D 71 -22.50 -3.33 23.96
C MET D 71 -22.48 -1.87 24.40
N ASN D 72 -23.65 -1.27 24.54
CA ASN D 72 -23.68 0.14 24.92
C ASN D 72 -23.81 0.31 26.43
N ASN D 73 -23.33 1.45 26.91
CA ASN D 73 -23.10 1.69 28.34
C ASN D 73 -24.29 2.35 29.03
N ASN D 74 -25.48 1.78 28.89
CA ASN D 74 -26.66 2.36 29.50
C ASN D 74 -27.53 1.38 30.25
N VAL D 75 -27.50 0.09 29.91
CA VAL D 75 -28.54 -0.83 30.34
C VAL D 75 -28.56 -0.98 31.85
N SER D 76 -27.42 -0.81 32.51
CA SER D 76 -27.38 -0.88 33.96
C SER D 76 -28.29 0.16 34.59
N MET D 77 -28.18 1.41 34.13
CA MET D 77 -28.99 2.48 34.69
C MET D 77 -30.48 2.21 34.53
N LEU D 78 -30.87 1.60 33.42
CA LEU D 78 -32.25 1.16 33.28
C LEU D 78 -32.49 -0.11 34.08
N ALA D 79 -31.55 -1.05 34.03
CA ALA D 79 -31.73 -2.30 34.77
C ALA D 79 -31.74 -2.04 36.27
N GLU D 80 -30.87 -1.15 36.75
CA GLU D 80 -30.81 -0.86 38.18
C GLU D 80 -32.12 -0.27 38.67
N GLU D 81 -32.62 0.77 37.98
CA GLU D 81 -33.78 1.48 38.47
C GLU D 81 -35.10 0.78 38.16
N TRP D 82 -35.07 -0.29 37.37
CA TRP D 82 -36.29 -1.04 37.13
C TRP D 82 -36.57 -2.03 38.26
N LYS D 83 -35.55 -2.79 38.65
CA LYS D 83 -35.69 -3.75 39.74
C LYS D 83 -36.13 -3.09 41.04
N ARG D 84 -35.75 -1.84 41.29
CA ARG D 84 -36.18 -1.15 42.48
C ARG D 84 -37.70 -0.93 42.46
N PRO D 85 -38.28 -0.59 43.60
CA PRO D 85 -39.73 -0.37 43.65
C PRO D 85 -40.09 0.98 43.04
N PRO D 86 -41.31 1.12 42.52
CA PRO D 86 -41.78 2.45 42.09
C PRO D 86 -41.78 3.43 43.27
N GLY D 87 -41.76 4.72 42.94
CA GLY D 87 -41.70 5.75 43.95
C GLY D 87 -40.26 6.10 44.29
N ARG D 88 -39.47 5.11 44.70
CA ARG D 88 -38.05 5.31 44.90
C ARG D 88 -37.31 5.65 43.61
N ARG D 89 -37.90 5.34 42.46
CA ARG D 89 -37.29 5.63 41.17
C ARG D 89 -37.04 7.13 41.06
N ALA D 90 -35.78 7.52 40.94
CA ALA D 90 -35.42 8.92 40.78
C ALA D 90 -35.74 9.46 39.39
N LYS D 91 -36.42 8.69 38.56
CA LYS D 91 -36.73 9.09 37.20
C LYS D 91 -38.18 8.74 36.84
N ASP D 92 -38.80 9.60 36.06
CA ASP D 92 -40.17 9.39 35.64
C ASP D 92 -40.25 8.20 34.69
N PRO D 93 -41.40 7.54 34.63
CA PRO D 93 -41.63 6.55 33.57
C PRO D 93 -41.35 7.09 32.18
N ALA D 94 -41.63 8.37 31.93
CA ALA D 94 -41.40 8.96 30.62
C ALA D 94 -39.94 8.84 30.22
N VAL D 95 -39.03 9.34 31.06
CA VAL D 95 -37.61 9.25 30.74
C VAL D 95 -37.17 7.80 30.69
N LEU D 96 -37.80 6.94 31.48
CA LEU D 96 -37.54 5.52 31.32
C LEU D 96 -38.02 5.03 29.96
N ARG D 97 -39.31 5.22 29.66
CA ARG D 97 -39.88 4.67 28.44
C ARG D 97 -39.15 5.17 27.21
N TYR D 98 -38.84 6.47 27.16
CA TYR D 98 -38.07 6.96 26.03
C TYR D 98 -36.69 6.32 25.99
N MET D 99 -35.90 6.53 27.04
CA MET D 99 -34.52 6.06 27.04
C MET D 99 -34.41 4.57 26.81
N PHE D 100 -35.39 3.79 27.26
CA PHE D 100 -35.42 2.39 26.90
C PHE D 100 -35.70 2.16 25.43
N CYS D 101 -36.60 2.93 24.84
CA CYS D 101 -36.89 2.81 23.42
C CYS D 101 -35.76 3.30 22.53
N SER D 102 -34.95 4.23 23.02
CA SER D 102 -33.82 4.69 22.21
C SER D 102 -32.65 3.74 22.28
N MET D 103 -32.85 2.56 22.86
CA MET D 103 -31.85 1.52 22.75
C MET D 103 -32.15 0.59 21.58
N ALA D 104 -33.43 0.30 21.37
CA ALA D 104 -33.82 -0.56 20.26
C ALA D 104 -33.39 0.03 18.92
N GLN D 105 -33.78 1.28 18.65
CA GLN D 105 -33.58 1.84 17.32
C GLN D 105 -32.11 2.12 17.03
N ARG D 106 -31.23 1.85 17.98
CA ARG D 106 -29.81 1.85 17.66
C ARG D 106 -29.29 0.43 17.54
N ALA D 107 -30.05 -0.55 18.01
CA ALA D 107 -29.63 -1.93 17.91
C ALA D 107 -30.13 -2.57 16.63
N LEU D 108 -31.29 -2.13 16.14
CA LEU D 108 -31.91 -2.78 15.00
C LEU D 108 -31.17 -2.55 13.68
N TRP D 109 -30.14 -1.72 13.76
CA TRP D 109 -29.36 -1.34 12.60
C TRP D 109 -28.42 -2.43 12.18
N ALA D 110 -28.68 -3.63 12.67
CA ALA D 110 -27.84 -4.75 12.33
C ALA D 110 -28.74 -5.87 11.91
N PRO D 111 -29.56 -6.36 12.84
CA PRO D 111 -30.37 -7.52 12.46
C PRO D 111 -31.32 -7.29 11.31
N VAL D 112 -31.10 -6.24 10.51
CA VAL D 112 -31.86 -6.11 9.29
C VAL D 112 -30.92 -6.20 8.10
N VAL D 113 -29.65 -5.87 8.33
CA VAL D 113 -28.65 -6.03 7.27
C VAL D 113 -28.28 -7.50 7.14
N TRP D 114 -28.45 -8.28 8.21
CA TRP D 114 -28.10 -9.68 8.12
C TRP D 114 -29.32 -10.53 7.82
N VAL D 115 -30.40 -9.91 7.40
CA VAL D 115 -31.50 -10.68 6.82
C VAL D 115 -31.67 -10.34 5.36
N ALA D 116 -31.30 -9.13 4.98
CA ALA D 116 -31.16 -8.86 3.55
C ALA D 116 -30.03 -9.67 2.96
N VAL D 117 -28.81 -9.52 3.50
CA VAL D 117 -27.63 -10.00 2.81
C VAL D 117 -27.46 -11.51 2.92
N THR D 118 -28.43 -12.20 3.51
CA THR D 118 -28.53 -13.63 3.29
C THR D 118 -29.84 -14.02 2.65
N LEU D 119 -30.51 -13.09 1.99
CA LEU D 119 -31.50 -13.44 0.99
C LEU D 119 -31.04 -13.13 -0.41
N LEU D 120 -30.30 -12.03 -0.61
CA LEU D 120 -29.94 -11.63 -1.97
C LEU D 120 -29.00 -12.61 -2.61
N ASP D 121 -28.32 -13.44 -1.82
CA ASP D 121 -27.49 -14.45 -2.45
C ASP D 121 -28.15 -15.81 -2.45
N GLY D 122 -29.35 -15.91 -1.89
CA GLY D 122 -30.21 -17.03 -2.15
C GLY D 122 -29.80 -18.36 -1.56
N LYS D 123 -28.53 -18.52 -1.17
CA LYS D 123 -28.07 -19.78 -0.62
C LYS D 123 -28.93 -20.21 0.55
N CYS D 124 -29.25 -19.27 1.44
CA CYS D 124 -30.09 -19.59 2.57
C CYS D 124 -31.47 -20.05 2.13
N PHE D 125 -31.93 -19.58 0.99
CA PHE D 125 -33.28 -19.94 0.56
C PHE D 125 -33.27 -21.20 -0.28
N LEU D 126 -32.17 -21.47 -0.97
CA LEU D 126 -32.13 -22.59 -1.88
C LEU D 126 -32.30 -23.92 -1.15
N CYS D 127 -31.54 -24.12 -0.08
CA CYS D 127 -31.63 -25.36 0.67
C CYS D 127 -32.86 -25.45 1.53
N ALA D 128 -33.83 -24.56 1.36
CA ALA D 128 -34.95 -24.53 2.26
C ALA D 128 -36.26 -24.89 1.56
N PHE D 129 -36.29 -24.81 0.24
CA PHE D 129 -37.52 -25.12 -0.47
C PHE D 129 -37.27 -25.93 -1.72
N CYS D 130 -36.09 -26.51 -1.84
CA CYS D 130 -35.85 -27.34 -3.00
C CYS D 130 -36.68 -28.60 -3.00
N THR D 131 -37.13 -29.06 -1.83
CA THR D 131 -37.91 -30.29 -1.77
C THR D 131 -39.23 -30.19 -2.52
N ALA D 132 -39.76 -28.98 -2.68
CA ALA D 132 -41.00 -28.80 -3.41
C ALA D 132 -40.81 -27.78 -4.55
N VAL D 133 -40.32 -28.29 -5.66
CA VAL D 133 -40.26 -27.56 -6.92
C VAL D 133 -41.28 -28.20 -7.85
N PRO D 134 -42.00 -27.45 -8.65
CA PRO D 134 -42.88 -28.10 -9.63
C PRO D 134 -42.03 -28.68 -10.74
N VAL D 135 -41.85 -29.99 -10.71
CA VAL D 135 -40.93 -30.64 -11.63
C VAL D 135 -41.49 -30.67 -13.04
N SER D 136 -42.82 -30.67 -13.16
CA SER D 136 -43.45 -30.61 -14.47
C SER D 136 -43.18 -29.29 -15.18
N ALA D 137 -42.86 -28.23 -14.45
CA ALA D 137 -42.66 -26.92 -15.05
C ALA D 137 -41.24 -26.84 -15.59
N LEU D 138 -41.11 -26.77 -16.91
CA LEU D 138 -39.82 -26.74 -17.56
C LEU D 138 -39.03 -28.01 -17.24
N GLY D 139 -39.60 -29.14 -17.65
CA GLY D 139 -39.05 -30.42 -17.25
C GLY D 139 -38.51 -31.28 -18.37
N ASN D 140 -38.26 -30.69 -19.54
CA ASN D 140 -37.60 -31.38 -20.66
C ASN D 140 -38.37 -32.64 -21.05
N GLY D 141 -39.57 -32.43 -21.58
CA GLY D 141 -40.48 -33.52 -21.91
C GLY D 141 -40.88 -34.24 -20.63
N SER D 142 -41.59 -33.58 -19.73
CA SER D 142 -41.90 -34.18 -18.43
C SER D 142 -43.11 -35.10 -18.46
N LEU D 143 -43.58 -35.50 -17.28
CA LEU D 143 -44.70 -36.42 -17.17
C LEU D 143 -44.57 -37.35 -15.98
N ALA D 144 -43.47 -37.24 -15.23
CA ALA D 144 -43.24 -38.03 -14.03
C ALA D 144 -43.36 -39.51 -14.36
N PRO D 145 -42.34 -40.11 -15.00
CA PRO D 145 -42.49 -41.48 -15.50
C PRO D 145 -42.62 -42.50 -14.38
N GLY D 146 -43.79 -42.55 -13.76
CA GLY D 146 -44.07 -43.51 -12.72
C GLY D 146 -43.30 -43.30 -11.44
N LEU D 147 -42.73 -42.12 -11.23
CA LEU D 147 -41.88 -41.88 -10.08
C LEU D 147 -42.70 -41.88 -8.80
N PRO D 148 -42.22 -42.47 -7.72
CA PRO D 148 -42.99 -42.47 -6.47
C PRO D 148 -42.75 -41.22 -5.66
N ALA D 149 -43.40 -41.10 -4.50
CA ALA D 149 -43.10 -39.98 -3.62
C ALA D 149 -41.77 -40.17 -2.91
N PRO D 150 -41.56 -41.21 -2.12
CA PRO D 150 -40.22 -41.47 -1.59
C PRO D 150 -39.31 -41.89 -2.73
N GLU D 151 -38.01 -41.76 -2.49
CA GLU D 151 -37.00 -41.98 -3.53
C GLU D 151 -37.12 -40.98 -4.66
N LEU D 152 -37.82 -39.90 -4.43
CA LEU D 152 -37.82 -38.71 -5.25
C LEU D 152 -37.49 -37.48 -4.42
N ALA D 153 -37.99 -37.40 -3.20
CA ALA D 153 -37.47 -36.42 -2.25
C ALA D 153 -35.97 -36.57 -2.11
N ARG D 154 -35.47 -37.79 -2.05
CA ARG D 154 -34.03 -37.99 -2.06
C ARG D 154 -33.44 -37.75 -3.43
N LEU D 155 -34.29 -37.56 -4.44
CA LEU D 155 -33.80 -37.18 -5.75
C LEU D 155 -33.74 -35.66 -5.90
N LEU D 156 -34.84 -34.99 -5.56
CA LEU D 156 -34.82 -33.54 -5.60
C LEU D 156 -33.83 -32.96 -4.62
N ALA D 157 -33.80 -33.47 -3.39
CA ALA D 157 -33.19 -32.75 -2.30
C ALA D 157 -31.70 -32.55 -2.49
N ARG D 158 -31.06 -33.27 -3.39
CA ARG D 158 -29.64 -33.08 -3.53
C ARG D 158 -29.27 -31.82 -4.28
N VAL D 159 -30.26 -31.11 -4.82
CA VAL D 159 -30.01 -30.13 -5.89
C VAL D 159 -28.90 -29.14 -5.57
N PRO D 160 -28.79 -28.60 -4.36
CA PRO D 160 -27.69 -27.68 -4.10
C PRO D 160 -26.34 -28.36 -4.07
N CYS D 161 -26.25 -29.57 -3.58
CA CYS D 161 -24.95 -30.23 -3.51
C CYS D 161 -24.53 -30.62 -4.91
N PRO D 162 -23.62 -29.87 -5.55
CA PRO D 162 -23.42 -30.02 -7.00
C PRO D 162 -22.87 -31.37 -7.43
N GLU D 163 -21.70 -31.75 -6.93
CA GLU D 163 -21.03 -32.92 -7.50
C GLU D 163 -21.74 -34.22 -7.14
N ILE D 164 -22.63 -34.18 -6.15
CA ILE D 164 -23.36 -35.39 -5.78
C ILE D 164 -24.77 -35.41 -6.35
N TYR D 165 -25.04 -34.61 -7.37
CA TYR D 165 -26.38 -34.64 -7.96
C TYR D 165 -26.62 -35.95 -8.70
N ASP D 166 -27.84 -36.49 -8.56
CA ASP D 166 -28.16 -37.77 -9.18
C ASP D 166 -28.09 -37.69 -10.70
N GLY D 167 -28.99 -36.93 -11.32
CA GLY D 167 -29.02 -36.92 -12.77
C GLY D 167 -30.20 -36.24 -13.45
N ASP D 168 -30.34 -36.48 -14.74
CA ASP D 168 -31.22 -35.73 -15.61
C ASP D 168 -32.69 -36.12 -15.48
N TRP D 169 -33.03 -37.03 -14.58
CA TRP D 169 -34.40 -37.50 -14.51
C TRP D 169 -35.32 -36.37 -14.11
N LEU D 170 -36.08 -35.89 -15.08
CA LEU D 170 -37.09 -34.88 -14.83
C LEU D 170 -36.46 -33.58 -14.34
N LEU D 171 -35.18 -33.38 -14.63
CA LEU D 171 -34.56 -32.12 -14.25
C LEU D 171 -33.16 -32.06 -14.80
N ALA D 172 -32.74 -30.85 -15.14
CA ALA D 172 -31.32 -30.53 -15.24
C ALA D 172 -30.95 -29.83 -13.95
N ARG D 173 -29.67 -29.52 -13.78
CA ARG D 173 -29.31 -28.76 -12.60
C ARG D 173 -29.54 -27.28 -12.82
N GLU D 174 -29.12 -26.75 -13.97
CA GLU D 174 -29.12 -25.32 -14.14
C GLU D 174 -30.49 -24.76 -14.49
N VAL D 175 -31.56 -25.50 -14.23
CA VAL D 175 -32.90 -24.93 -14.36
C VAL D 175 -33.67 -25.09 -13.06
N ALA D 176 -33.23 -25.95 -12.16
CA ALA D 176 -33.84 -25.99 -10.84
C ALA D 176 -33.19 -24.97 -9.92
N VAL D 177 -31.88 -24.82 -10.01
CA VAL D 177 -31.24 -23.61 -9.52
C VAL D 177 -31.46 -22.61 -10.65
N ARG D 178 -31.19 -21.33 -10.39
CA ARG D 178 -31.45 -20.28 -11.36
C ARG D 178 -32.93 -20.17 -11.69
N TYR D 179 -33.76 -20.72 -10.83
CA TYR D 179 -35.17 -20.37 -10.75
C TYR D 179 -35.61 -20.26 -9.31
N LEU D 180 -34.80 -20.77 -8.39
CA LEU D 180 -34.98 -20.49 -6.98
C LEU D 180 -34.07 -19.37 -6.52
N ARG D 181 -33.13 -18.95 -7.34
CA ARG D 181 -32.40 -17.73 -7.01
C ARG D 181 -33.05 -16.52 -7.64
N CYS D 182 -34.07 -16.73 -8.47
CA CYS D 182 -34.91 -15.62 -8.89
C CYS D 182 -35.91 -15.25 -7.82
N ILE D 183 -36.76 -16.21 -7.44
CA ILE D 183 -37.79 -15.95 -6.43
C ILE D 183 -37.18 -15.37 -5.16
N SER D 184 -36.00 -15.87 -4.77
CA SER D 184 -35.36 -15.34 -3.58
C SER D 184 -35.05 -13.86 -3.72
N GLN D 185 -34.37 -13.48 -4.80
CA GLN D 185 -33.98 -12.08 -4.95
C GLN D 185 -35.19 -11.17 -5.11
N ALA D 186 -36.39 -11.73 -5.28
CA ALA D 186 -37.57 -10.89 -5.27
C ALA D 186 -37.96 -10.52 -3.84
N LEU D 187 -37.86 -11.46 -2.91
CA LEU D 187 -38.13 -11.10 -1.53
C LEU D 187 -37.11 -10.11 -1.03
N GLY D 188 -35.84 -10.29 -1.43
CA GLY D 188 -34.78 -9.46 -0.89
C GLY D 188 -34.98 -7.98 -1.18
N TRP D 189 -35.59 -7.66 -2.32
CA TRP D 189 -35.90 -6.27 -2.58
C TRP D 189 -37.25 -5.90 -1.98
N SER D 190 -38.26 -6.74 -2.17
CA SER D 190 -39.57 -6.42 -1.62
C SER D 190 -39.58 -6.54 -0.10
N PHE D 191 -38.47 -6.98 0.50
CA PHE D 191 -38.33 -6.85 1.94
C PHE D 191 -37.64 -5.55 2.30
N VAL D 192 -36.43 -5.32 1.76
CA VAL D 192 -35.67 -4.13 2.14
C VAL D 192 -36.42 -2.86 1.80
N LEU D 193 -37.26 -2.92 0.77
CA LEU D 193 -38.15 -1.79 0.49
C LEU D 193 -39.06 -1.52 1.67
N LEU D 194 -39.83 -2.52 2.10
CA LEU D 194 -40.80 -2.32 3.18
C LEU D 194 -40.15 -1.82 4.45
N THR D 195 -38.96 -2.32 4.79
CA THR D 195 -38.30 -1.87 6.01
C THR D 195 -37.92 -0.41 5.92
N THR D 196 -37.23 -0.01 4.86
CA THR D 196 -36.79 1.37 4.77
C THR D 196 -37.96 2.33 4.72
N LEU D 197 -39.03 1.94 4.02
CA LEU D 197 -40.24 2.75 4.06
C LEU D 197 -40.79 2.86 5.48
N LEU D 198 -40.62 1.81 6.27
CA LEU D 198 -41.06 1.87 7.67
C LEU D 198 -40.05 2.63 8.52
N ALA D 199 -38.85 2.85 8.00
CA ALA D 199 -37.94 3.78 8.66
C ALA D 199 -38.41 5.20 8.46
N PHE D 200 -39.21 5.43 7.42
CA PHE D 200 -39.71 6.77 7.16
C PHE D 200 -40.67 7.22 8.25
N VAL D 201 -41.70 6.43 8.30
CA VAL D 201 -42.75 6.69 9.17
C VAL D 201 -42.27 6.89 10.52
N VAL D 202 -41.32 6.12 11.02
CA VAL D 202 -41.01 6.30 12.43
C VAL D 202 -40.51 7.65 12.82
N ARG D 203 -39.53 8.14 12.06
CA ARG D 203 -38.97 9.42 12.37
C ARG D 203 -40.02 10.44 12.11
N SER D 204 -40.62 10.28 10.93
CA SER D 204 -41.58 11.26 10.52
C SER D 204 -42.77 11.44 11.36
N VAL D 205 -43.19 10.45 12.14
CA VAL D 205 -44.25 10.82 12.98
C VAL D 205 -43.86 11.10 14.36
N ARG D 206 -43.20 10.23 15.09
CA ARG D 206 -43.55 10.52 16.53
C ARG D 206 -43.01 9.75 17.74
N PRO D 207 -43.78 8.63 18.19
CA PRO D 207 -43.49 7.69 19.28
C PRO D 207 -42.46 8.17 20.29
N CYS D 208 -42.94 8.99 21.24
CA CYS D 208 -42.15 9.42 22.41
C CYS D 208 -41.04 10.40 22.03
N PHE D 209 -41.39 11.38 21.21
CA PHE D 209 -40.49 12.47 20.87
C PHE D 209 -40.78 13.74 21.65
N THR D 210 -41.53 13.63 22.75
CA THR D 210 -41.99 14.80 23.50
C THR D 210 -40.84 15.70 23.92
N GLN D 211 -41.02 17.00 23.68
CA GLN D 211 -39.97 17.97 23.98
C GLN D 211 -39.64 17.97 25.47
N ALA D 212 -40.62 17.63 26.30
CA ALA D 212 -40.35 17.58 27.74
C ALA D 212 -39.28 16.57 28.08
N ALA D 213 -39.53 15.30 27.77
CA ALA D 213 -38.70 14.24 28.35
C ALA D 213 -37.38 14.12 27.62
N PHE D 214 -37.36 14.48 26.34
CA PHE D 214 -36.09 14.51 25.62
C PHE D 214 -35.10 15.41 26.32
N LEU D 215 -35.59 16.54 26.84
CA LEU D 215 -34.71 17.46 27.54
C LEU D 215 -34.13 16.83 28.80
N LYS D 216 -34.99 16.30 29.66
CA LYS D 216 -34.53 15.73 30.92
C LYS D 216 -33.52 14.64 30.68
N SER D 217 -33.72 13.84 29.64
CA SER D 217 -32.82 12.75 29.35
C SER D 217 -31.42 13.24 29.05
N LYS D 218 -31.27 13.99 27.95
CA LYS D 218 -29.94 14.39 27.49
C LYS D 218 -29.22 15.20 28.54
N TYR D 219 -29.97 15.95 29.35
CA TYR D 219 -29.36 16.58 30.52
C TYR D 219 -28.78 15.52 31.44
N TRP D 220 -29.56 14.50 31.76
CA TRP D 220 -29.13 13.49 32.72
C TRP D 220 -27.90 12.75 32.24
N SER D 221 -27.96 12.18 31.04
CA SER D 221 -26.82 11.43 30.53
C SER D 221 -25.60 12.32 30.38
N HIS D 222 -25.82 13.61 30.15
CA HIS D 222 -24.69 14.53 30.16
C HIS D 222 -24.13 14.66 31.57
N TYR D 223 -24.97 14.47 32.58
CA TYR D 223 -24.52 14.70 33.95
C TYR D 223 -23.64 13.58 34.45
N ILE D 224 -23.93 12.35 34.03
CA ILE D 224 -23.12 11.22 34.47
C ILE D 224 -21.69 11.37 34.00
N ASP D 225 -21.49 11.99 32.85
CA ASP D 225 -20.13 12.17 32.33
C ASP D 225 -19.30 13.00 33.30
N ILE D 226 -19.78 14.19 33.65
CA ILE D 226 -18.99 15.08 34.50
C ILE D 226 -18.75 14.47 35.86
N GLU D 227 -19.68 13.64 36.34
CA GLU D 227 -19.51 13.02 37.64
C GLU D 227 -18.31 12.09 37.64
N ARG D 228 -18.25 11.17 36.69
CA ARG D 228 -17.13 10.24 36.63
C ARG D 228 -15.82 10.96 36.39
N LYS D 229 -15.80 11.86 35.41
CA LYS D 229 -14.56 12.57 35.08
C LYS D 229 -14.04 13.38 36.24
N LEU D 230 -14.95 13.93 37.05
CA LEU D 230 -14.51 14.82 38.12
C LEU D 230 -14.08 14.05 39.36
N PHE D 231 -14.60 12.84 39.59
CA PHE D 231 -14.23 12.10 40.79
C PHE D 231 -12.75 11.79 40.82
N ASP D 232 -12.17 11.48 39.65
CA ASP D 232 -10.76 11.17 39.58
C ASP D 232 -9.89 12.32 40.05
N GLU D 233 -10.35 13.55 39.85
CA GLU D 233 -9.57 14.71 40.26
C GLU D 233 -9.33 14.70 41.76
N THR D 234 -10.39 14.54 42.55
CA THR D 234 -10.25 14.57 44.00
C THR D 234 -9.35 13.43 44.48
N CYS D 235 -9.46 12.27 43.86
CA CYS D 235 -8.63 11.14 44.27
C CYS D 235 -7.16 11.44 44.08
N THR D 236 -6.74 11.70 42.84
CA THR D 236 -5.34 12.00 42.56
C THR D 236 -4.88 13.19 43.37
N GLU D 237 -5.77 14.17 43.57
CA GLU D 237 -5.44 15.27 44.46
C GLU D 237 -5.26 14.77 45.89
N HIS D 238 -6.31 14.17 46.45
CA HIS D 238 -6.26 13.76 47.85
C HIS D 238 -5.17 12.72 48.09
N ALA D 239 -4.83 11.94 47.08
CA ALA D 239 -3.77 10.95 47.24
C ALA D 239 -2.39 11.59 47.27
N LYS D 240 -2.18 12.61 46.45
CA LYS D 240 -0.86 13.23 46.33
C LYS D 240 -0.36 13.74 47.66
N ALA D 241 -1.25 14.32 48.47
CA ALA D 241 -0.85 14.74 49.80
C ALA D 241 -0.50 13.57 50.69
N PHE D 242 -0.98 12.37 50.37
CA PHE D 242 -0.77 11.22 51.23
C PHE D 242 0.51 10.46 50.92
N ALA D 243 0.96 10.45 49.66
CA ALA D 243 2.15 9.67 49.33
C ALA D 243 3.40 10.25 49.97
N LYS D 244 3.45 11.57 50.12
CA LYS D 244 4.68 12.23 50.57
C LYS D 244 5.11 11.73 51.95
N VAL D 245 4.16 11.33 52.79
CA VAL D 245 4.54 10.86 54.12
C VAL D 245 5.29 9.54 54.05
N CYS D 246 4.93 8.66 53.12
CA CYS D 246 5.54 7.34 53.12
C CYS D 246 6.77 7.26 52.24
N ILE D 247 6.70 7.81 51.02
CA ILE D 247 7.82 7.73 50.09
C ILE D 247 9.08 8.29 50.69
N GLN D 248 8.97 9.36 51.48
CA GLN D 248 10.13 9.90 52.16
C GLN D 248 10.73 8.88 53.12
N GLN D 249 9.91 7.98 53.66
CA GLN D 249 10.43 7.01 54.62
C GLN D 249 11.37 6.02 53.95
N PHE D 250 11.10 5.67 52.70
CA PHE D 250 12.01 4.81 51.95
C PHE D 250 13.38 5.46 51.85
N PHE D 251 13.42 6.71 51.42
CA PHE D 251 14.63 7.49 51.58
C PHE D 251 14.95 7.64 53.07
N GLU D 252 16.23 7.82 53.36
CA GLU D 252 16.68 8.06 54.73
C GLU D 252 16.39 6.88 55.65
N ALA D 253 16.03 5.72 55.08
CA ALA D 253 15.56 4.60 55.85
C ALA D 253 16.23 3.31 55.45
N MET D 254 16.96 3.34 54.34
CA MET D 254 17.73 2.17 53.94
C MET D 254 19.13 2.20 54.57
N ASN D 255 19.88 3.25 54.30
CA ASN D 255 21.17 3.47 54.93
C ASN D 255 21.41 4.93 55.27
N HIS D 256 20.51 5.85 54.89
CA HIS D 256 20.70 7.29 55.03
C HIS D 256 21.88 7.79 54.21
N ASP D 257 22.36 6.97 53.27
CA ASP D 257 23.50 7.29 52.44
C ASP D 257 23.75 6.12 51.51
N LEU D 258 24.76 6.27 50.67
CA LEU D 258 25.23 5.20 49.81
C LEU D 258 26.66 4.85 50.18
N GLU D 259 26.95 3.55 50.14
CA GLU D 259 28.31 3.08 50.35
C GLU D 259 29.23 3.42 49.19
N LEU D 260 28.67 3.76 48.03
CA LEU D 260 29.45 4.09 46.84
C LEU D 260 30.08 5.47 46.91
N GLY D 261 30.00 6.15 48.05
CA GLY D 261 30.69 7.43 48.20
C GLY D 261 32.20 7.24 48.05
N HIS D 262 32.76 7.93 47.07
CA HIS D 262 34.19 7.83 46.80
C HIS D 262 34.95 8.89 47.57
N MET E 1 -14.90 -7.34 -13.42
CA MET E 1 -16.14 -6.67 -13.03
C MET E 1 -15.84 -5.56 -12.03
N MET E 2 -14.62 -5.58 -11.49
CA MET E 2 -14.22 -4.57 -10.52
C MET E 2 -14.13 -3.18 -11.14
N ASP E 3 -14.06 -3.08 -12.48
CA ASP E 3 -13.80 -1.80 -13.12
C ASP E 3 -14.87 -0.76 -12.80
N LYS E 4 -16.15 -1.16 -12.80
CA LYS E 4 -17.22 -0.18 -12.64
C LYS E 4 -17.19 0.46 -11.26
N PHE E 5 -16.62 -0.23 -10.28
CA PHE E 5 -16.60 0.25 -8.91
C PHE E 5 -15.20 0.53 -8.39
N ARG E 6 -14.18 -0.17 -8.88
CA ARG E 6 -12.81 0.11 -8.45
C ARG E 6 -12.38 1.51 -8.87
N MET E 7 -13.02 2.06 -9.90
CA MET E 7 -12.76 3.43 -10.33
C MET E 7 -13.05 4.45 -9.26
N ILE E 8 -14.27 4.49 -8.74
CA ILE E 8 -14.59 5.39 -7.64
C ILE E 8 -13.81 5.02 -6.38
N PHE E 9 -13.36 3.76 -6.29
CA PHE E 9 -12.54 3.31 -5.16
C PHE E 9 -11.28 4.14 -4.99
N GLN E 10 -10.44 4.23 -6.02
CA GLN E 10 -9.29 5.13 -5.94
C GLN E 10 -9.72 6.58 -6.05
N PHE E 11 -10.81 6.85 -6.77
CA PHE E 11 -11.36 8.21 -6.79
C PHE E 11 -11.79 8.63 -5.40
N LEU E 12 -12.44 7.74 -4.67
CA LEU E 12 -12.62 7.95 -3.24
C LEU E 12 -11.28 8.07 -2.54
N GLN E 13 -10.36 7.16 -2.86
CA GLN E 13 -9.00 7.27 -2.36
C GLN E 13 -8.29 8.52 -2.85
N SER E 14 -8.78 9.15 -3.91
CA SER E 14 -8.09 10.29 -4.49
C SER E 14 -7.96 11.47 -3.53
N ASN E 15 -9.07 12.08 -3.13
CA ASN E 15 -9.01 13.27 -2.29
C ASN E 15 -10.26 13.34 -1.44
N GLN E 16 -10.42 14.45 -0.75
CA GLN E 16 -11.55 14.69 0.14
C GLN E 16 -12.15 16.06 -0.14
N GLU E 17 -12.38 16.35 -1.41
CA GLU E 17 -12.94 17.63 -1.83
C GLU E 17 -14.32 17.41 -2.40
N SER E 18 -15.34 17.90 -1.69
CA SER E 18 -16.72 17.77 -2.14
C SER E 18 -17.67 18.63 -1.32
N PHE E 19 -18.97 18.41 -1.49
CA PHE E 19 -20.01 19.14 -0.77
C PHE E 19 -21.10 18.16 -0.35
N MET E 20 -22.29 18.68 -0.02
CA MET E 20 -23.44 17.85 0.29
C MET E 20 -23.67 16.80 -0.77
N ASN E 21 -23.52 17.18 -2.05
CA ASN E 21 -23.49 16.18 -3.12
C ASN E 21 -22.33 15.21 -2.92
N GLY E 22 -21.17 15.71 -2.51
CA GLY E 22 -20.09 14.82 -2.11
C GLY E 22 -20.45 14.04 -0.86
N ILE E 23 -21.23 14.64 0.03
CA ILE E 23 -21.82 13.88 1.12
C ILE E 23 -22.77 12.83 0.57
N CYS E 24 -23.55 13.19 -0.45
CA CYS E 24 -24.27 12.19 -1.23
C CYS E 24 -23.29 11.26 -1.93
N GLY E 25 -22.09 11.76 -2.25
CA GLY E 25 -21.03 10.90 -2.76
C GLY E 25 -20.66 9.80 -1.78
N ILE E 26 -20.89 10.02 -0.49
CA ILE E 26 -20.69 8.97 0.48
C ILE E 26 -21.60 7.78 0.17
N MET E 27 -22.85 8.06 -0.20
CA MET E 27 -23.79 6.99 -0.48
C MET E 27 -23.71 6.54 -1.94
N ALA E 28 -23.99 7.45 -2.88
CA ALA E 28 -24.25 7.02 -4.25
C ALA E 28 -23.00 6.47 -4.93
N LEU E 29 -21.82 6.91 -4.50
CA LEU E 29 -20.60 6.27 -4.98
C LEU E 29 -20.64 4.78 -4.67
N ALA E 30 -21.15 4.42 -3.50
CA ALA E 30 -21.47 3.02 -3.24
C ALA E 30 -22.53 2.53 -4.21
N SER E 31 -23.50 3.38 -4.56
CA SER E 31 -24.51 2.98 -5.55
C SER E 31 -23.87 2.78 -6.91
N ALA E 32 -22.80 3.51 -7.20
CA ALA E 32 -22.02 3.19 -8.39
C ALA E 32 -21.28 1.87 -8.23
N GLN E 33 -21.09 1.44 -7.00
CA GLN E 33 -20.27 0.25 -6.74
C GLN E 33 -21.12 -0.92 -6.29
N MET E 34 -22.19 -0.65 -5.53
CA MET E 34 -23.07 -1.69 -5.02
C MET E 34 -23.60 -2.58 -6.14
N TYR E 35 -23.73 -2.02 -7.35
CA TYR E 35 -24.07 -2.85 -8.49
C TYR E 35 -23.03 -3.94 -8.72
N SER E 36 -21.77 -3.65 -8.41
CA SER E 36 -20.67 -4.54 -8.80
C SER E 36 -20.76 -5.89 -8.12
N ALA E 37 -20.95 -5.92 -6.79
CA ALA E 37 -20.98 -7.17 -6.04
C ALA E 37 -22.34 -7.84 -6.03
N PHE E 38 -23.42 -7.07 -6.22
CA PHE E 38 -24.74 -7.63 -6.37
C PHE E 38 -24.93 -8.24 -7.74
N ASP E 39 -25.03 -9.56 -7.81
CA ASP E 39 -24.99 -10.29 -9.07
C ASP E 39 -26.29 -10.03 -9.83
N PHE E 40 -26.37 -10.54 -11.06
CA PHE E 40 -27.57 -10.47 -11.87
C PHE E 40 -27.66 -11.76 -12.70
N ASN E 41 -28.82 -12.38 -12.73
CA ASN E 41 -29.03 -13.62 -13.47
C ASN E 41 -30.51 -13.83 -13.64
N CYS E 42 -30.97 -13.93 -14.87
CA CYS E 42 -32.39 -13.95 -15.11
C CYS E 42 -32.89 -15.38 -15.27
N PRO E 43 -34.17 -15.61 -14.99
CA PRO E 43 -34.70 -16.97 -14.94
C PRO E 43 -34.56 -17.76 -16.23
N CYS E 44 -34.44 -17.08 -17.36
CA CYS E 44 -34.52 -17.70 -18.68
C CYS E 44 -35.63 -18.75 -18.72
N LEU E 45 -36.85 -18.26 -18.54
CA LEU E 45 -38.16 -18.88 -18.60
C LEU E 45 -39.07 -18.04 -19.50
N PRO E 46 -40.27 -18.51 -19.85
CA PRO E 46 -41.00 -17.88 -20.96
C PRO E 46 -41.60 -16.52 -20.67
N GLY E 47 -42.09 -16.27 -19.47
CA GLY E 47 -42.78 -15.02 -19.25
C GLY E 47 -42.32 -14.25 -18.04
N TYR E 48 -41.54 -14.88 -17.18
CA TYR E 48 -41.05 -14.25 -15.96
C TYR E 48 -40.09 -13.11 -16.23
N ASN E 49 -39.33 -13.18 -17.34
CA ASN E 49 -38.29 -12.19 -17.60
C ASN E 49 -38.83 -10.78 -17.53
N ALA E 50 -39.80 -10.45 -18.40
CA ALA E 50 -40.30 -9.09 -18.47
C ALA E 50 -40.92 -8.65 -17.16
N ALA E 51 -41.32 -9.60 -16.31
CA ALA E 51 -41.60 -9.25 -14.94
C ALA E 51 -40.32 -8.97 -14.18
N TYR E 52 -39.35 -9.88 -14.25
CA TYR E 52 -38.22 -9.79 -13.33
C TYR E 52 -37.34 -8.61 -13.63
N SER E 53 -37.14 -8.29 -14.90
CA SER E 53 -36.20 -7.22 -15.21
C SER E 53 -36.73 -5.88 -14.71
N ALA E 54 -38.05 -5.68 -14.79
CA ALA E 54 -38.62 -4.44 -14.29
C ALA E 54 -38.42 -4.32 -12.78
N GLY E 55 -38.08 -5.42 -12.12
CA GLY E 55 -37.74 -5.34 -10.71
C GLY E 55 -36.45 -4.59 -10.47
N ILE E 56 -35.53 -4.63 -11.43
CA ILE E 56 -34.22 -4.03 -11.18
C ILE E 56 -34.07 -2.71 -11.92
N LEU E 57 -35.17 -2.06 -12.25
CA LEU E 57 -35.10 -0.66 -12.62
C LEU E 57 -36.06 0.23 -11.84
N LEU E 58 -36.80 -0.31 -10.89
CA LEU E 58 -37.74 0.49 -10.14
C LEU E 58 -37.61 0.34 -8.64
N ALA E 59 -37.33 -0.86 -8.13
CA ALA E 59 -37.28 -0.93 -6.69
C ALA E 59 -35.96 -0.38 -6.18
N PRO E 60 -34.81 -0.93 -6.58
CA PRO E 60 -33.53 -0.44 -6.06
C PRO E 60 -33.27 1.03 -6.35
N PRO E 61 -33.84 1.60 -7.40
CA PRO E 61 -33.83 3.06 -7.45
C PRO E 61 -34.62 3.68 -6.33
N LEU E 62 -35.88 3.30 -6.20
CA LEU E 62 -36.76 3.94 -5.23
C LEU E 62 -36.24 3.82 -3.81
N VAL E 63 -35.55 2.72 -3.51
CA VAL E 63 -34.91 2.60 -2.21
C VAL E 63 -33.87 3.67 -2.02
N LEU E 64 -32.99 3.86 -3.00
CA LEU E 64 -31.93 4.84 -2.83
C LEU E 64 -32.49 6.26 -2.73
N PHE E 65 -33.70 6.47 -3.24
CA PHE E 65 -34.33 7.77 -3.08
C PHE E 65 -34.72 8.00 -1.63
N LEU E 66 -35.62 7.17 -1.10
CA LEU E 66 -36.10 7.33 0.26
C LEU E 66 -34.98 7.27 1.29
N LEU E 67 -33.88 6.60 0.98
CA LEU E 67 -32.75 6.60 1.89
C LEU E 67 -32.01 7.93 1.82
N GLY E 68 -32.41 8.82 0.92
CA GLY E 68 -31.82 10.14 0.88
C GLY E 68 -32.56 11.12 1.77
N LEU E 69 -33.89 11.06 1.79
CA LEU E 69 -34.64 11.93 2.67
C LEU E 69 -34.33 11.66 4.13
N VAL E 70 -34.48 10.41 4.56
CA VAL E 70 -34.28 10.07 5.96
C VAL E 70 -32.85 10.32 6.39
N MET E 71 -31.92 10.30 5.44
CA MET E 71 -30.51 10.38 5.81
C MET E 71 -30.14 11.78 6.29
N ASN E 72 -30.79 12.82 5.77
CA ASN E 72 -30.41 14.16 6.18
C ASN E 72 -31.29 14.66 7.31
N ASN E 73 -30.74 15.59 8.08
CA ASN E 73 -31.27 15.98 9.38
C ASN E 73 -32.23 17.17 9.30
N ASN E 74 -33.24 17.10 8.44
CA ASN E 74 -34.17 18.20 8.28
C ASN E 74 -35.63 17.79 8.28
N VAL E 75 -35.96 16.55 7.93
CA VAL E 75 -37.33 16.21 7.60
C VAL E 75 -38.26 16.38 8.78
N SER E 76 -37.74 16.21 10.00
CA SER E 76 -38.57 16.40 11.18
C SER E 76 -39.13 17.82 11.23
N MET E 77 -38.25 18.81 11.03
CA MET E 77 -38.68 20.20 11.10
C MET E 77 -39.77 20.50 10.08
N LEU E 78 -39.68 19.89 8.90
CA LEU E 78 -40.77 20.00 7.93
C LEU E 78 -41.94 19.10 8.33
N ALA E 79 -41.63 17.87 8.76
CA ALA E 79 -42.71 16.97 9.15
C ALA E 79 -43.45 17.49 10.38
N GLU E 80 -42.72 18.04 11.34
CA GLU E 80 -43.36 18.56 12.55
C GLU E 80 -44.32 19.70 12.23
N GLU E 81 -43.85 20.69 11.46
CA GLU E 81 -44.64 21.89 11.24
C GLU E 81 -45.69 21.70 10.15
N TRP E 82 -45.68 20.57 9.45
CA TRP E 82 -46.74 20.32 8.47
C TRP E 82 -47.99 19.75 9.13
N LYS E 83 -47.81 18.74 9.99
CA LYS E 83 -48.93 18.15 10.70
C LYS E 83 -49.70 19.16 11.54
N ARG E 84 -49.03 20.18 12.07
CA ARG E 84 -49.72 21.21 12.84
C ARG E 84 -50.69 21.98 11.94
N PRO E 85 -51.60 22.73 12.54
CA PRO E 85 -52.56 23.51 11.74
C PRO E 85 -51.90 24.75 11.15
N PRO E 86 -52.41 25.24 10.03
CA PRO E 86 -51.94 26.54 9.52
C PRO E 86 -52.19 27.65 10.54
N GLY E 87 -51.44 28.74 10.40
CA GLY E 87 -51.54 29.83 11.34
C GLY E 87 -50.55 29.67 12.47
N ARG E 88 -50.65 28.55 13.19
CA ARG E 88 -49.66 28.21 14.21
C ARG E 88 -48.27 27.99 13.63
N ARG E 89 -48.17 27.71 12.33
CA ARG E 89 -46.89 27.50 11.69
C ARG E 89 -46.02 28.73 11.86
N ALA E 90 -44.88 28.57 12.54
CA ALA E 90 -43.95 29.67 12.73
C ALA E 90 -43.16 30.01 11.48
N LYS E 91 -43.51 29.43 10.33
CA LYS E 91 -42.79 29.64 9.09
C LYS E 91 -43.77 29.81 7.94
N ASP E 92 -43.41 30.68 7.01
CA ASP E 92 -44.23 30.95 5.84
C ASP E 92 -44.25 29.72 4.94
N PRO E 93 -45.31 29.55 4.16
CA PRO E 93 -45.29 28.55 3.09
C PRO E 93 -44.09 28.66 2.18
N ALA E 94 -43.61 29.88 1.92
CA ALA E 94 -42.46 30.07 1.05
C ALA E 94 -41.24 29.32 1.58
N VAL E 95 -40.86 29.58 2.83
CA VAL E 95 -39.72 28.90 3.40
C VAL E 95 -39.99 27.40 3.49
N LEU E 96 -41.24 27.02 3.69
CA LEU E 96 -41.58 25.61 3.60
C LEU E 96 -41.36 25.09 2.18
N ARG E 97 -42.03 25.71 1.21
CA ARG E 97 -41.97 25.20 -0.16
C ARG E 97 -40.55 25.13 -0.69
N TYR E 98 -39.75 26.17 -0.43
CA TYR E 98 -38.36 26.10 -0.84
C TYR E 98 -37.64 24.98 -0.11
N MET E 99 -37.57 25.07 1.21
CA MET E 99 -36.79 24.10 1.99
C MET E 99 -37.22 22.67 1.75
N PHE E 100 -38.49 22.44 1.45
CA PHE E 100 -38.92 21.12 1.04
C PHE E 100 -38.37 20.74 -0.33
N CYS E 101 -38.36 21.67 -1.28
CA CYS E 101 -37.82 21.40 -2.60
C CYS E 101 -36.31 21.24 -2.61
N SER E 102 -35.60 21.85 -1.66
CA SER E 102 -34.16 21.68 -1.61
C SER E 102 -33.77 20.38 -0.93
N MET E 103 -34.74 19.50 -0.69
CA MET E 103 -34.41 18.15 -0.27
C MET E 103 -34.36 17.21 -1.46
N ALA E 104 -35.27 17.40 -2.41
CA ALA E 104 -35.28 16.56 -3.61
C ALA E 104 -33.98 16.68 -4.38
N GLN E 105 -33.57 17.90 -4.72
CA GLN E 105 -32.44 18.09 -5.62
C GLN E 105 -31.13 17.71 -4.97
N ARG E 106 -31.14 17.30 -3.71
CA ARG E 106 -29.96 16.69 -3.14
C ARG E 106 -30.12 15.19 -3.05
N ALA E 107 -31.35 14.69 -3.20
CA ALA E 107 -31.58 13.26 -3.14
C ALA E 107 -31.48 12.62 -4.52
N LEU E 108 -31.84 13.38 -5.56
CA LEU E 108 -31.91 12.82 -6.91
C LEU E 108 -30.55 12.48 -7.50
N TRP E 109 -29.51 12.85 -6.76
CA TRP E 109 -28.14 12.67 -7.20
C TRP E 109 -27.70 11.24 -7.08
N ALA E 110 -28.67 10.36 -6.94
CA ALA E 110 -28.36 8.97 -6.81
C ALA E 110 -29.23 8.21 -7.77
N PRO E 111 -30.56 8.27 -7.54
CA PRO E 111 -31.40 7.46 -8.42
C PRO E 111 -31.33 7.82 -9.89
N VAL E 112 -30.29 8.52 -10.31
CA VAL E 112 -30.08 8.70 -11.74
C VAL E 112 -28.78 8.04 -12.13
N VAL E 113 -27.86 7.89 -11.19
CA VAL E 113 -26.64 7.14 -11.46
C VAL E 113 -26.92 5.66 -11.47
N TRP E 114 -27.97 5.22 -10.77
CA TRP E 114 -28.27 3.80 -10.75
C TRP E 114 -29.33 3.45 -11.77
N VAL E 115 -29.60 4.36 -12.71
CA VAL E 115 -30.38 3.96 -13.88
C VAL E 115 -29.53 4.07 -15.12
N ALA E 116 -28.53 4.94 -15.11
CA ALA E 116 -27.52 4.86 -16.16
C ALA E 116 -26.73 3.57 -16.03
N VAL E 117 -26.10 3.35 -14.87
CA VAL E 117 -25.08 2.33 -14.78
C VAL E 117 -25.66 0.92 -14.71
N THR E 118 -26.97 0.77 -14.86
CA THR E 118 -27.53 -0.53 -15.22
C THR E 118 -28.27 -0.48 -16.54
N LEU E 119 -27.98 0.50 -17.38
CA LEU E 119 -28.26 0.37 -18.79
C LEU E 119 -27.01 0.21 -19.62
N LEU E 120 -25.92 0.87 -19.26
CA LEU E 120 -24.73 0.83 -20.11
C LEU E 120 -24.11 -0.54 -20.15
N ASP E 121 -24.43 -1.41 -19.19
CA ASP E 121 -23.91 -2.76 -19.28
C ASP E 121 -24.95 -3.72 -19.79
N GLY E 122 -26.16 -3.25 -20.05
CA GLY E 122 -27.11 -3.97 -20.86
C GLY E 122 -27.71 -5.21 -20.24
N LYS E 123 -27.09 -5.77 -19.20
CA LYS E 123 -27.61 -6.99 -18.59
C LYS E 123 -29.06 -6.82 -18.20
N CYS E 124 -29.39 -5.68 -17.59
CA CYS E 124 -30.77 -5.42 -17.20
C CYS E 124 -31.69 -5.39 -18.40
N PHE E 125 -31.17 -5.00 -19.56
CA PHE E 125 -32.04 -4.89 -20.72
C PHE E 125 -32.10 -6.19 -21.49
N LEU E 126 -31.04 -6.99 -21.42
CA LEU E 126 -30.98 -8.20 -22.23
C LEU E 126 -32.07 -9.18 -21.85
N CYS E 127 -32.22 -9.45 -20.56
CA CYS E 127 -33.22 -10.40 -20.11
C CYS E 127 -34.62 -9.83 -20.14
N ALA E 128 -34.83 -8.69 -20.78
CA ALA E 128 -36.14 -8.05 -20.72
C ALA E 128 -36.82 -8.01 -22.08
N PHE E 129 -36.06 -8.17 -23.15
CA PHE E 129 -36.67 -8.11 -24.48
C PHE E 129 -36.12 -9.18 -25.40
N CYS E 130 -35.48 -10.18 -24.85
CA CYS E 130 -35.00 -11.24 -25.71
C CYS E 130 -36.13 -12.05 -26.30
N THR E 131 -37.29 -12.08 -25.66
CA THR E 131 -38.40 -12.87 -26.18
C THR E 131 -38.88 -12.41 -27.54
N ALA E 132 -38.64 -11.15 -27.89
CA ALA E 132 -39.04 -10.64 -29.20
C ALA E 132 -37.85 -10.02 -29.91
N VAL E 133 -37.08 -10.88 -30.57
CA VAL E 133 -36.02 -10.48 -31.47
C VAL E 133 -36.49 -10.85 -32.87
N PRO E 134 -36.24 -10.05 -33.88
CA PRO E 134 -36.58 -10.47 -35.24
C PRO E 134 -35.60 -11.53 -35.69
N VAL E 135 -36.03 -12.79 -35.66
CA VAL E 135 -35.15 -13.91 -35.91
C VAL E 135 -34.77 -13.98 -37.38
N SER E 136 -35.64 -13.49 -38.26
CA SER E 136 -35.33 -13.45 -39.68
C SER E 136 -34.18 -12.51 -39.98
N ALA E 137 -33.91 -11.53 -39.13
CA ALA E 137 -32.88 -10.53 -39.37
C ALA E 137 -31.53 -11.11 -38.96
N LEU E 138 -30.67 -11.35 -39.95
CA LEU E 138 -29.36 -11.95 -39.71
C LEU E 138 -29.53 -13.34 -39.09
N GLY E 139 -30.18 -14.22 -39.84
CA GLY E 139 -30.55 -15.51 -39.31
C GLY E 139 -29.91 -16.71 -39.97
N ASN E 140 -28.82 -16.50 -40.70
CA ASN E 140 -28.03 -17.59 -41.27
C ASN E 140 -28.88 -18.50 -42.15
N GLY E 141 -29.34 -17.95 -43.26
CA GLY E 141 -30.27 -18.64 -44.16
C GLY E 141 -31.57 -18.90 -43.42
N SER E 142 -32.31 -17.85 -43.05
CA SER E 142 -33.52 -18.02 -42.24
C SER E 142 -34.74 -18.40 -43.06
N LEU E 143 -35.91 -18.33 -42.43
CA LEU E 143 -37.15 -18.72 -43.06
C LEU E 143 -38.14 -19.37 -42.11
N ALA E 144 -37.73 -19.55 -40.85
CA ALA E 144 -38.57 -20.13 -39.81
C ALA E 144 -39.10 -21.50 -40.27
N PRO E 145 -38.27 -22.54 -40.23
CA PRO E 145 -38.68 -23.81 -40.83
C PRO E 145 -39.83 -24.47 -40.08
N GLY E 146 -41.03 -23.94 -40.29
CA GLY E 146 -42.22 -24.49 -39.69
C GLY E 146 -42.30 -24.36 -38.20
N LEU E 147 -41.52 -23.48 -37.60
CA LEU E 147 -41.47 -23.38 -36.15
C LEU E 147 -42.76 -22.81 -35.60
N PRO E 148 -43.28 -23.33 -34.50
CA PRO E 148 -44.53 -22.79 -33.95
C PRO E 148 -44.29 -21.59 -33.05
N ALA E 149 -45.35 -21.02 -32.50
CA ALA E 149 -45.16 -19.96 -31.51
C ALA E 149 -44.70 -20.50 -30.17
N PRO E 150 -45.43 -21.37 -29.50
CA PRO E 150 -44.89 -22.03 -28.31
C PRO E 150 -43.78 -22.98 -28.73
N GLU E 151 -42.93 -23.31 -27.76
CA GLU E 151 -41.73 -24.10 -28.01
C GLU E 151 -40.75 -23.37 -28.92
N LEU E 152 -40.92 -22.09 -29.05
CA LEU E 152 -39.95 -21.16 -29.62
C LEU E 152 -39.66 -20.03 -28.65
N ALA E 153 -40.67 -19.53 -27.95
CA ALA E 153 -40.43 -18.67 -26.81
C ALA E 153 -39.49 -19.35 -25.82
N ARG E 154 -39.70 -20.64 -25.59
CA ARG E 154 -38.75 -21.38 -24.75
C ARG E 154 -37.46 -21.65 -25.50
N LEU E 155 -37.42 -21.35 -26.79
CA LEU E 155 -36.17 -21.44 -27.52
C LEU E 155 -35.41 -20.12 -27.49
N LEU E 156 -36.08 -19.03 -27.80
CA LEU E 156 -35.43 -17.73 -27.71
C LEU E 156 -35.04 -17.41 -26.28
N ALA E 157 -35.93 -17.65 -25.33
CA ALA E 157 -35.80 -17.02 -24.02
C ALA E 157 -34.56 -17.45 -23.28
N ARG E 158 -33.90 -18.52 -23.70
CA ARG E 158 -32.73 -18.93 -22.95
C ARG E 158 -31.52 -18.08 -23.23
N VAL E 159 -31.61 -17.16 -24.20
CA VAL E 159 -30.42 -16.58 -24.82
C VAL E 159 -29.38 -16.05 -23.83
N PRO E 160 -29.76 -15.39 -22.75
CA PRO E 160 -28.73 -14.93 -21.81
C PRO E 160 -28.08 -16.04 -21.05
N CYS E 161 -28.81 -17.09 -20.71
CA CYS E 161 -28.21 -18.16 -19.94
C CYS E 161 -27.28 -18.96 -20.86
N PRO E 162 -25.96 -18.75 -20.77
CA PRO E 162 -25.07 -19.24 -21.82
C PRO E 162 -25.00 -20.76 -21.96
N GLU E 163 -24.61 -21.46 -20.91
CA GLU E 163 -24.33 -22.88 -21.06
C GLU E 163 -25.58 -23.70 -21.30
N ILE E 164 -26.75 -23.13 -21.03
CA ILE E 164 -27.99 -23.87 -21.25
C ILE E 164 -28.67 -23.46 -22.55
N TYR E 165 -27.95 -22.83 -23.47
CA TYR E 165 -28.58 -22.45 -24.73
C TYR E 165 -28.90 -23.68 -25.57
N ASP E 166 -30.06 -23.67 -26.21
CA ASP E 166 -30.49 -24.81 -27.02
C ASP E 166 -29.55 -25.06 -28.19
N GLY E 167 -29.51 -24.14 -29.15
CA GLY E 167 -28.72 -24.39 -30.33
C GLY E 167 -28.89 -23.46 -31.51
N ASP E 168 -28.36 -23.88 -32.67
CA ASP E 168 -28.18 -23.02 -33.82
C ASP E 168 -29.45 -22.78 -34.60
N TRP E 169 -30.59 -23.29 -34.17
CA TRP E 169 -31.80 -23.18 -34.95
C TRP E 169 -32.20 -21.71 -35.08
N LEU E 170 -31.99 -21.17 -36.27
CA LEU E 170 -32.42 -19.82 -36.57
C LEU E 170 -31.70 -18.80 -35.70
N LEU E 171 -30.54 -19.17 -35.17
CA LEU E 171 -29.78 -18.21 -34.39
C LEU E 171 -28.45 -18.80 -34.01
N ALA E 172 -27.45 -17.95 -33.93
CA ALA E 172 -26.25 -18.21 -33.15
C ALA E 172 -26.41 -17.48 -31.84
N ARG E 173 -25.47 -17.67 -30.93
CA ARG E 173 -25.56 -16.90 -29.70
C ARG E 173 -24.96 -15.52 -29.89
N GLU E 174 -23.81 -15.42 -30.52
CA GLU E 174 -23.10 -14.16 -30.54
C GLU E 174 -23.63 -13.20 -31.59
N VAL E 175 -24.85 -13.39 -32.06
CA VAL E 175 -25.49 -12.39 -32.91
C VAL E 175 -26.84 -11.98 -32.34
N ALA E 176 -27.40 -12.76 -31.42
CA ALA E 176 -28.59 -12.31 -30.71
C ALA E 176 -28.21 -11.46 -29.52
N VAL E 177 -27.17 -11.85 -28.80
CA VAL E 177 -26.48 -10.92 -27.93
C VAL E 177 -25.57 -10.14 -28.88
N ARG E 178 -24.99 -9.05 -28.42
CA ARG E 178 -24.17 -8.18 -29.26
C ARG E 178 -24.99 -7.57 -30.39
N TYR E 179 -26.31 -7.59 -30.24
CA TYR E 179 -27.20 -6.71 -30.98
C TYR E 179 -28.27 -6.16 -30.06
N LEU E 180 -28.44 -6.76 -28.89
CA LEU E 180 -29.24 -6.17 -27.83
C LEU E 180 -28.38 -5.43 -26.84
N ARG E 181 -27.05 -5.57 -26.91
CA ARG E 181 -26.22 -4.69 -26.11
C ARG E 181 -25.82 -3.46 -26.91
N CYS E 182 -26.16 -3.42 -28.19
CA CYS E 182 -26.04 -2.16 -28.93
C CYS E 182 -27.20 -1.25 -28.63
N ILE E 183 -28.43 -1.70 -28.89
CA ILE E 183 -29.62 -0.87 -28.67
C ILE E 183 -29.66 -0.36 -27.25
N SER E 184 -29.24 -1.17 -26.28
CA SER E 184 -29.24 -0.72 -24.90
C SER E 184 -28.31 0.46 -24.72
N GLN E 185 -27.05 0.34 -25.15
CA GLN E 185 -26.11 1.43 -24.93
C GLN E 185 -26.48 2.68 -25.69
N ALA E 186 -27.47 2.60 -26.57
CA ALA E 186 -27.97 3.82 -27.19
C ALA E 186 -28.88 4.58 -26.24
N LEU E 187 -29.75 3.87 -25.52
CA LEU E 187 -30.56 4.56 -24.53
C LEU E 187 -29.69 5.16 -23.44
N GLY E 188 -28.64 4.43 -23.03
CA GLY E 188 -27.84 4.87 -21.92
C GLY E 188 -27.19 6.23 -22.15
N TRP E 189 -26.84 6.53 -23.39
CA TRP E 189 -26.33 7.86 -23.68
C TRP E 189 -27.47 8.83 -23.95
N SER E 190 -28.44 8.43 -24.77
CA SER E 190 -29.55 9.33 -25.07
C SER E 190 -30.46 9.51 -23.87
N PHE E 191 -30.20 8.81 -22.77
CA PHE E 191 -30.85 9.14 -21.52
C PHE E 191 -30.02 10.12 -20.70
N VAL E 192 -28.76 9.76 -20.41
CA VAL E 192 -27.92 10.60 -19.55
C VAL E 192 -27.72 11.97 -20.18
N LEU E 193 -27.77 12.04 -21.51
CA LEU E 193 -27.76 13.35 -22.16
C LEU E 193 -28.95 14.18 -21.72
N LEU E 194 -30.17 13.66 -21.90
CA LEU E 194 -31.38 14.41 -21.59
C LEU E 194 -31.41 14.86 -20.14
N THR E 195 -30.98 14.01 -19.22
CA THR E 195 -31.01 14.39 -17.81
C THR E 195 -30.07 15.55 -17.54
N THR E 196 -28.81 15.44 -17.96
CA THR E 196 -27.86 16.50 -17.65
C THR E 196 -28.26 17.80 -18.30
N LEU E 197 -28.79 17.74 -19.53
CA LEU E 197 -29.32 18.94 -20.14
C LEU E 197 -30.46 19.52 -19.32
N LEU E 198 -31.25 18.67 -18.67
CA LEU E 198 -32.30 19.16 -17.80
C LEU E 198 -31.76 19.61 -16.45
N ALA E 199 -30.51 19.24 -16.15
CA ALA E 199 -29.84 19.85 -15.00
C ALA E 199 -29.45 21.28 -15.32
N PHE E 200 -29.35 21.61 -16.61
CA PHE E 200 -28.99 22.96 -17.00
C PHE E 200 -30.09 23.95 -16.67
N VAL E 201 -31.19 23.64 -17.29
CA VAL E 201 -32.31 24.44 -17.20
C VAL E 201 -32.64 24.70 -15.79
N VAL E 202 -32.58 23.74 -14.90
CA VAL E 202 -33.07 24.04 -13.57
C VAL E 202 -32.37 25.13 -12.85
N ARG E 203 -31.04 25.05 -12.84
CA ARG E 203 -30.28 26.05 -12.16
C ARG E 203 -30.44 27.33 -12.91
N SER E 204 -30.27 27.19 -14.21
CA SER E 204 -30.29 28.37 -15.03
C SER E 204 -31.56 29.15 -15.04
N VAL E 205 -32.71 28.58 -14.74
CA VAL E 205 -33.77 29.48 -14.65
C VAL E 205 -34.15 29.85 -13.30
N ARG E 206 -34.46 28.94 -12.39
CA ARG E 206 -35.39 29.62 -11.41
C ARG E 206 -36.02 28.95 -10.19
N PRO E 207 -37.29 28.31 -10.38
CA PRO E 207 -38.10 27.56 -9.41
C PRO E 207 -37.73 27.79 -7.95
N CYS E 208 -38.25 28.90 -7.40
CA CYS E 208 -38.17 29.20 -5.97
C CYS E 208 -36.76 29.58 -5.54
N PHE E 209 -36.13 30.45 -6.31
CA PHE E 209 -34.84 31.02 -5.98
C PHE E 209 -34.95 32.43 -5.41
N THR E 210 -36.14 32.82 -4.97
CA THR E 210 -36.40 34.20 -4.55
C THR E 210 -35.44 34.65 -3.46
N GLN E 211 -34.87 35.85 -3.65
CA GLN E 211 -33.88 36.37 -2.71
C GLN E 211 -34.49 36.53 -1.32
N ALA E 212 -35.80 36.75 -1.25
CA ALA E 212 -36.43 36.89 0.06
C ALA E 212 -36.30 35.62 0.88
N ALA E 213 -36.85 34.52 0.38
CA ALA E 213 -37.03 33.36 1.25
C ALA E 213 -35.73 32.60 1.42
N PHE E 214 -34.83 32.67 0.44
CA PHE E 214 -33.53 32.06 0.61
C PHE E 214 -32.83 32.63 1.84
N LEU E 215 -33.00 33.93 2.06
CA LEU E 215 -32.37 34.57 3.21
C LEU E 215 -32.93 34.00 4.51
N LYS E 216 -34.26 34.03 4.65
CA LYS E 216 -34.88 33.58 5.89
C LYS E 216 -34.49 32.15 6.21
N SER E 217 -34.38 31.31 5.18
CA SER E 217 -34.05 29.91 5.39
C SER E 217 -32.67 29.76 6.01
N LYS E 218 -31.64 30.18 5.28
CA LYS E 218 -30.27 29.93 5.72
C LYS E 218 -30.00 30.59 7.06
N TYR E 219 -30.66 31.70 7.34
CA TYR E 219 -30.63 32.26 8.68
C TYR E 219 -31.18 31.26 9.68
N TRP E 220 -32.34 30.69 9.38
CA TRP E 220 -33.02 29.81 10.33
C TRP E 220 -32.19 28.57 10.61
N SER E 221 -31.80 27.85 9.57
CA SER E 221 -31.02 26.63 9.76
C SER E 221 -29.70 26.94 10.44
N HIS E 222 -29.17 28.14 10.22
CA HIS E 222 -27.99 28.54 10.97
C HIS E 222 -28.32 28.70 12.44
N TYR E 223 -29.56 29.05 12.75
CA TYR E 223 -29.92 29.35 14.12
C TYR E 223 -30.06 28.09 14.96
N ILE E 224 -30.54 27.02 14.35
CA ILE E 224 -30.71 25.76 15.09
C ILE E 224 -29.36 25.25 15.57
N ASP E 225 -28.29 25.52 14.82
CA ASP E 225 -26.97 25.06 15.21
C ASP E 225 -26.57 25.66 16.55
N ILE E 226 -26.60 27.00 16.65
CA ILE E 226 -26.14 27.66 17.86
C ILE E 226 -27.00 27.26 19.05
N GLU E 227 -28.28 26.98 18.82
CA GLU E 227 -29.16 26.59 19.91
C GLU E 227 -28.70 25.29 20.54
N ARG E 228 -28.50 24.25 19.73
CA ARG E 228 -28.08 22.97 20.27
C ARG E 228 -26.70 23.07 20.91
N LYS E 229 -25.75 23.69 20.21
CA LYS E 229 -24.39 23.77 20.72
C LYS E 229 -24.33 24.54 22.04
N LEU E 230 -25.19 25.54 22.20
CA LEU E 230 -25.12 26.37 23.39
C LEU E 230 -25.83 25.75 24.59
N PHE E 231 -26.84 24.91 24.36
CA PHE E 231 -27.57 24.33 25.48
C PHE E 231 -26.66 23.48 26.35
N ASP E 232 -25.73 22.75 25.72
CA ASP E 232 -24.83 21.90 26.47
C ASP E 232 -23.97 22.70 27.44
N GLU E 233 -23.67 23.95 27.12
CA GLU E 233 -22.86 24.77 28.01
C GLU E 233 -23.54 24.95 29.36
N THR E 234 -24.80 25.38 29.36
CA THR E 234 -25.50 25.62 30.61
C THR E 234 -25.62 24.35 31.44
N CYS E 235 -25.84 23.21 30.77
CA CYS E 235 -25.96 21.95 31.49
C CYS E 235 -24.68 21.61 32.23
N THR E 236 -23.58 21.45 31.49
CA THR E 236 -22.31 21.13 32.12
C THR E 236 -21.92 22.18 33.14
N GLU E 237 -22.24 23.44 32.86
CA GLU E 237 -22.05 24.48 33.87
C GLU E 237 -22.94 24.23 35.08
N HIS E 238 -24.26 24.21 34.86
CA HIS E 238 -25.19 24.08 35.98
C HIS E 238 -24.99 22.77 36.73
N ALA E 239 -24.50 21.74 36.06
CA ALA E 239 -24.27 20.47 36.73
C ALA E 239 -23.04 20.52 37.62
N LYS E 240 -21.98 21.20 37.16
CA LYS E 240 -20.72 21.22 37.89
C LYS E 240 -20.90 21.74 39.30
N ALA E 241 -21.73 22.76 39.47
CA ALA E 241 -22.03 23.24 40.81
C ALA E 241 -22.77 22.22 41.64
N PHE E 242 -23.44 21.27 41.00
CA PHE E 242 -24.26 20.31 41.73
C PHE E 242 -23.51 19.06 42.17
N ALA E 243 -22.49 18.64 41.42
CA ALA E 243 -21.79 17.42 41.78
C ALA E 243 -21.01 17.57 43.08
N LYS E 244 -20.50 18.78 43.36
CA LYS E 244 -19.61 18.98 44.49
C LYS E 244 -20.28 18.63 45.81
N VAL E 245 -21.60 18.80 45.89
CA VAL E 245 -22.28 18.48 47.14
C VAL E 245 -22.26 16.99 47.42
N CYS E 246 -22.37 16.16 46.39
CA CYS E 246 -22.51 14.73 46.63
C CYS E 246 -21.16 14.01 46.64
N ILE E 247 -20.29 14.30 45.67
CA ILE E 247 -19.00 13.62 45.57
C ILE E 247 -18.21 13.75 46.85
N GLN E 248 -18.29 14.91 47.50
CA GLN E 248 -17.61 15.08 48.78
C GLN E 248 -18.16 14.11 49.82
N GLN E 249 -19.42 13.72 49.70
CA GLN E 249 -20.01 12.83 50.70
C GLN E 249 -19.39 11.45 50.63
N PHE E 250 -19.02 10.99 49.43
CA PHE E 250 -18.32 9.72 49.31
C PHE E 250 -17.02 9.75 50.08
N PHE E 251 -16.21 10.78 49.86
CA PHE E 251 -15.12 11.05 50.77
C PHE E 251 -15.66 11.34 52.15
N GLU E 252 -14.84 11.05 53.16
CA GLU E 252 -15.19 11.37 54.55
C GLU E 252 -16.42 10.59 55.02
N ALA E 253 -16.84 9.58 54.25
CA ALA E 253 -18.09 8.90 54.52
C ALA E 253 -17.93 7.40 54.47
N MET E 254 -16.77 6.93 54.01
CA MET E 254 -16.51 5.49 54.05
C MET E 254 -15.85 5.10 55.37
N ASN E 255 -14.71 5.71 55.69
CA ASN E 255 -14.06 5.54 56.97
C ASN E 255 -13.47 6.83 57.51
N HIS E 256 -13.50 7.91 56.75
CA HIS E 256 -12.84 9.17 57.09
C HIS E 256 -11.33 9.01 57.16
N ASP E 257 -10.81 7.91 56.63
CA ASP E 257 -9.39 7.59 56.66
C ASP E 257 -9.19 6.27 55.95
N LEU E 258 -7.94 5.84 55.89
CA LEU E 258 -7.58 4.53 55.38
C LEU E 258 -6.92 3.73 56.49
N GLU E 259 -7.23 2.44 56.53
CA GLU E 259 -6.58 1.53 57.46
C GLU E 259 -5.14 1.26 57.09
N LEU E 260 -4.74 1.57 55.87
CA LEU E 260 -3.38 1.34 55.39
C LEU E 260 -2.38 2.34 55.94
N GLY E 261 -2.79 3.20 56.86
CA GLY E 261 -1.85 4.12 57.50
C GLY E 261 -0.77 3.34 58.23
N HIS E 262 0.47 3.55 57.84
CA HIS E 262 1.60 2.87 58.46
C HIS E 262 2.15 3.67 59.62
N MET F 1 -5.86 -3.15 -20.57
CA MET F 1 -6.68 -1.99 -20.92
C MET F 1 -6.56 -0.92 -19.84
N MET F 2 -6.00 -1.31 -18.70
CA MET F 2 -5.83 -0.37 -17.59
C MET F 2 -4.84 0.74 -17.92
N ASP F 3 -4.01 0.56 -18.94
CA ASP F 3 -2.92 1.49 -19.21
C ASP F 3 -3.43 2.91 -19.49
N LYS F 4 -4.51 3.04 -20.27
CA LYS F 4 -4.95 4.36 -20.69
C LYS F 4 -5.44 5.19 -19.51
N PHE F 5 -5.87 4.52 -18.44
CA PHE F 5 -6.43 5.21 -17.28
C PHE F 5 -5.59 5.02 -16.02
N ARG F 6 -4.89 3.90 -15.88
CA ARG F 6 -4.04 3.71 -14.71
C ARG F 6 -2.92 4.73 -14.68
N MET F 7 -2.55 5.28 -15.83
CA MET F 7 -1.56 6.33 -15.92
C MET F 7 -1.94 7.58 -15.12
N ILE F 8 -3.08 8.18 -15.42
CA ILE F 8 -3.55 9.32 -14.65
C ILE F 8 -3.85 8.92 -13.21
N PHE F 9 -4.12 7.62 -12.98
CA PHE F 9 -4.36 7.12 -11.62
C PHE F 9 -3.21 7.41 -10.68
N GLN F 10 -1.99 6.98 -11.01
CA GLN F 10 -0.84 7.36 -10.20
C GLN F 10 -0.48 8.82 -10.41
N PHE F 11 -0.73 9.35 -11.62
CA PHE F 11 -0.55 10.78 -11.84
C PHE F 11 -1.46 11.59 -10.94
N LEU F 12 -2.71 11.16 -10.81
CA LEU F 12 -3.56 11.68 -9.75
C LEU F 12 -2.93 11.41 -8.39
N GLN F 13 -2.48 10.19 -8.17
CA GLN F 13 -1.75 9.85 -6.96
C GLN F 13 -0.45 10.62 -6.83
N SER F 14 0.06 11.17 -7.93
CA SER F 14 1.36 11.83 -7.90
C SER F 14 1.40 13.02 -6.95
N ASN F 15 0.64 14.07 -7.22
CA ASN F 15 0.72 15.29 -6.42
C ASN F 15 -0.63 15.99 -6.45
N GLN F 16 -0.66 17.19 -5.89
CA GLN F 16 -1.87 18.00 -5.81
C GLN F 16 -1.57 19.42 -6.29
N GLU F 17 -0.89 19.54 -7.43
CA GLU F 17 -0.53 20.83 -7.98
C GLU F 17 -1.28 21.06 -9.27
N SER F 18 -2.19 22.03 -9.25
CA SER F 18 -2.99 22.35 -10.43
C SER F 18 -3.77 23.64 -10.26
N PHE F 19 -4.69 23.91 -11.17
CA PHE F 19 -5.53 25.10 -11.14
C PHE F 19 -6.95 24.71 -11.52
N MET F 20 -7.77 25.71 -11.90
CA MET F 20 -9.11 25.46 -12.40
C MET F 20 -9.12 24.39 -13.48
N ASN F 21 -8.14 24.44 -14.39
CA ASN F 21 -7.93 23.34 -15.32
C ASN F 21 -7.62 22.05 -14.56
N GLY F 22 -6.81 22.13 -13.50
CA GLY F 22 -6.64 20.99 -12.62
C GLY F 22 -7.92 20.65 -11.89
N ILE F 23 -8.73 21.66 -11.59
CA ILE F 23 -10.09 21.40 -11.11
C ILE F 23 -10.90 20.71 -12.20
N CYS F 24 -10.72 21.14 -13.45
CA CYS F 24 -11.21 20.37 -14.58
C CYS F 24 -10.51 19.02 -14.65
N GLY F 25 -9.26 18.96 -14.16
CA GLY F 25 -8.59 17.69 -14.03
C GLY F 25 -9.33 16.72 -13.13
N ILE F 26 -10.12 17.25 -12.19
CA ILE F 26 -10.98 16.41 -11.38
C ILE F 26 -11.95 15.62 -12.26
N MET F 27 -12.51 16.29 -13.27
CA MET F 27 -13.47 15.62 -14.14
C MET F 27 -12.79 14.91 -15.30
N ALA F 28 -12.07 15.67 -16.15
CA ALA F 28 -11.66 15.14 -17.45
C ALA F 28 -10.63 14.04 -17.31
N LEU F 29 -9.84 14.05 -16.23
CA LEU F 29 -8.97 12.92 -15.95
C LEU F 29 -9.80 11.64 -15.86
N ALA F 30 -10.97 11.73 -15.23
CA ALA F 30 -11.94 10.65 -15.34
C ALA F 30 -12.34 10.42 -16.79
N SER F 31 -12.48 11.50 -17.56
CA SER F 31 -12.81 11.34 -18.98
C SER F 31 -11.68 10.66 -19.73
N ALA F 32 -10.43 10.86 -19.26
CA ALA F 32 -9.34 10.05 -19.79
C ALA F 32 -9.46 8.60 -19.34
N GLN F 33 -10.21 8.36 -18.27
CA GLN F 33 -10.26 7.02 -17.68
C GLN F 33 -11.62 6.38 -17.91
N MET F 34 -12.69 7.17 -17.91
CA MET F 34 -14.04 6.66 -18.11
C MET F 34 -14.16 5.86 -19.39
N TYR F 35 -13.35 6.19 -20.39
CA TYR F 35 -13.28 5.35 -21.58
C TYR F 35 -12.87 3.92 -21.24
N SER F 36 -12.02 3.76 -20.23
CA SER F 36 -11.40 2.47 -19.99
C SER F 36 -12.41 1.40 -19.60
N ALA F 37 -13.31 1.70 -18.65
CA ALA F 37 -14.26 0.71 -18.15
C ALA F 37 -15.53 0.63 -19.00
N PHE F 38 -15.86 1.70 -19.72
CA PHE F 38 -16.97 1.67 -20.66
C PHE F 38 -16.57 0.94 -21.94
N ASP F 39 -17.16 -0.23 -22.16
CA ASP F 39 -16.73 -1.12 -23.22
C ASP F 39 -17.11 -0.53 -24.57
N PHE F 40 -16.71 -1.20 -25.64
CA PHE F 40 -17.08 -0.83 -27.00
C PHE F 40 -17.20 -2.10 -27.82
N ASN F 41 -18.28 -2.21 -28.58
CA ASN F 41 -18.53 -3.40 -29.40
C ASN F 41 -19.59 -3.05 -30.43
N CYS F 42 -19.26 -3.21 -31.70
CA CYS F 42 -20.15 -2.72 -32.73
C CYS F 42 -21.02 -3.85 -33.27
N PRO F 43 -22.19 -3.52 -33.81
CA PRO F 43 -23.16 -4.53 -34.20
C PRO F 43 -22.65 -5.53 -35.21
N CYS F 44 -21.66 -5.17 -36.00
CA CYS F 44 -21.23 -5.95 -37.17
C CYS F 44 -22.43 -6.48 -37.93
N LEU F 45 -23.21 -5.53 -38.47
CA LEU F 45 -24.37 -5.60 -39.34
C LEU F 45 -24.16 -4.65 -40.53
N PRO F 46 -25.01 -4.68 -41.55
CA PRO F 46 -24.64 -4.05 -42.82
C PRO F 46 -24.66 -2.53 -42.82
N GLY F 47 -25.59 -1.89 -42.11
CA GLY F 47 -25.68 -0.46 -42.24
C GLY F 47 -25.70 0.29 -40.92
N TYR F 48 -25.90 -0.43 -39.82
CA TYR F 48 -25.97 0.19 -38.51
C TYR F 48 -24.66 0.79 -38.07
N ASN F 49 -23.52 0.25 -38.53
CA ASN F 49 -22.23 0.68 -38.04
C ASN F 49 -22.05 2.18 -38.19
N ALA F 50 -22.12 2.68 -39.42
CA ALA F 50 -21.87 4.10 -39.67
C ALA F 50 -22.87 4.97 -38.92
N ALA F 51 -24.02 4.43 -38.56
CA ALA F 51 -24.85 5.10 -37.58
C ALA F 51 -24.24 5.01 -36.20
N TYR F 52 -23.89 3.81 -35.77
CA TYR F 52 -23.57 3.61 -34.36
C TYR F 52 -22.27 4.29 -33.99
N SER F 53 -21.28 4.26 -34.87
CA SER F 53 -19.99 4.82 -34.47
C SER F 53 -20.09 6.32 -34.27
N ALA F 54 -20.90 7.00 -35.09
CA ALA F 54 -21.08 8.43 -34.91
C ALA F 54 -21.73 8.74 -33.57
N GLY F 55 -22.32 7.74 -32.93
CA GLY F 55 -22.83 7.94 -31.59
C GLY F 55 -21.73 8.17 -30.58
N ILE F 56 -20.55 7.60 -30.82
CA ILE F 56 -19.52 7.68 -29.79
C ILE F 56 -18.43 8.68 -30.18
N LEU F 57 -18.77 9.64 -31.04
CA LEU F 57 -17.92 10.81 -31.19
C LEU F 57 -18.67 12.12 -31.05
N LEU F 58 -19.96 12.10 -30.77
CA LEU F 58 -20.73 13.33 -30.64
C LEU F 58 -21.53 13.41 -29.36
N ALA F 59 -22.12 12.32 -28.90
CA ALA F 59 -22.93 12.50 -27.70
C ALA F 59 -22.03 12.58 -26.48
N PRO F 60 -21.22 11.57 -26.17
CA PRO F 60 -20.40 11.61 -24.97
C PRO F 60 -19.43 12.79 -24.92
N PRO F 61 -19.01 13.33 -26.05
CA PRO F 61 -18.35 14.64 -25.97
C PRO F 61 -19.29 15.71 -25.47
N LEU F 62 -20.43 15.89 -26.15
CA LEU F 62 -21.33 16.98 -25.83
C LEU F 62 -21.81 16.93 -24.38
N VAL F 63 -21.94 15.72 -23.83
CA VAL F 63 -22.27 15.61 -22.41
C VAL F 63 -21.19 16.22 -21.56
N LEU F 64 -19.93 15.86 -21.82
CA LEU F 64 -18.85 16.38 -20.99
C LEU F 64 -18.72 17.89 -21.11
N PHE F 65 -19.20 18.46 -22.21
CA PHE F 65 -19.20 19.91 -22.33
C PHE F 65 -20.20 20.53 -21.39
N LEU F 66 -21.49 20.22 -21.55
CA LEU F 66 -22.53 20.81 -20.71
C LEU F 66 -22.34 20.51 -19.24
N LEU F 67 -21.65 19.42 -18.90
CA LEU F 67 -21.35 19.16 -17.51
C LEU F 67 -20.24 20.06 -17.02
N GLY F 68 -19.64 20.85 -17.91
CA GLY F 68 -18.65 21.82 -17.48
C GLY F 68 -19.27 23.15 -17.11
N LEU F 69 -20.25 23.60 -17.88
CA LEU F 69 -20.92 24.85 -17.54
C LEU F 69 -21.63 24.76 -16.21
N VAL F 70 -22.51 23.77 -16.06
CA VAL F 70 -23.29 23.65 -14.83
C VAL F 70 -22.40 23.40 -13.63
N MET F 71 -21.22 22.84 -13.85
CA MET F 71 -20.38 22.45 -12.72
C MET F 71 -19.80 23.65 -11.99
N ASN F 72 -19.54 24.75 -12.71
CA ASN F 72 -18.94 25.90 -12.05
C ASN F 72 -20.00 26.89 -11.60
N ASN F 73 -19.64 27.67 -10.59
CA ASN F 73 -20.60 28.48 -9.82
C ASN F 73 -20.73 29.89 -10.34
N ASN F 74 -20.99 30.05 -11.63
CA ASN F 74 -21.11 31.38 -12.21
C ASN F 74 -22.33 31.57 -13.10
N VAL F 75 -22.87 30.51 -13.69
CA VAL F 75 -23.82 30.66 -14.79
C VAL F 75 -25.08 31.39 -14.36
N SER F 76 -25.46 31.27 -13.09
CA SER F 76 -26.63 31.99 -12.60
C SER F 76 -26.46 33.48 -12.78
N MET F 77 -25.32 34.02 -12.34
CA MET F 77 -25.08 35.45 -12.42
C MET F 77 -25.16 35.94 -13.86
N LEU F 78 -24.68 35.14 -14.81
CA LEU F 78 -24.87 35.48 -16.21
C LEU F 78 -26.29 35.19 -16.65
N ALA F 79 -26.85 34.04 -16.23
CA ALA F 79 -28.20 33.70 -16.62
C ALA F 79 -29.21 34.69 -16.03
N GLU F 80 -29.00 35.10 -14.77
CA GLU F 80 -29.92 36.03 -14.13
C GLU F 80 -29.94 37.37 -14.85
N GLU F 81 -28.76 37.94 -15.11
CA GLU F 81 -28.70 39.29 -15.67
C GLU F 81 -28.92 39.32 -17.17
N TRP F 82 -28.99 38.16 -17.82
CA TRP F 82 -29.29 38.17 -19.25
C TRP F 82 -30.80 38.26 -19.49
N LYS F 83 -31.58 37.42 -18.79
CA LYS F 83 -33.03 37.46 -18.91
C LYS F 83 -33.62 38.82 -18.61
N ARG F 84 -33.02 39.59 -17.71
CA ARG F 84 -33.50 40.92 -17.40
C ARG F 84 -33.38 41.82 -18.63
N PRO F 85 -34.04 42.97 -18.62
CA PRO F 85 -33.96 43.89 -19.76
C PRO F 85 -32.64 44.64 -19.74
N PRO F 86 -32.16 45.09 -20.90
CA PRO F 86 -31.00 45.99 -20.93
C PRO F 86 -31.29 47.27 -20.16
N GLY F 87 -30.21 47.95 -19.76
CA GLY F 87 -30.35 49.14 -18.95
C GLY F 87 -30.36 48.82 -17.47
N ARG F 88 -31.29 47.98 -17.05
CA ARG F 88 -31.31 47.49 -15.67
C ARG F 88 -30.09 46.65 -15.35
N ARG F 89 -29.40 46.12 -16.35
CA ARG F 89 -28.21 45.30 -16.14
C ARG F 89 -27.17 46.13 -15.39
N ALA F 90 -26.81 45.67 -14.19
CA ALA F 90 -25.79 46.33 -13.39
C ALA F 90 -24.38 46.11 -13.92
N LYS F 91 -24.23 45.50 -15.09
CA LYS F 91 -22.93 45.19 -15.65
C LYS F 91 -22.91 45.51 -17.14
N ASP F 92 -21.77 45.99 -17.60
CA ASP F 92 -21.58 46.32 -19.01
C ASP F 92 -21.61 45.05 -19.85
N PRO F 93 -21.99 45.16 -21.12
CA PRO F 93 -21.80 44.05 -22.06
C PRO F 93 -20.38 43.52 -22.06
N ALA F 94 -19.39 44.39 -21.89
CA ALA F 94 -18.00 43.96 -21.90
C ALA F 94 -17.74 42.91 -20.83
N VAL F 95 -18.06 43.24 -19.58
CA VAL F 95 -17.86 42.28 -18.51
C VAL F 95 -18.72 41.05 -18.71
N LEU F 96 -19.89 41.22 -19.32
CA LEU F 96 -20.66 40.05 -19.71
C LEU F 96 -19.93 39.24 -20.76
N ARG F 97 -19.59 39.88 -21.89
CA ARG F 97 -19.01 39.15 -23.01
C ARG F 97 -17.72 38.44 -22.60
N TYR F 98 -16.87 39.12 -21.84
CA TYR F 98 -15.66 38.44 -21.36
C TYR F 98 -16.03 37.28 -20.45
N MET F 99 -16.69 37.59 -19.33
CA MET F 99 -16.98 36.57 -18.33
C MET F 99 -17.74 35.38 -18.90
N PHE F 100 -18.58 35.62 -19.90
CA PHE F 100 -19.21 34.49 -20.59
C PHE F 100 -18.21 33.70 -21.41
N CYS F 101 -17.27 34.35 -22.08
CA CYS F 101 -16.26 33.66 -22.85
C CYS F 101 -15.25 32.94 -21.99
N SER F 102 -15.02 33.40 -20.76
CA SER F 102 -14.09 32.69 -19.89
C SER F 102 -14.74 31.49 -19.23
N MET F 103 -15.93 31.11 -19.67
CA MET F 103 -16.49 29.84 -19.25
C MET F 103 -16.19 28.76 -20.27
N ALA F 104 -16.22 29.10 -21.55
CA ALA F 104 -15.91 28.13 -22.59
C ALA F 104 -14.49 27.59 -22.44
N GLN F 105 -13.51 28.47 -22.37
CA GLN F 105 -12.11 28.03 -22.43
C GLN F 105 -11.70 27.32 -21.15
N ARG F 106 -12.59 27.18 -20.19
CA ARG F 106 -12.32 26.28 -19.09
C ARG F 106 -13.12 24.99 -19.23
N ALA F 107 -14.12 24.99 -20.11
CA ALA F 107 -14.91 23.80 -20.32
C ALA F 107 -14.33 22.93 -21.42
N LEU F 108 -13.69 23.56 -22.41
CA LEU F 108 -13.21 22.84 -23.58
C LEU F 108 -12.05 21.90 -23.29
N TRP F 109 -11.57 21.96 -22.05
CA TRP F 109 -10.42 21.19 -21.63
C TRP F 109 -10.77 19.75 -21.39
N ALA F 110 -11.92 19.36 -21.92
CA ALA F 110 -12.34 18.00 -21.75
C ALA F 110 -12.76 17.47 -23.11
N PRO F 111 -13.80 18.07 -23.68
CA PRO F 111 -14.25 17.50 -24.96
C PRO F 111 -13.21 17.53 -26.06
N VAL F 112 -11.94 17.69 -25.74
CA VAL F 112 -10.92 17.51 -26.75
C VAL F 112 -10.04 16.33 -26.36
N VAL F 113 -9.99 16.02 -25.08
CA VAL F 113 -9.27 14.83 -24.65
C VAL F 113 -10.09 13.59 -24.94
N TRP F 114 -11.41 13.73 -25.03
CA TRP F 114 -12.23 12.56 -25.31
C TRP F 114 -12.56 12.46 -26.78
N VAL F 115 -11.84 13.21 -27.62
CA VAL F 115 -11.91 12.95 -29.04
C VAL F 115 -10.56 12.47 -29.55
N ALA F 116 -9.49 12.89 -28.89
CA ALA F 116 -8.21 12.23 -29.13
C ALA F 116 -8.26 10.79 -28.68
N VAL F 117 -8.56 10.55 -27.41
CA VAL F 117 -8.31 9.24 -26.80
C VAL F 117 -9.36 8.22 -27.21
N THR F 118 -10.26 8.57 -28.12
CA THR F 118 -11.00 7.54 -28.84
C THR F 118 -10.77 7.61 -30.33
N LEU F 119 -9.68 8.23 -30.75
CA LEU F 119 -9.14 7.97 -32.07
C LEU F 119 -7.85 7.18 -32.03
N LEU F 120 -6.99 7.43 -31.04
CA LEU F 120 -5.69 6.78 -31.02
C LEU F 120 -5.80 5.29 -30.81
N ASP F 121 -6.93 4.81 -30.30
CA ASP F 121 -7.07 3.37 -30.18
C ASP F 121 -7.94 2.81 -31.28
N GLY F 122 -8.45 3.66 -32.16
CA GLY F 122 -8.97 3.21 -33.42
C GLY F 122 -10.27 2.43 -33.38
N LYS F 123 -10.64 1.88 -32.23
CA LYS F 123 -11.87 1.10 -32.15
C LYS F 123 -13.06 1.88 -32.67
N CYS F 124 -13.15 3.15 -32.28
CA CYS F 124 -14.24 3.98 -32.74
C CYS F 124 -14.22 4.14 -34.25
N PHE F 125 -13.03 4.08 -34.84
CA PHE F 125 -12.95 4.31 -36.28
C PHE F 125 -13.10 3.01 -37.05
N LEU F 126 -12.73 1.89 -36.44
CA LEU F 126 -12.73 0.63 -37.15
C LEU F 126 -14.14 0.23 -37.57
N CYS F 127 -15.08 0.28 -36.64
CA CYS F 127 -16.45 -0.11 -36.95
C CYS F 127 -17.19 0.94 -37.74
N ALA F 128 -16.50 1.94 -38.29
CA ALA F 128 -17.21 3.02 -38.95
C ALA F 128 -16.90 3.07 -40.44
N PHE F 129 -15.83 2.43 -40.88
CA PHE F 129 -15.50 2.47 -42.29
C PHE F 129 -15.03 1.14 -42.80
N CYS F 130 -15.30 0.07 -42.06
CA CYS F 130 -14.92 -1.23 -42.57
C CYS F 130 -15.73 -1.63 -43.78
N THR F 131 -16.93 -1.09 -43.95
CA THR F 131 -17.78 -1.48 -45.07
C THR F 131 -17.14 -1.13 -46.42
N ALA F 132 -16.26 -0.15 -46.46
CA ALA F 132 -15.59 0.22 -47.69
C ALA F 132 -14.08 0.20 -47.52
N VAL F 133 -13.52 -1.00 -47.67
CA VAL F 133 -12.09 -1.22 -47.76
C VAL F 133 -11.79 -1.62 -49.19
N PRO F 134 -10.70 -1.19 -49.78
CA PRO F 134 -10.37 -1.69 -51.11
C PRO F 134 -9.86 -3.11 -50.99
N VAL F 135 -10.72 -4.06 -51.32
CA VAL F 135 -10.40 -5.47 -51.10
C VAL F 135 -9.34 -5.96 -52.07
N SER F 136 -9.27 -5.34 -53.25
CA SER F 136 -8.23 -5.68 -54.20
C SER F 136 -6.83 -5.33 -53.69
N ALA F 137 -6.72 -4.39 -52.77
CA ALA F 137 -5.43 -3.93 -52.28
C ALA F 137 -4.94 -4.90 -51.21
N LEU F 138 -3.87 -5.63 -51.52
CA LEU F 138 -3.33 -6.63 -50.61
C LEU F 138 -4.37 -7.70 -50.33
N GLY F 139 -4.78 -8.39 -51.39
CA GLY F 139 -5.89 -9.31 -51.28
C GLY F 139 -5.56 -10.77 -51.54
N ASN F 140 -4.28 -11.13 -51.48
CA ASN F 140 -3.85 -12.53 -51.56
C ASN F 140 -4.36 -13.20 -52.84
N GLY F 141 -3.82 -12.72 -53.97
CA GLY F 141 -4.28 -13.16 -55.28
C GLY F 141 -5.72 -12.75 -55.48
N SER F 142 -6.01 -11.46 -55.53
CA SER F 142 -7.40 -10.99 -55.59
C SER F 142 -7.98 -11.01 -57.00
N LEU F 143 -9.14 -10.39 -57.17
CA LEU F 143 -9.83 -10.37 -58.44
C LEU F 143 -11.34 -10.41 -58.31
N ALA F 144 -11.84 -10.50 -57.06
CA ALA F 144 -13.27 -10.51 -56.77
C ALA F 144 -13.95 -11.62 -57.56
N PRO F 145 -13.82 -12.87 -57.14
CA PRO F 145 -14.30 -13.98 -57.97
C PRO F 145 -15.82 -14.00 -58.10
N GLY F 146 -16.34 -13.09 -58.92
CA GLY F 146 -17.76 -13.02 -59.18
C GLY F 146 -18.60 -12.61 -58.01
N LEU F 147 -18.01 -11.99 -57.00
CA LEU F 147 -18.75 -11.65 -55.79
C LEU F 147 -19.74 -10.54 -56.06
N PRO F 148 -20.95 -10.60 -55.52
CA PRO F 148 -21.92 -9.53 -55.76
C PRO F 148 -21.75 -8.38 -54.80
N ALA F 149 -22.58 -7.35 -54.92
CA ALA F 149 -22.55 -6.28 -53.93
C ALA F 149 -23.21 -6.70 -52.62
N PRO F 150 -24.48 -7.09 -52.59
CA PRO F 150 -25.02 -7.66 -51.36
C PRO F 150 -24.40 -9.03 -51.13
N GLU F 151 -24.48 -9.47 -49.88
CA GLU F 151 -23.81 -10.70 -49.44
C GLU F 151 -22.29 -10.58 -49.54
N LEU F 152 -21.81 -9.38 -49.64
CA LEU F 152 -20.41 -9.02 -49.44
C LEU F 152 -20.26 -7.92 -48.41
N ALA F 153 -21.17 -6.96 -48.40
CA ALA F 153 -21.28 -6.06 -47.26
C ALA F 153 -21.46 -6.85 -45.97
N ARG F 154 -22.28 -7.90 -46.01
CA ARG F 154 -22.37 -8.78 -44.85
C ARG F 154 -21.14 -9.65 -44.71
N LEU F 155 -20.26 -9.64 -45.71
CA LEU F 155 -18.99 -10.34 -45.57
C LEU F 155 -17.94 -9.43 -44.99
N LEU F 156 -17.78 -8.24 -45.55
CA LEU F 156 -16.82 -7.31 -44.98
C LEU F 156 -17.20 -6.89 -43.57
N ALA F 157 -18.48 -6.59 -43.35
CA ALA F 157 -18.86 -5.83 -42.17
C ALA F 157 -18.56 -6.56 -40.87
N ARG F 158 -18.32 -7.86 -40.91
CA ARG F 158 -18.07 -8.55 -39.66
C ARG F 158 -16.68 -8.29 -39.11
N VAL F 159 -15.83 -7.61 -39.86
CA VAL F 159 -14.38 -7.65 -39.61
C VAL F 159 -13.98 -7.39 -38.16
N PRO F 160 -14.58 -6.44 -37.47
CA PRO F 160 -14.18 -6.25 -36.07
C PRO F 160 -14.61 -7.37 -35.17
N CYS F 161 -15.76 -7.97 -35.40
CA CYS F 161 -16.22 -9.03 -34.53
C CYS F 161 -15.36 -10.27 -34.78
N PRO F 162 -14.39 -10.58 -33.92
CA PRO F 162 -13.36 -11.57 -34.29
C PRO F 162 -13.87 -12.98 -34.49
N GLU F 163 -14.49 -13.57 -33.47
CA GLU F 163 -14.78 -15.00 -33.55
C GLU F 163 -15.89 -15.30 -34.54
N ILE F 164 -16.64 -14.28 -34.96
CA ILE F 164 -17.70 -14.52 -35.93
C ILE F 164 -17.29 -14.12 -37.34
N TYR F 165 -15.99 -13.99 -37.61
CA TYR F 165 -15.58 -13.65 -38.96
C TYR F 165 -15.85 -14.79 -39.92
N ASP F 166 -16.31 -14.45 -41.13
CA ASP F 166 -16.65 -15.48 -42.12
C ASP F 166 -15.41 -16.28 -42.53
N GLY F 167 -14.47 -15.63 -43.22
CA GLY F 167 -13.35 -16.39 -43.73
C GLY F 167 -12.41 -15.70 -44.69
N ASP F 168 -11.56 -16.50 -45.34
CA ASP F 168 -10.43 -16.00 -46.10
C ASP F 168 -10.79 -15.45 -47.46
N TRP F 169 -12.07 -15.39 -47.81
CA TRP F 169 -12.44 -14.96 -49.15
C TRP F 169 -12.04 -13.51 -49.36
N LEU F 170 -11.00 -13.32 -50.16
CA LEU F 170 -10.57 -11.99 -50.54
C LEU F 170 -10.12 -11.19 -49.33
N LEU F 171 -9.74 -11.87 -48.25
CA LEU F 171 -9.23 -11.14 -47.09
C LEU F 171 -8.74 -12.11 -46.05
N ALA F 172 -7.71 -11.72 -45.33
CA ALA F 172 -7.42 -12.28 -44.03
C ALA F 172 -7.95 -11.30 -43.00
N ARG F 173 -7.89 -11.67 -41.73
CA ARG F 173 -8.30 -10.71 -40.73
C ARG F 173 -7.20 -9.73 -40.41
N GLU F 174 -5.98 -10.21 -40.24
CA GLU F 174 -4.93 -9.33 -39.73
C GLU F 174 -4.33 -8.45 -40.81
N VAL F 175 -5.00 -8.25 -41.93
CA VAL F 175 -4.57 -7.25 -42.90
C VAL F 175 -5.68 -6.26 -43.19
N ALA F 176 -6.92 -6.58 -42.85
CA ALA F 176 -7.98 -5.59 -42.94
C ALA F 176 -8.02 -4.74 -41.69
N VAL F 177 -7.85 -5.36 -40.53
CA VAL F 177 -7.45 -4.61 -39.34
C VAL F 177 -5.95 -4.44 -39.52
N ARG F 178 -5.33 -3.58 -38.71
CA ARG F 178 -3.92 -3.28 -38.84
C ARG F 178 -3.61 -2.61 -40.17
N TYR F 179 -4.64 -2.10 -40.83
CA TYR F 179 -4.50 -1.11 -41.85
C TYR F 179 -5.54 -0.02 -41.71
N LEU F 180 -6.58 -0.29 -40.91
CA LEU F 180 -7.49 0.76 -40.48
C LEU F 180 -7.12 1.28 -39.11
N ARG F 181 -6.21 0.63 -38.41
CA ARG F 181 -5.68 1.25 -37.21
C ARG F 181 -4.44 2.05 -37.51
N CYS F 182 -3.94 1.99 -38.74
CA CYS F 182 -2.92 2.94 -39.15
C CYS F 182 -3.53 4.28 -39.52
N ILE F 183 -4.45 4.28 -40.49
CA ILE F 183 -5.08 5.53 -40.93
C ILE F 183 -5.69 6.28 -39.77
N SER F 184 -6.27 5.56 -38.81
CA SER F 184 -6.86 6.22 -37.66
C SER F 184 -5.80 6.97 -36.87
N GLN F 185 -4.72 6.30 -36.49
CA GLN F 185 -3.71 6.96 -35.66
C GLN F 185 -3.02 8.09 -36.39
N ALA F 186 -3.27 8.25 -37.70
CA ALA F 186 -2.77 9.42 -38.38
C ALA F 186 -3.63 10.63 -38.09
N LEU F 187 -4.95 10.46 -38.07
CA LEU F 187 -5.80 11.57 -37.70
C LEU F 187 -5.55 11.99 -36.25
N GLY F 188 -5.33 11.01 -35.38
CA GLY F 188 -5.21 11.30 -33.97
C GLY F 188 -4.04 12.23 -33.66
N TRP F 189 -2.97 12.14 -34.43
CA TRP F 189 -1.89 13.09 -34.25
C TRP F 189 -2.14 14.36 -35.06
N SER F 190 -2.54 14.21 -36.31
CA SER F 190 -2.79 15.40 -37.14
C SER F 190 -4.04 16.15 -36.68
N PHE F 191 -4.75 15.60 -35.70
CA PHE F 191 -5.79 16.39 -35.04
C PHE F 191 -5.24 17.10 -33.82
N VAL F 192 -4.66 16.35 -32.88
CA VAL F 192 -4.19 16.95 -31.63
C VAL F 192 -3.12 17.99 -31.90
N LEU F 193 -2.38 17.83 -32.99
CA LEU F 193 -1.46 18.88 -33.40
C LEU F 193 -2.21 20.18 -33.68
N LEU F 194 -3.19 20.13 -34.58
CA LEU F 194 -3.91 21.34 -34.97
C LEU F 194 -4.57 22.03 -33.79
N THR F 195 -5.13 21.27 -32.86
CA THR F 195 -5.78 21.88 -31.72
C THR F 195 -4.78 22.62 -30.85
N THR F 196 -3.70 21.96 -30.46
CA THR F 196 -2.75 22.61 -29.57
C THR F 196 -2.12 23.82 -30.23
N LEU F 197 -1.84 23.74 -31.52
CA LEU F 197 -1.37 24.92 -32.23
C LEU F 197 -2.41 26.04 -32.18
N LEU F 198 -3.69 25.68 -32.18
CA LEU F 198 -4.73 26.70 -32.06
C LEU F 198 -4.90 27.14 -30.62
N ALA F 199 -4.34 26.39 -29.68
CA ALA F 199 -4.25 26.90 -28.31
C ALA F 199 -3.19 27.98 -28.22
N PHE F 200 -2.26 27.99 -29.17
CA PHE F 200 -1.21 29.00 -29.16
C PHE F 200 -1.78 30.38 -29.45
N VAL F 201 -2.33 30.41 -30.63
CA VAL F 201 -2.86 31.59 -31.14
C VAL F 201 -3.77 32.20 -30.19
N VAL F 202 -4.64 31.48 -29.51
CA VAL F 202 -5.61 32.19 -28.70
C VAL F 202 -5.04 33.05 -27.61
N ARG F 203 -4.13 32.46 -26.83
CA ARG F 203 -3.56 33.19 -25.75
C ARG F 203 -2.72 34.27 -26.34
N SER F 204 -1.92 33.85 -27.31
CA SER F 204 -0.99 34.77 -27.88
C SER F 204 -1.55 35.96 -28.56
N VAL F 205 -2.79 35.93 -29.05
CA VAL F 205 -3.22 37.17 -29.52
C VAL F 205 -4.09 37.91 -28.63
N ARG F 206 -5.21 37.37 -28.15
CA ARG F 206 -6.14 38.53 -27.86
C ARG F 206 -7.56 38.39 -27.29
N PRO F 207 -8.62 38.27 -28.23
CA PRO F 207 -10.05 38.08 -27.99
C PRO F 207 -10.51 38.42 -26.58
N CYS F 208 -10.74 39.72 -26.35
CA CYS F 208 -11.36 40.23 -25.12
C CYS F 208 -10.43 40.11 -23.91
N PHE F 209 -9.18 40.52 -24.10
CA PHE F 209 -8.21 40.59 -23.02
C PHE F 209 -8.02 42.01 -22.51
N THR F 210 -8.94 42.91 -22.82
CA THR F 210 -8.80 44.33 -22.52
C THR F 210 -8.54 44.57 -21.04
N GLN F 211 -7.52 45.39 -20.77
CA GLN F 211 -7.13 45.67 -19.38
C GLN F 211 -8.28 46.30 -18.60
N ALA F 212 -9.16 47.02 -19.30
CA ALA F 212 -10.29 47.63 -18.61
C ALA F 212 -11.18 46.58 -17.97
N ALA F 213 -11.76 45.70 -18.79
CA ALA F 213 -12.86 44.88 -18.29
C ALA F 213 -12.35 43.73 -17.45
N PHE F 214 -11.13 43.27 -17.72
CA PHE F 214 -10.54 42.25 -16.86
C PHE F 214 -10.49 42.72 -15.42
N LEU F 215 -10.19 44.00 -15.23
CA LEU F 215 -10.14 44.54 -13.88
C LEU F 215 -11.49 44.50 -13.21
N LYS F 216 -12.51 45.05 -13.86
CA LYS F 216 -13.84 45.11 -13.27
C LYS F 216 -14.34 43.73 -12.91
N SER F 217 -14.04 42.74 -13.75
CA SER F 217 -14.50 41.38 -13.49
C SER F 217 -13.93 40.85 -12.19
N LYS F 218 -12.61 40.67 -12.15
CA LYS F 218 -11.98 40.01 -11.01
C LYS F 218 -12.27 40.75 -9.72
N TYR F 219 -12.43 42.07 -9.79
CA TYR F 219 -12.93 42.80 -8.65
C TYR F 219 -14.30 42.30 -8.24
N TRP F 220 -15.21 42.18 -9.21
CA TRP F 220 -16.58 41.81 -8.91
C TRP F 220 -16.67 40.43 -8.30
N SER F 221 -16.11 39.43 -8.98
CA SER F 221 -16.17 38.07 -8.47
C SER F 221 -15.48 37.96 -7.13
N HIS F 222 -14.47 38.80 -6.89
CA HIS F 222 -13.88 38.85 -5.55
C HIS F 222 -14.88 39.40 -4.55
N TYR F 223 -15.79 40.25 -5.00
CA TYR F 223 -16.70 40.91 -4.08
C TYR F 223 -17.80 39.98 -3.60
N ILE F 224 -18.25 39.08 -4.46
CA ILE F 224 -19.30 38.14 -4.07
C ILE F 224 -18.83 37.26 -2.93
N ASP F 225 -17.53 36.96 -2.89
CA ASP F 225 -17.00 36.10 -1.84
C ASP F 225 -17.21 36.74 -0.48
N ILE F 226 -16.74 37.97 -0.30
CA ILE F 226 -16.82 38.62 1.00
C ILE F 226 -18.26 38.82 1.43
N GLU F 227 -19.17 39.01 0.46
CA GLU F 227 -20.57 39.20 0.80
C GLU F 227 -21.14 37.97 1.47
N ARG F 228 -20.97 36.80 0.84
CA ARG F 228 -21.51 35.57 1.42
C ARG F 228 -20.84 35.25 2.74
N LYS F 229 -19.52 35.31 2.79
CA LYS F 229 -18.79 34.97 4.01
C LYS F 229 -19.18 35.88 5.17
N LEU F 230 -19.46 37.14 4.88
CA LEU F 230 -19.73 38.09 5.95
C LEU F 230 -21.17 38.02 6.44
N PHE F 231 -22.11 37.61 5.60
CA PHE F 231 -23.51 37.58 6.03
C PHE F 231 -23.70 36.62 7.19
N ASP F 232 -23.00 35.49 7.17
CA ASP F 232 -23.12 34.51 8.23
C ASP F 232 -22.73 35.09 9.59
N GLU F 233 -21.80 36.03 9.61
CA GLU F 233 -21.39 36.63 10.86
C GLU F 233 -22.55 37.31 11.57
N THR F 234 -23.27 38.17 10.85
CA THR F 234 -24.38 38.90 11.48
C THR F 234 -25.46 37.94 11.97
N CYS F 235 -25.71 36.87 11.22
CA CYS F 235 -26.73 35.92 11.62
C CYS F 235 -26.37 35.26 12.94
N THR F 236 -25.25 34.55 12.97
CA THR F 236 -24.82 33.89 14.19
C THR F 236 -24.69 34.88 15.34
N GLU F 237 -24.23 36.10 15.02
CA GLU F 237 -24.22 37.14 16.04
C GLU F 237 -25.63 37.49 16.47
N HIS F 238 -26.47 37.93 15.52
CA HIS F 238 -27.81 38.38 15.87
C HIS F 238 -28.64 37.26 16.48
N ALA F 239 -28.34 36.00 16.14
CA ALA F 239 -29.09 34.90 16.70
C ALA F 239 -28.69 34.64 18.15
N LYS F 240 -27.39 34.76 18.45
CA LYS F 240 -26.89 34.42 19.78
C LYS F 240 -27.61 35.23 20.86
N ALA F 241 -27.87 36.50 20.59
CA ALA F 241 -28.62 37.30 21.54
C ALA F 241 -30.05 36.81 21.69
N PHE F 242 -30.57 36.09 20.70
CA PHE F 242 -31.95 35.68 20.73
C PHE F 242 -32.19 34.34 21.41
N ALA F 243 -31.22 33.43 21.37
CA ALA F 243 -31.43 32.12 21.98
C ALA F 243 -31.54 32.21 23.49
N LYS F 244 -30.83 33.16 24.11
CA LYS F 244 -30.75 33.20 25.57
C LYS F 244 -32.11 33.39 26.21
N VAL F 245 -33.04 34.06 25.52
CA VAL F 245 -34.35 34.27 26.10
C VAL F 245 -35.13 32.96 26.21
N CYS F 246 -34.97 32.06 25.24
CA CYS F 246 -35.80 30.86 25.24
C CYS F 246 -35.16 29.70 25.98
N ILE F 247 -33.86 29.45 25.73
CA ILE F 247 -33.17 28.32 26.34
C ILE F 247 -33.27 28.37 27.85
N GLN F 248 -33.21 29.57 28.43
CA GLN F 248 -33.38 29.69 29.86
C GLN F 248 -34.75 29.22 30.30
N GLN F 249 -35.75 29.34 29.43
CA GLN F 249 -37.09 28.94 29.82
C GLN F 249 -37.20 27.44 30.01
N PHE F 250 -36.45 26.66 29.22
CA PHE F 250 -36.41 25.22 29.42
C PHE F 250 -35.90 24.88 30.82
N PHE F 251 -34.77 25.47 31.20
CA PHE F 251 -34.38 25.46 32.59
C PHE F 251 -35.43 26.19 33.42
N GLU F 252 -35.54 25.81 34.69
CA GLU F 252 -36.44 26.49 35.62
C GLU F 252 -37.90 26.33 35.22
N ALA F 253 -38.19 25.45 34.27
CA ALA F 253 -39.51 25.35 33.69
C ALA F 253 -40.01 23.93 33.61
N MET F 254 -39.12 22.98 33.89
CA MET F 254 -39.55 21.58 33.96
C MET F 254 -39.99 21.22 35.38
N ASN F 255 -39.10 21.39 36.35
CA ASN F 255 -39.44 21.22 37.75
C ASN F 255 -38.77 22.26 38.64
N HIS F 256 -37.91 23.12 38.09
CA HIS F 256 -37.10 24.05 38.87
C HIS F 256 -36.13 23.34 39.80
N ASP F 257 -35.92 22.05 39.57
CA ASP F 257 -35.06 21.23 40.41
C ASP F 257 -35.07 19.82 39.85
N LEU F 258 -34.33 18.94 40.50
CA LEU F 258 -34.32 17.53 40.19
C LEU F 258 -34.82 16.75 41.40
N GLU F 259 -35.60 15.72 41.14
CA GLU F 259 -36.05 14.81 42.18
C GLU F 259 -34.92 13.95 42.72
N LEU F 260 -33.82 13.84 41.99
CA LEU F 260 -32.68 13.03 42.38
C LEU F 260 -31.85 13.65 43.49
N GLY F 261 -32.29 14.76 44.07
CA GLY F 261 -31.60 15.35 45.21
C GLY F 261 -31.59 14.37 46.37
N HIS F 262 -30.38 14.00 46.80
CA HIS F 262 -30.21 13.06 47.90
C HIS F 262 -30.13 13.79 49.22
N MET G 1 6.14 -4.24 -20.44
CA MET G 1 6.24 -2.94 -21.10
C MET G 1 6.18 -1.82 -20.07
N MET G 2 5.77 -2.17 -18.86
CA MET G 2 5.67 -1.19 -17.80
C MET G 2 7.03 -0.61 -17.39
N ASP G 3 8.12 -1.29 -17.75
CA ASP G 3 9.44 -0.92 -17.25
C ASP G 3 9.83 0.50 -17.66
N LYS G 4 9.54 0.88 -18.91
CA LYS G 4 10.02 2.18 -19.40
C LYS G 4 9.35 3.33 -18.66
N PHE G 5 8.17 3.10 -18.10
CA PHE G 5 7.41 4.15 -17.44
C PHE G 5 7.23 3.90 -15.94
N ARG G 6 7.19 2.64 -15.51
CA ARG G 6 7.06 2.35 -14.09
C ARG G 6 8.28 2.85 -13.32
N MET G 7 9.41 2.99 -14.01
CA MET G 7 10.61 3.54 -13.40
C MET G 7 10.41 4.96 -12.89
N ILE G 8 10.02 5.90 -13.75
CA ILE G 8 9.73 7.25 -13.30
C ILE G 8 8.54 7.27 -12.34
N PHE G 9 7.68 6.25 -12.42
CA PHE G 9 6.54 6.13 -11.51
C PHE G 9 6.96 6.13 -10.04
N GLN G 10 7.83 5.22 -9.64
CA GLN G 10 8.36 5.27 -8.28
C GLN G 10 9.35 6.40 -8.12
N PHE G 11 10.07 6.76 -9.20
CA PHE G 11 10.92 7.94 -9.17
C PHE G 11 10.11 9.19 -8.89
N LEU G 12 8.96 9.31 -9.55
CA LEU G 12 7.98 10.31 -9.15
C LEU G 12 7.55 10.08 -7.71
N GLN G 13 7.25 8.84 -7.37
CA GLN G 13 6.94 8.47 -6.00
C GLN G 13 8.14 8.70 -5.06
N SER G 14 9.34 8.80 -5.60
CA SER G 14 10.53 8.90 -4.77
C SER G 14 10.54 10.14 -3.89
N ASN G 15 10.58 11.33 -4.47
CA ASN G 15 10.69 12.54 -3.67
C ASN G 15 10.05 13.69 -4.43
N GLN G 16 10.22 14.89 -3.90
CA GLN G 16 9.65 16.10 -4.48
C GLN G 16 10.72 17.18 -4.56
N GLU G 17 11.89 16.81 -5.09
CA GLU G 17 13.01 17.74 -5.21
C GLU G 17 13.29 17.99 -6.68
N SER G 18 13.03 19.22 -7.12
CA SER G 18 13.25 19.60 -8.51
C SER G 18 13.15 21.10 -8.71
N PHE G 19 13.11 21.53 -9.97
CA PHE G 19 12.99 22.94 -10.34
C PHE G 19 12.03 23.07 -11.51
N MET G 20 12.07 24.20 -12.21
CA MET G 20 11.29 24.40 -13.42
C MET G 20 11.43 23.23 -14.38
N ASN G 21 12.66 22.74 -14.54
CA ASN G 21 12.87 21.48 -15.26
C ASN G 21 12.13 20.34 -14.57
N GLY G 22 12.15 20.30 -13.24
CA GLY G 22 11.30 19.36 -12.53
C GLY G 22 9.82 19.68 -12.71
N ILE G 23 9.51 20.97 -12.85
CA ILE G 23 8.16 21.34 -13.28
C ILE G 23 7.90 20.83 -14.69
N CYS G 24 8.91 20.92 -15.56
CA CYS G 24 8.86 20.20 -16.82
C CYS G 24 8.84 18.70 -16.57
N GLY G 25 9.43 18.26 -15.46
CA GLY G 25 9.30 16.86 -15.06
C GLY G 25 7.86 16.46 -14.84
N ILE G 26 7.00 17.42 -14.50
CA ILE G 26 5.57 17.13 -14.42
C ILE G 26 5.04 16.62 -15.75
N MET G 27 5.48 17.26 -16.84
CA MET G 27 5.00 16.86 -18.17
C MET G 27 5.85 15.74 -18.76
N ALA G 28 7.14 15.99 -18.97
CA ALA G 28 7.94 15.11 -19.83
C ALA G 28 8.14 13.74 -19.19
N LEU G 29 8.11 13.65 -17.87
CA LEU G 29 8.10 12.34 -17.23
C LEU G 29 6.92 11.52 -17.73
N ALA G 30 5.77 12.17 -17.90
CA ALA G 30 4.68 11.55 -18.64
C ALA G 30 5.10 11.23 -20.07
N SER G 31 5.89 12.11 -20.69
CA SER G 31 6.37 11.83 -22.03
C SER G 31 7.33 10.64 -22.04
N ALA G 32 8.03 10.43 -20.92
CA ALA G 32 8.76 9.18 -20.78
C ALA G 32 7.83 8.00 -20.61
N GLN G 33 6.58 8.27 -20.18
CA GLN G 33 5.66 7.20 -19.85
C GLN G 33 4.55 7.08 -20.88
N MET G 34 4.12 8.22 -21.44
CA MET G 34 3.04 8.24 -22.43
C MET G 34 3.33 7.32 -23.60
N TYR G 35 4.62 7.11 -23.90
CA TYR G 35 4.98 6.11 -24.90
C TYR G 35 4.48 4.73 -24.50
N SER G 36 4.46 4.44 -23.20
CA SER G 36 4.21 3.07 -22.75
C SER G 36 2.82 2.58 -23.11
N ALA G 37 1.78 3.36 -22.84
CA ALA G 37 0.42 2.93 -23.08
C ALA G 37 -0.05 3.20 -24.51
N PHE G 38 0.56 4.16 -25.20
CA PHE G 38 0.29 4.38 -26.61
C PHE G 38 0.97 3.33 -27.47
N ASP G 39 0.18 2.46 -28.08
CA ASP G 39 0.71 1.28 -28.75
C ASP G 39 1.42 1.72 -30.03
N PHE G 40 2.04 0.76 -30.71
CA PHE G 40 2.69 0.98 -31.99
C PHE G 40 2.52 -0.28 -32.83
N ASN G 41 2.13 -0.11 -34.09
CA ASN G 41 1.91 -1.24 -34.99
C ASN G 41 1.88 -0.71 -36.41
N CYS G 42 2.76 -1.22 -37.26
CA CYS G 42 2.90 -0.62 -38.57
C CYS G 42 2.10 -1.41 -39.60
N PRO G 43 1.71 -0.76 -40.69
CA PRO G 43 0.81 -1.38 -41.66
C PRO G 43 1.31 -2.67 -42.26
N CYS G 44 2.62 -2.87 -42.28
CA CYS G 44 3.24 -3.95 -43.04
C CYS G 44 2.59 -4.12 -44.41
N LEU G 45 2.73 -3.07 -45.21
CA LEU G 45 2.36 -2.84 -46.60
C LEU G 45 3.57 -2.29 -47.36
N PRO G 46 3.52 -2.18 -48.69
CA PRO G 46 4.76 -1.99 -49.44
C PRO G 46 5.38 -0.60 -49.34
N GLY G 47 4.60 0.45 -49.26
CA GLY G 47 5.20 1.78 -49.30
C GLY G 47 4.77 2.70 -48.19
N TYR G 48 3.71 2.33 -47.47
CA TYR G 48 3.18 3.16 -46.41
C TYR G 48 4.13 3.29 -45.23
N ASN G 49 4.97 2.27 -44.98
CA ASN G 49 5.81 2.25 -43.79
C ASN G 49 6.64 3.52 -43.70
N ALA G 50 7.50 3.76 -44.69
CA ALA G 50 8.41 4.89 -44.63
C ALA G 50 7.65 6.21 -44.54
N ALA G 51 6.39 6.23 -44.96
CA ALA G 51 5.53 7.35 -44.61
C ALA G 51 5.16 7.29 -43.14
N TYR G 52 4.66 6.14 -42.68
CA TYR G 52 4.02 6.10 -41.37
C TYR G 52 5.03 6.29 -40.26
N SER G 53 6.22 5.72 -40.39
CA SER G 53 7.15 5.80 -39.27
C SER G 53 7.60 7.23 -39.05
N ALA G 54 7.76 8.00 -40.13
CA ALA G 54 8.14 9.40 -39.97
C ALA G 54 7.06 10.18 -39.24
N GLY G 55 5.85 9.62 -39.15
CA GLY G 55 4.83 10.26 -38.35
C GLY G 55 5.14 10.23 -36.88
N ILE G 56 5.88 9.22 -36.42
CA ILE G 56 6.08 9.09 -34.98
C ILE G 56 7.49 9.49 -34.59
N LEU G 57 8.14 10.33 -35.40
CA LEU G 57 9.32 11.03 -34.92
C LEU G 57 9.26 12.53 -35.15
N LEU G 58 8.17 13.06 -35.68
CA LEU G 58 8.07 14.49 -35.91
C LEU G 58 6.81 15.12 -35.35
N ALA G 59 5.67 14.45 -35.41
CA ALA G 59 4.50 15.14 -34.90
C ALA G 59 4.49 15.10 -33.38
N PRO G 60 4.48 13.92 -32.74
CA PRO G 60 4.41 13.88 -31.28
C PRO G 60 5.57 14.58 -30.59
N PRO G 61 6.73 14.69 -31.22
CA PRO G 61 7.70 15.64 -30.65
C PRO G 61 7.21 17.06 -30.71
N LEU G 62 6.84 17.53 -31.90
CA LEU G 62 6.47 18.93 -32.09
C LEU G 62 5.31 19.33 -31.20
N VAL G 63 4.40 18.40 -30.93
CA VAL G 63 3.32 18.69 -29.99
C VAL G 63 3.88 18.98 -28.61
N LEU G 64 4.77 18.12 -28.12
CA LEU G 64 5.29 18.34 -26.78
C LEU G 64 6.09 19.63 -26.68
N PHE G 65 6.61 20.12 -27.81
CA PHE G 65 7.28 21.40 -27.79
C PHE G 65 6.30 22.53 -27.56
N LEU G 66 5.34 22.72 -28.46
CA LEU G 66 4.38 23.80 -28.35
C LEU G 66 3.56 23.74 -27.06
N LEU G 67 3.42 22.55 -26.48
CA LEU G 67 2.74 22.47 -25.20
C LEU G 67 3.64 22.94 -24.08
N GLY G 68 4.90 23.26 -24.39
CA GLY G 68 5.77 23.83 -23.38
C GLY G 68 5.68 25.34 -23.34
N LEU G 69 5.60 25.98 -24.50
CA LEU G 69 5.47 27.43 -24.51
C LEU G 69 4.16 27.87 -23.85
N VAL G 70 3.04 27.34 -24.32
CA VAL G 70 1.74 27.77 -23.81
C VAL G 70 1.60 27.42 -22.33
N MET G 71 2.34 26.42 -21.86
CA MET G 71 2.13 25.96 -20.50
C MET G 71 2.65 26.96 -19.47
N ASN G 72 3.70 27.71 -19.81
CA ASN G 72 4.25 28.64 -18.84
C ASN G 72 3.65 30.03 -19.01
N ASN G 73 3.66 30.79 -17.92
CA ASN G 73 2.90 32.02 -17.79
C ASN G 73 3.70 33.26 -18.18
N ASN G 74 4.29 33.26 -19.36
CA ASN G 74 5.09 34.40 -19.79
C ASN G 74 4.79 34.88 -21.20
N VAL G 75 4.28 34.02 -22.08
CA VAL G 75 4.29 34.32 -23.50
C VAL G 75 3.46 35.54 -23.84
N SER G 76 2.42 35.81 -23.05
CA SER G 76 1.61 37.00 -23.28
C SER G 76 2.46 38.26 -23.20
N MET G 77 3.27 38.38 -22.14
CA MET G 77 4.08 39.57 -21.94
C MET G 77 5.03 39.78 -23.11
N LEU G 78 5.57 38.68 -23.66
CA LEU G 78 6.35 38.81 -24.88
C LEU G 78 5.46 39.01 -26.09
N ALA G 79 4.36 38.27 -26.16
CA ALA G 79 3.46 38.41 -27.30
C ALA G 79 2.82 39.79 -27.32
N GLU G 80 2.44 40.31 -26.15
CA GLU G 80 1.82 41.63 -26.10
C GLU G 80 2.77 42.72 -26.59
N GLU G 81 3.99 42.74 -26.07
CA GLU G 81 4.91 43.82 -26.36
C GLU G 81 5.61 43.65 -27.70
N TRP G 82 5.44 42.52 -28.37
CA TRP G 82 6.02 42.37 -29.70
C TRP G 82 5.11 42.98 -30.77
N LYS G 83 3.82 42.66 -30.72
CA LYS G 83 2.86 43.23 -31.67
C LYS G 83 2.85 44.75 -31.65
N ARG G 84 3.09 45.37 -30.51
CA ARG G 84 3.14 46.82 -30.45
C ARG G 84 4.29 47.37 -31.28
N PRO G 85 4.30 48.66 -31.57
CA PRO G 85 5.37 49.24 -32.37
C PRO G 85 6.63 49.42 -31.53
N PRO G 86 7.81 49.42 -32.15
CA PRO G 86 9.02 49.77 -31.42
C PRO G 86 8.93 51.19 -30.86
N GLY G 87 9.76 51.46 -29.85
CA GLY G 87 9.72 52.75 -29.19
C GLY G 87 8.75 52.74 -28.02
N ARG G 88 7.49 52.42 -28.30
CA ARG G 88 6.50 52.24 -27.23
C ARG G 88 6.84 51.07 -26.32
N ARG G 89 7.67 50.14 -26.77
CA ARG G 89 8.07 48.98 -25.98
C ARG G 89 8.73 49.47 -24.69
N ALA G 90 8.12 49.13 -23.55
CA ALA G 90 8.68 49.50 -22.27
C ALA G 90 9.89 48.65 -21.89
N LYS G 91 10.40 47.83 -22.80
CA LYS G 91 11.51 46.94 -22.52
C LYS G 91 12.49 46.94 -23.68
N ASP G 92 13.78 46.84 -23.35
CA ASP G 92 14.83 46.81 -24.34
C ASP G 92 14.75 45.52 -25.14
N PRO G 93 15.23 45.53 -26.39
CA PRO G 93 15.42 44.27 -27.12
C PRO G 93 16.22 43.25 -26.34
N ALA G 94 17.20 43.69 -25.55
CA ALA G 94 18.02 42.75 -24.78
C ALA G 94 17.16 41.91 -23.85
N VAL G 95 16.37 42.57 -23.00
CA VAL G 95 15.51 41.82 -22.08
C VAL G 95 14.49 41.00 -22.86
N LEU G 96 14.08 41.49 -24.02
CA LEU G 96 13.24 40.67 -24.88
C LEU G 96 14.01 39.46 -25.37
N ARG G 97 15.15 39.68 -26.03
CA ARG G 97 15.89 38.60 -26.65
C ARG G 97 16.28 37.53 -25.63
N TYR G 98 16.75 37.96 -24.47
CA TYR G 98 17.06 36.97 -23.43
C TYR G 98 15.80 36.24 -23.00
N MET G 99 14.84 36.98 -22.46
CA MET G 99 13.64 36.35 -21.90
C MET G 99 12.92 35.47 -22.90
N PHE G 100 12.96 35.81 -24.18
CA PHE G 100 12.44 34.92 -25.19
C PHE G 100 13.27 33.66 -25.34
N CYS G 101 14.60 33.76 -25.28
CA CYS G 101 15.46 32.60 -25.38
C CYS G 101 15.40 31.72 -24.14
N SER G 102 15.06 32.28 -22.98
CA SER G 102 14.94 31.45 -21.79
C SER G 102 13.61 30.74 -21.73
N MET G 103 12.85 30.77 -22.82
CA MET G 103 11.67 29.92 -22.90
C MET G 103 12.00 28.63 -23.64
N ALA G 104 12.83 28.71 -24.67
CA ALA G 104 13.24 27.51 -25.40
C ALA G 104 13.94 26.51 -24.50
N GLN G 105 14.98 26.95 -23.80
CA GLN G 105 15.82 26.00 -23.06
C GLN G 105 15.11 25.42 -21.85
N ARG G 106 13.87 25.84 -21.60
CA ARG G 106 13.06 25.12 -20.62
C ARG G 106 12.04 24.24 -21.31
N ALA G 107 11.82 24.46 -22.60
CA ALA G 107 10.86 23.64 -23.34
C ALA G 107 11.53 22.43 -23.96
N LEU G 108 12.80 22.56 -24.34
CA LEU G 108 13.49 21.50 -25.06
C LEU G 108 13.77 20.27 -24.22
N TRP G 109 13.45 20.37 -22.94
CA TRP G 109 13.70 19.31 -21.99
C TRP G 109 12.72 18.19 -22.12
N ALA G 110 12.03 18.18 -23.25
CA ALA G 110 11.05 17.15 -23.48
C ALA G 110 11.30 16.58 -24.84
N PRO G 111 11.14 17.41 -25.87
CA PRO G 111 11.28 16.84 -27.21
C PRO G 111 12.64 16.25 -27.50
N VAL G 112 13.44 15.96 -26.48
CA VAL G 112 14.67 15.22 -26.71
C VAL G 112 14.58 13.89 -25.99
N VAL G 113 13.77 13.83 -24.94
CA VAL G 113 13.54 12.56 -24.27
C VAL G 113 12.59 11.70 -25.09
N TRP G 114 11.76 12.32 -25.92
CA TRP G 114 10.84 11.52 -26.72
C TRP G 114 11.39 11.28 -28.10
N VAL G 115 12.68 11.52 -28.30
CA VAL G 115 13.31 11.05 -29.51
C VAL G 115 14.37 10.01 -29.17
N ALA G 116 14.94 10.10 -27.98
CA ALA G 116 15.71 8.97 -27.49
C ALA G 116 14.82 7.76 -27.27
N VAL G 117 13.79 7.90 -26.43
CA VAL G 117 13.09 6.74 -25.91
C VAL G 117 12.13 6.14 -26.92
N THR G 118 12.14 6.63 -28.16
CA THR G 118 11.59 5.85 -29.26
C THR G 118 12.61 5.55 -30.32
N LEU G 119 13.88 5.60 -29.98
CA LEU G 119 14.90 4.92 -30.76
C LEU G 119 15.46 3.72 -30.02
N LEU G 120 15.63 3.80 -28.71
CA LEU G 120 16.28 2.71 -27.99
C LEU G 120 15.46 1.44 -28.00
N ASP G 121 14.16 1.55 -28.28
CA ASP G 121 13.39 0.31 -28.38
C ASP G 121 13.15 -0.07 -29.82
N GLY G 122 13.62 0.74 -30.77
CA GLY G 122 13.77 0.30 -32.13
C GLY G 122 12.50 0.11 -32.92
N LYS G 123 11.35 -0.03 -32.25
CA LYS G 123 10.10 -0.26 -32.96
C LYS G 123 9.86 0.82 -34.01
N CYS G 124 10.11 2.06 -33.65
CA CYS G 124 9.94 3.16 -34.59
C CYS G 124 10.87 3.00 -35.78
N PHE G 125 12.03 2.38 -35.58
CA PHE G 125 12.98 2.29 -36.68
C PHE G 125 12.76 1.03 -37.49
N LEU G 126 12.22 -0.01 -36.87
CA LEU G 126 12.08 -1.29 -37.54
C LEU G 126 11.14 -1.19 -38.73
N CYS G 127 9.96 -0.60 -38.53
CA CYS G 127 8.99 -0.48 -39.61
C CYS G 127 9.36 0.59 -40.60
N ALA G 128 10.57 1.13 -40.56
CA ALA G 128 10.89 2.26 -41.42
C ALA G 128 11.97 1.91 -42.44
N PHE G 129 12.71 0.84 -42.21
CA PHE G 129 13.75 0.49 -43.16
C PHE G 129 13.80 -1.01 -43.41
N CYS G 130 12.75 -1.71 -43.06
CA CYS G 130 12.77 -3.13 -43.35
C CYS G 130 12.68 -3.42 -44.83
N THR G 131 12.15 -2.49 -45.63
CA THR G 131 12.02 -2.74 -47.06
C THR G 131 13.36 -2.92 -47.74
N ALA G 132 14.42 -2.37 -47.19
CA ALA G 132 15.76 -2.53 -47.77
C ALA G 132 16.73 -3.10 -46.74
N VAL G 133 16.70 -4.42 -46.64
CA VAL G 133 17.68 -5.19 -45.88
C VAL G 133 18.53 -5.94 -46.91
N PRO G 134 19.82 -6.07 -46.71
CA PRO G 134 20.59 -6.90 -47.64
C PRO G 134 20.29 -8.36 -47.36
N VAL G 135 19.46 -8.97 -48.20
CA VAL G 135 18.97 -10.31 -47.95
C VAL G 135 20.07 -11.34 -48.15
N SER G 136 21.04 -11.03 -49.01
CA SER G 136 22.17 -11.92 -49.20
C SER G 136 23.03 -12.04 -47.96
N ALA G 137 22.99 -11.06 -47.07
CA ALA G 137 23.83 -11.06 -45.88
C ALA G 137 23.17 -11.91 -44.80
N LEU G 138 23.81 -13.04 -44.49
CA LEU G 138 23.27 -13.99 -43.52
C LEU G 138 21.91 -14.50 -43.99
N GLY G 139 21.92 -15.16 -45.14
CA GLY G 139 20.68 -15.55 -45.78
C GLY G 139 20.44 -17.04 -45.90
N ASN G 140 21.18 -17.85 -45.15
CA ASN G 140 20.95 -19.30 -45.07
C ASN G 140 21.02 -19.94 -46.46
N GLY G 141 22.23 -19.93 -47.02
CA GLY G 141 22.46 -20.40 -48.38
C GLY G 141 21.70 -19.51 -49.35
N SER G 142 22.07 -18.23 -49.45
CA SER G 142 21.30 -17.29 -50.28
C SER G 142 21.67 -17.35 -51.75
N LEU G 143 21.19 -16.38 -52.51
CA LEU G 143 21.42 -16.33 -53.95
C LEU G 143 20.24 -15.77 -54.73
N ALA G 144 19.17 -15.43 -54.02
CA ALA G 144 17.97 -14.82 -54.61
C ALA G 144 17.45 -15.71 -55.74
N PRO G 145 16.78 -16.82 -55.42
CA PRO G 145 16.44 -17.79 -56.47
C PRO G 145 15.42 -17.25 -57.45
N GLY G 146 15.89 -16.37 -58.35
CA GLY G 146 15.05 -15.82 -59.39
C GLY G 146 13.97 -14.89 -58.90
N LEU G 147 14.09 -14.37 -57.68
CA LEU G 147 13.03 -13.57 -57.11
C LEU G 147 12.94 -12.23 -57.83
N PRO G 148 11.74 -11.71 -58.09
CA PRO G 148 11.63 -10.42 -58.77
C PRO G 148 11.70 -9.26 -57.80
N ALA G 149 11.61 -8.03 -58.29
CA ALA G 149 11.52 -6.89 -57.39
C ALA G 149 10.15 -6.78 -56.75
N PRO G 150 9.05 -6.63 -57.50
CA PRO G 150 7.74 -6.71 -56.87
C PRO G 150 7.48 -8.14 -56.42
N GLU G 151 6.54 -8.28 -55.50
CA GLU G 151 6.26 -9.55 -54.86
C GLU G 151 7.45 -10.05 -54.05
N LEU G 152 8.36 -9.17 -53.74
CA LEU G 152 9.40 -9.35 -52.74
C LEU G 152 9.38 -8.22 -51.73
N ALA G 153 9.13 -7.00 -52.17
CA ALA G 153 8.80 -5.93 -51.24
C ALA G 153 7.62 -6.33 -50.37
N ARG G 154 6.61 -6.98 -50.96
CA ARG G 154 5.53 -7.52 -50.16
C ARG G 154 5.96 -8.75 -49.39
N LEU G 155 7.15 -9.26 -49.69
CA LEU G 155 7.69 -10.37 -48.89
C LEU G 155 8.51 -9.85 -47.72
N LEU G 156 9.43 -8.93 -47.99
CA LEU G 156 10.19 -8.34 -46.90
C LEU G 156 9.30 -7.57 -45.95
N ALA G 157 8.40 -6.76 -46.48
CA ALA G 157 7.78 -5.71 -45.70
C ALA G 157 6.96 -6.23 -44.53
N ARG G 158 6.62 -7.51 -44.53
CA ARG G 158 5.80 -7.99 -43.43
C ARG G 158 6.60 -8.19 -42.15
N VAL G 159 7.92 -8.04 -42.21
CA VAL G 159 8.79 -8.60 -41.16
C VAL G 159 8.38 -8.24 -39.74
N PRO G 160 7.96 -7.02 -39.45
CA PRO G 160 7.55 -6.74 -38.07
C PRO G 160 6.26 -7.42 -37.68
N CYS G 161 5.33 -7.56 -38.60
CA CYS G 161 4.06 -8.18 -38.23
C CYS G 161 4.28 -9.68 -38.05
N PRO G 162 4.38 -10.17 -36.81
CA PRO G 162 4.90 -11.52 -36.59
C PRO G 162 4.05 -12.64 -37.17
N GLU G 163 2.80 -12.76 -36.74
CA GLU G 163 2.03 -13.95 -37.09
C GLU G 163 1.67 -13.97 -38.57
N ILE G 164 1.79 -12.84 -39.26
CA ILE G 164 1.47 -12.83 -40.68
C ILE G 164 2.72 -12.90 -41.55
N TYR G 165 3.85 -13.33 -41.01
CA TYR G 165 5.05 -13.43 -41.83
C TYR G 165 4.91 -14.54 -42.85
N ASP G 166 5.40 -14.28 -44.07
CA ASP G 166 5.29 -15.26 -45.13
C ASP G 166 6.06 -16.53 -44.83
N GLY G 167 7.38 -16.45 -44.77
CA GLY G 167 8.16 -17.66 -44.60
C GLY G 167 9.65 -17.58 -44.77
N ASP G 168 10.28 -18.74 -44.87
CA ASP G 168 11.74 -18.88 -44.78
C ASP G 168 12.47 -18.49 -46.04
N TRP G 169 11.78 -18.01 -47.07
CA TRP G 169 12.44 -17.73 -48.33
C TRP G 169 13.44 -16.62 -48.16
N LEU G 170 14.71 -16.99 -48.17
CA LEU G 170 15.79 -16.02 -48.12
C LEU G 170 15.79 -15.25 -46.81
N LEU G 171 15.16 -15.81 -45.78
CA LEU G 171 15.19 -15.13 -44.49
C LEU G 171 14.55 -16.01 -43.44
N ALA G 172 15.05 -15.90 -42.23
CA ALA G 172 14.30 -16.29 -41.04
C ALA G 172 13.75 -15.01 -40.45
N ARG G 173 12.93 -15.13 -39.41
CA ARG G 173 12.47 -13.90 -38.77
C ARG G 173 13.50 -13.38 -37.79
N GLU G 174 14.08 -14.25 -36.98
CA GLU G 174 14.92 -13.77 -35.89
C GLU G 174 16.32 -13.41 -36.33
N VAL G 175 16.54 -13.18 -37.62
CA VAL G 175 17.80 -12.63 -38.06
C VAL G 175 17.60 -11.36 -38.87
N ALA G 176 16.38 -11.11 -39.34
CA ALA G 176 16.09 -9.81 -39.95
C ALA G 176 15.72 -8.80 -38.89
N VAL G 177 14.94 -9.21 -37.91
CA VAL G 177 14.88 -8.47 -36.66
C VAL G 177 16.12 -8.93 -35.91
N ARG G 178 16.47 -8.24 -34.83
CA ARG G 178 17.68 -8.52 -34.08
C ARG G 178 18.92 -8.29 -34.93
N TYR G 179 18.76 -7.56 -36.01
CA TYR G 179 19.86 -6.90 -36.68
C TYR G 179 19.49 -5.49 -37.09
N LEU G 180 18.20 -5.19 -37.07
CA LEU G 180 17.74 -3.81 -37.17
C LEU G 180 17.46 -3.22 -35.80
N ARG G 181 17.45 -4.03 -34.75
CA ARG G 181 17.41 -3.44 -33.43
C ARG G 181 18.81 -3.25 -32.87
N CYS G 182 19.82 -3.73 -33.59
CA CYS G 182 21.18 -3.35 -33.25
C CYS G 182 21.51 -1.97 -33.79
N ILE G 183 21.40 -1.80 -35.11
CA ILE G 183 21.72 -0.52 -35.74
C ILE G 183 20.95 0.62 -35.09
N SER G 184 19.70 0.37 -34.72
CA SER G 184 18.91 1.41 -34.08
C SER G 184 19.54 1.83 -32.76
N GLN G 185 19.82 0.88 -31.87
CA GLN G 185 20.36 1.24 -30.57
C GLN G 185 21.73 1.86 -30.66
N ALA G 186 22.34 1.85 -31.85
CA ALA G 186 23.59 2.59 -32.01
C ALA G 186 23.31 4.08 -32.18
N LEU G 187 22.29 4.43 -32.95
CA LEU G 187 21.94 5.84 -33.05
C LEU G 187 21.49 6.37 -31.70
N GLY G 188 20.75 5.57 -30.95
CA GLY G 188 20.17 6.06 -29.71
C GLY G 188 21.22 6.51 -28.72
N TRP G 189 22.39 5.86 -28.72
CA TRP G 189 23.46 6.35 -27.87
C TRP G 189 24.25 7.43 -28.56
N SER G 190 24.61 7.23 -29.82
CA SER G 190 25.39 8.24 -30.54
C SER G 190 24.55 9.47 -30.84
N PHE G 191 23.27 9.45 -30.51
CA PHE G 191 22.49 10.67 -30.51
C PHE G 191 22.50 11.34 -29.14
N VAL G 192 22.08 10.61 -28.11
CA VAL G 192 21.97 11.20 -26.78
C VAL G 192 23.32 11.69 -26.29
N LEU G 193 24.40 11.05 -26.74
CA LEU G 193 25.72 11.58 -26.46
C LEU G 193 25.89 12.99 -27.02
N LEU G 194 25.66 13.16 -28.32
CA LEU G 194 25.88 14.45 -28.95
C LEU G 194 25.04 15.54 -28.33
N THR G 195 23.79 15.25 -27.97
CA THR G 195 22.95 16.27 -27.38
C THR G 195 23.49 16.71 -26.03
N THR G 196 23.76 15.77 -25.13
CA THR G 196 24.22 16.16 -23.80
C THR G 196 25.55 16.89 -23.87
N LEU G 197 26.44 16.46 -24.76
CA LEU G 197 27.67 17.22 -24.97
C LEU G 197 27.36 18.63 -25.44
N LEU G 198 26.30 18.80 -26.23
CA LEU G 198 25.92 20.14 -26.65
C LEU G 198 25.18 20.88 -25.55
N ALA G 199 24.73 20.16 -24.52
CA ALA G 199 24.26 20.84 -23.32
C ALA G 199 25.41 21.43 -22.55
N PHE G 200 26.62 20.91 -22.77
CA PHE G 200 27.79 21.42 -22.07
C PHE G 200 28.12 22.83 -22.51
N VAL G 201 28.39 22.85 -23.80
CA VAL G 201 28.80 24.03 -24.41
C VAL G 201 27.87 25.10 -24.13
N VAL G 202 26.57 24.91 -24.14
CA VAL G 202 25.72 26.08 -24.00
C VAL G 202 25.88 26.84 -22.72
N ARG G 203 25.84 26.11 -21.61
CA ARG G 203 25.97 26.74 -20.34
C ARG G 203 27.34 27.30 -20.24
N SER G 204 28.28 26.42 -20.59
CA SER G 204 29.66 26.78 -20.44
C SER G 204 30.14 27.94 -21.22
N VAL G 205 29.52 28.31 -22.34
CA VAL G 205 29.99 29.50 -22.86
C VAL G 205 29.17 30.67 -22.59
N ARG G 206 27.88 30.70 -22.90
CA ARG G 206 27.53 32.16 -23.12
C ARG G 206 26.15 32.69 -23.50
N PRO G 207 25.87 32.82 -24.89
CA PRO G 207 24.63 33.25 -25.54
C PRO G 207 23.65 33.99 -24.65
N CYS G 208 23.90 35.29 -24.48
CA CYS G 208 22.99 36.23 -23.82
C CYS G 208 22.93 35.99 -22.31
N PHE G 209 24.10 35.84 -21.69
CA PHE G 209 24.22 35.73 -20.25
C PHE G 209 24.67 37.03 -19.61
N THR G 210 24.56 38.15 -20.33
CA THR G 210 25.10 39.43 -19.88
C THR G 210 24.56 39.83 -18.52
N GLN G 211 25.47 40.24 -17.64
CA GLN G 211 25.09 40.59 -16.27
C GLN G 211 24.11 41.75 -16.25
N ALA G 212 24.16 42.61 -17.27
CA ALA G 212 23.23 43.72 -17.32
C ALA G 212 21.79 43.24 -17.41
N ALA G 213 21.47 42.52 -18.48
CA ALA G 213 20.06 42.29 -18.79
C ALA G 213 19.47 41.21 -17.90
N PHE G 214 20.30 40.27 -17.45
CA PHE G 214 19.82 39.28 -16.49
C PHE G 214 19.24 39.97 -15.27
N LEU G 215 19.88 41.03 -14.83
CA LEU G 215 19.40 41.77 -13.67
C LEU G 215 18.04 42.37 -13.92
N LYS G 216 17.91 43.14 -15.00
CA LYS G 216 16.66 43.82 -15.29
C LYS G 216 15.51 42.83 -15.40
N SER G 217 15.78 41.66 -15.98
CA SER G 217 14.73 40.67 -16.15
C SER G 217 14.20 40.20 -14.82
N LYS G 218 15.04 39.54 -14.02
CA LYS G 218 14.57 38.92 -12.79
C LYS G 218 13.96 39.94 -11.85
N TYR G 219 14.44 41.18 -11.90
CA TYR G 219 13.75 42.25 -11.20
C TYR G 219 12.33 42.40 -11.72
N TRP G 220 12.18 42.45 -13.04
CA TRP G 220 10.87 42.72 -13.63
C TRP G 220 9.89 41.61 -13.31
N SER G 221 10.25 40.36 -13.61
CA SER G 221 9.34 39.25 -13.34
C SER G 221 9.04 39.13 -11.85
N HIS G 222 9.98 39.55 -11.01
CA HIS G 222 9.68 39.62 -9.59
C HIS G 222 8.64 40.69 -9.31
N TYR G 223 8.59 41.72 -10.14
CA TYR G 223 7.71 42.84 -9.86
C TYR G 223 6.26 42.52 -10.19
N ILE G 224 6.04 41.71 -11.22
CA ILE G 224 4.68 41.35 -11.60
C ILE G 224 4.01 40.58 -10.48
N ASP G 225 4.79 39.81 -9.73
CA ASP G 225 4.22 39.03 -8.62
C ASP G 225 3.57 39.94 -7.59
N ILE G 226 4.34 40.91 -7.08
CA ILE G 226 3.83 41.77 -6.02
C ILE G 226 2.63 42.59 -6.51
N GLU G 227 2.61 42.92 -7.79
CA GLU G 227 1.50 43.70 -8.32
C GLU G 227 0.20 42.92 -8.21
N ARG G 228 0.17 41.70 -8.72
CA ARG G 228 -1.05 40.90 -8.67
C ARG G 228 -1.45 40.60 -7.23
N LYS G 229 -0.49 40.15 -6.41
CA LYS G 229 -0.81 39.79 -5.04
C LYS G 229 -1.34 40.98 -4.26
N LEU G 230 -0.85 42.18 -4.54
CA LEU G 230 -1.25 43.34 -3.76
C LEU G 230 -2.58 43.92 -4.21
N PHE G 231 -2.96 43.74 -5.48
CA PHE G 231 -4.20 44.35 -5.94
C PHE G 231 -5.40 43.77 -5.20
N ASP G 232 -5.35 42.47 -4.89
CA ASP G 232 -6.46 41.84 -4.18
C ASP G 232 -6.69 42.46 -2.82
N GLU G 233 -5.63 42.96 -2.18
CA GLU G 233 -5.79 43.57 -0.88
C GLU G 233 -6.73 44.77 -0.93
N THR G 234 -6.48 45.70 -1.86
CA THR G 234 -7.32 46.90 -1.94
C THR G 234 -8.76 46.54 -2.25
N CYS G 235 -8.97 45.53 -3.09
CA CYS G 235 -10.33 45.13 -3.45
C CYS G 235 -11.09 44.65 -2.22
N THR G 236 -10.60 43.58 -1.60
CA THR G 236 -11.26 43.04 -0.41
C THR G 236 -11.38 44.11 0.67
N GLU G 237 -10.37 44.96 0.79
CA GLU G 237 -10.49 46.09 1.69
C GLU G 237 -11.60 47.04 1.24
N HIS G 238 -11.48 47.58 0.03
CA HIS G 238 -12.45 48.56 -0.44
C HIS G 238 -13.85 47.99 -0.52
N ALA G 239 -13.97 46.68 -0.73
CA ALA G 239 -15.29 46.07 -0.79
C ALA G 239 -15.92 45.95 0.59
N LYS G 240 -15.10 45.62 1.60
CA LYS G 240 -15.63 45.38 2.94
C LYS G 240 -16.40 46.57 3.46
N ALA G 241 -15.90 47.78 3.19
CA ALA G 241 -16.64 48.97 3.58
C ALA G 241 -17.95 49.11 2.82
N PHE G 242 -18.08 48.46 1.67
CA PHE G 242 -19.26 48.64 0.85
C PHE G 242 -20.36 47.64 1.16
N ALA G 243 -20.04 46.45 1.62
CA ALA G 243 -21.08 45.46 1.88
C ALA G 243 -21.96 45.86 3.05
N LYS G 244 -21.40 46.55 4.04
CA LYS G 244 -22.14 46.84 5.26
C LYS G 244 -23.39 47.65 5.00
N VAL G 245 -23.39 48.48 3.96
CA VAL G 245 -24.56 49.28 3.68
C VAL G 245 -25.73 48.43 3.21
N CYS G 246 -25.46 47.38 2.44
CA CYS G 246 -26.55 46.61 1.86
C CYS G 246 -26.98 45.46 2.75
N ILE G 247 -26.03 44.68 3.28
CA ILE G 247 -26.36 43.50 4.08
C ILE G 247 -27.24 43.87 5.25
N GLN G 248 -27.01 45.03 5.85
CA GLN G 248 -27.88 45.49 6.92
C GLN G 248 -29.32 45.68 6.44
N GLN G 249 -29.50 46.00 5.15
CA GLN G 249 -30.84 46.23 4.65
C GLN G 249 -31.66 44.94 4.63
N PHE G 250 -31.01 43.81 4.36
CA PHE G 250 -31.70 42.53 4.43
C PHE G 250 -32.25 42.29 5.83
N PHE G 251 -31.41 42.46 6.84
CA PHE G 251 -31.92 42.56 8.19
C PHE G 251 -32.82 43.78 8.31
N GLU G 252 -33.77 43.71 9.24
CA GLU G 252 -34.64 44.84 9.53
C GLU G 252 -35.53 45.20 8.33
N ALA G 253 -35.58 44.33 7.33
CA ALA G 253 -36.25 44.64 6.08
C ALA G 253 -37.15 43.54 5.62
N MET G 254 -37.08 42.38 6.28
CA MET G 254 -38.00 41.31 5.97
C MET G 254 -39.26 41.40 6.83
N ASN G 255 -39.10 41.40 8.15
CA ASN G 255 -40.19 41.63 9.07
C ASN G 255 -39.78 42.49 10.26
N HIS G 256 -38.50 42.83 10.39
CA HIS G 256 -37.95 43.52 11.56
C HIS G 256 -38.08 42.67 12.83
N ASP G 257 -38.35 41.38 12.66
CA ASP G 257 -38.54 40.47 13.77
C ASP G 257 -38.84 39.09 13.19
N LEU G 258 -39.03 38.13 14.08
CA LEU G 258 -39.45 36.79 13.72
C LEU G 258 -40.80 36.51 14.34
N GLU G 259 -41.66 35.82 13.60
CA GLU G 259 -42.95 35.37 14.11
C GLU G 259 -42.79 34.25 15.14
N LEU G 260 -41.64 33.59 15.17
CA LEU G 260 -41.39 32.50 16.09
C LEU G 260 -41.15 32.96 17.53
N GLY G 261 -41.33 34.24 17.81
CA GLY G 261 -41.23 34.71 19.19
C GLY G 261 -42.27 34.03 20.07
N HIS G 262 -41.80 33.32 21.09
CA HIS G 262 -42.69 32.61 21.99
C HIS G 262 -43.07 33.50 23.17
N MET H 1 13.53 -9.88 -13.43
CA MET H 1 14.54 -8.89 -13.77
C MET H 1 14.39 -7.65 -12.90
N MET H 2 13.26 -7.57 -12.20
CA MET H 2 13.01 -6.44 -11.32
C MET H 2 13.97 -6.40 -10.14
N ASP H 3 14.64 -7.50 -9.82
CA ASP H 3 15.44 -7.58 -8.61
C ASP H 3 16.55 -6.56 -8.58
N LYS H 4 17.24 -6.33 -9.70
CA LYS H 4 18.40 -5.46 -9.69
C LYS H 4 18.02 -4.02 -9.38
N PHE H 5 16.77 -3.65 -9.68
CA PHE H 5 16.32 -2.28 -9.50
C PHE H 5 15.23 -2.14 -8.45
N ARG H 6 14.39 -3.17 -8.24
CA ARG H 6 13.37 -3.09 -7.21
C ARG H 6 13.99 -2.99 -5.83
N MET H 7 15.23 -3.43 -5.68
CA MET H 7 15.96 -3.29 -4.43
C MET H 7 16.15 -1.85 -4.01
N ILE H 8 16.77 -1.02 -4.85
CA ILE H 8 16.89 0.39 -4.53
C ILE H 8 15.53 1.07 -4.48
N PHE H 9 14.52 0.48 -5.15
CA PHE H 9 13.16 1.00 -5.12
C PHE H 9 12.61 1.12 -3.71
N GLN H 10 12.59 0.03 -2.94
CA GLN H 10 12.20 0.13 -1.54
C GLN H 10 13.30 0.78 -0.72
N PHE H 11 14.57 0.61 -1.12
CA PHE H 11 15.65 1.34 -0.47
C PHE H 11 15.47 2.84 -0.62
N LEU H 12 15.10 3.27 -1.83
CA LEU H 12 14.62 4.64 -2.00
C LEU H 12 13.39 4.88 -1.12
N GLN H 13 12.44 3.94 -1.15
CA GLN H 13 11.29 4.00 -0.27
C GLN H 13 11.67 3.91 1.20
N SER H 14 12.88 3.41 1.51
CA SER H 14 13.27 3.20 2.89
C SER H 14 13.30 4.48 3.71
N ASN H 15 14.18 5.42 3.38
CA ASN H 15 14.33 6.62 4.19
C ASN H 15 14.81 7.76 3.31
N GLN H 16 15.13 8.88 3.94
CA GLN H 16 15.59 10.08 3.27
C GLN H 16 16.85 10.61 3.93
N GLU H 17 17.81 9.71 4.18
CA GLU H 17 19.06 10.08 4.83
C GLU H 17 20.20 9.91 3.86
N SER H 18 20.81 11.03 3.47
CA SER H 18 21.92 11.01 2.53
C SER H 18 22.62 12.36 2.44
N PHE H 19 23.49 12.51 1.45
CA PHE H 19 24.23 13.75 1.22
C PHE H 19 24.28 14.02 -0.27
N MET H 20 25.20 14.88 -0.70
CA MET H 20 25.44 15.15 -2.12
C MET H 20 25.59 13.85 -2.90
N ASN H 21 26.33 12.89 -2.33
CA ASN H 21 26.33 11.53 -2.90
C ASN H 21 24.93 10.94 -2.91
N GLY H 22 24.16 11.16 -1.83
CA GLY H 22 22.76 10.79 -1.87
C GLY H 22 21.98 11.62 -2.86
N ILE H 23 22.39 12.89 -3.04
CA ILE H 23 21.87 13.67 -4.16
C ILE H 23 22.27 13.04 -5.48
N CYS H 24 23.51 12.55 -5.57
CA CYS H 24 23.89 11.68 -6.67
C CYS H 24 23.09 10.39 -6.61
N GLY H 25 22.67 9.97 -5.42
CA GLY H 25 21.75 8.85 -5.31
C GLY H 25 20.45 9.10 -6.03
N ILE H 26 20.07 10.36 -6.19
CA ILE H 26 18.89 10.68 -7.00
C ILE H 26 19.08 10.19 -8.42
N MET H 27 20.29 10.37 -8.97
CA MET H 27 20.53 9.95 -10.35
C MET H 27 20.98 8.49 -10.42
N ALA H 28 22.11 8.16 -9.79
CA ALA H 28 22.78 6.89 -10.07
C ALA H 28 21.96 5.71 -9.58
N LEU H 29 21.14 5.90 -8.54
CA LEU H 29 20.19 4.84 -8.17
C LEU H 29 19.31 4.48 -9.36
N ALA H 30 18.89 5.49 -10.12
CA ALA H 30 18.28 5.21 -11.41
C ALA H 30 19.27 4.49 -12.32
N SER H 31 20.54 4.84 -12.27
CA SER H 31 21.54 4.14 -13.07
C SER H 31 21.69 2.70 -12.62
N ALA H 32 21.44 2.44 -11.33
CA ALA H 32 21.34 1.06 -10.89
C ALA H 32 20.07 0.40 -11.42
N GLN H 33 19.09 1.22 -11.80
CA GLN H 33 17.79 0.68 -12.19
C GLN H 33 17.56 0.82 -13.69
N MET H 34 18.07 1.91 -14.28
CA MET H 34 17.89 2.16 -15.72
C MET H 34 18.38 0.98 -16.56
N TYR H 35 19.35 0.23 -16.06
CA TYR H 35 19.75 -0.99 -16.71
C TYR H 35 18.57 -1.96 -16.83
N SER H 36 17.69 -1.96 -15.83
CA SER H 36 16.67 -3.00 -15.74
C SER H 36 15.69 -2.97 -16.91
N ALA H 37 15.15 -1.79 -17.24
CA ALA H 37 14.16 -1.68 -18.29
C ALA H 37 14.76 -1.55 -19.69
N PHE H 38 15.99 -1.06 -19.78
CA PHE H 38 16.71 -1.02 -21.04
C PHE H 38 17.22 -2.40 -21.41
N ASP H 39 16.65 -2.98 -22.45
CA ASP H 39 16.89 -4.39 -22.79
C ASP H 39 18.31 -4.52 -23.33
N PHE H 40 18.71 -5.76 -23.59
CA PHE H 40 20.00 -6.07 -24.21
C PHE H 40 19.82 -7.29 -25.10
N ASN H 41 20.34 -7.23 -26.31
CA ASN H 41 20.22 -8.33 -27.26
C ASN H 41 21.24 -8.12 -28.37
N CYS H 42 22.13 -9.08 -28.56
CA CYS H 42 23.23 -8.86 -29.46
C CYS H 42 22.93 -9.45 -30.83
N PRO H 43 23.56 -8.93 -31.88
CA PRO H 43 23.22 -9.31 -33.25
C PRO H 43 23.36 -10.78 -33.55
N CYS H 44 24.20 -11.49 -32.80
CA CYS H 44 24.59 -12.85 -33.14
C CYS H 44 24.86 -13.01 -34.63
N LEU H 45 25.86 -12.28 -35.08
CA LEU H 45 26.50 -12.20 -36.39
C LEU H 45 28.02 -12.33 -36.22
N PRO H 46 28.80 -12.46 -37.30
CA PRO H 46 30.18 -12.92 -37.14
C PRO H 46 31.14 -11.91 -36.55
N GLY H 47 31.01 -10.63 -36.85
CA GLY H 47 32.02 -9.70 -36.41
C GLY H 47 31.48 -8.48 -35.70
N TYR H 48 30.17 -8.26 -35.79
CA TYR H 48 29.56 -7.10 -35.19
C TYR H 48 29.59 -7.13 -33.67
N ASN H 49 29.59 -8.33 -33.07
CA ASN H 49 29.49 -8.45 -31.62
C ASN H 49 30.56 -7.62 -30.92
N ALA H 50 31.83 -7.94 -31.19
CA ALA H 50 32.92 -7.26 -30.49
C ALA H 50 32.91 -5.77 -30.75
N ALA H 51 32.27 -5.33 -31.84
CA ALA H 51 31.96 -3.93 -31.95
C ALA H 51 30.83 -3.54 -31.02
N TYR H 52 29.73 -4.28 -31.07
CA TYR H 52 28.52 -3.81 -30.40
C TYR H 52 28.66 -3.83 -28.90
N SER H 53 29.31 -4.84 -28.34
CA SER H 53 29.37 -4.91 -26.89
C SER H 53 30.17 -3.77 -26.31
N ALA H 54 31.23 -3.35 -27.00
CA ALA H 54 32.00 -2.21 -26.52
C ALA H 54 31.16 -0.94 -26.51
N GLY H 55 30.04 -0.95 -27.22
CA GLY H 55 29.13 0.18 -27.14
C GLY H 55 28.50 0.32 -25.78
N ILE H 56 28.31 -0.79 -25.06
CA ILE H 56 27.58 -0.71 -23.81
C ILE H 56 28.51 -0.83 -22.61
N LEU H 57 29.79 -0.50 -22.79
CA LEU H 57 30.64 -0.24 -21.64
C LEU H 57 31.36 1.09 -21.72
N LEU H 58 31.13 1.89 -22.74
CA LEU H 58 31.82 3.16 -22.86
C LEU H 58 30.89 4.34 -23.11
N ALA H 59 29.85 4.18 -23.89
CA ALA H 59 29.04 5.36 -24.13
C ALA H 59 28.13 5.62 -22.93
N PRO H 60 27.26 4.70 -22.53
CA PRO H 60 26.35 4.96 -21.42
C PRO H 60 27.07 5.27 -20.12
N PRO H 61 28.29 4.79 -19.90
CA PRO H 61 29.05 5.36 -18.79
C PRO H 61 29.35 6.82 -19.00
N LEU H 62 29.97 7.16 -20.13
CA LEU H 62 30.43 8.52 -20.36
C LEU H 62 29.29 9.51 -20.32
N VAL H 63 28.09 9.10 -20.73
CA VAL H 63 26.93 9.96 -20.59
C VAL H 63 26.66 10.27 -19.14
N LEU H 64 26.63 9.25 -18.29
CA LEU H 64 26.31 9.49 -16.90
C LEU H 64 27.37 10.34 -16.22
N PHE H 65 28.58 10.37 -16.76
CA PHE H 65 29.60 11.26 -16.22
C PHE H 65 29.27 12.71 -16.53
N LEU H 66 29.20 13.08 -17.80
CA LEU H 66 28.93 14.46 -18.19
C LEU H 66 27.60 14.96 -17.66
N LEU H 67 26.65 14.08 -17.40
CA LEU H 67 25.40 14.51 -16.79
C LEU H 67 25.60 14.80 -15.31
N GLY H 68 26.78 14.52 -14.78
CA GLY H 68 27.06 14.89 -13.40
C GLY H 68 27.63 16.29 -13.27
N LEU H 69 28.51 16.68 -14.19
CA LEU H 69 29.05 18.03 -14.15
C LEU H 69 27.95 19.06 -14.37
N VAL H 70 27.21 18.93 -15.46
CA VAL H 70 26.20 19.93 -15.79
C VAL H 70 25.11 19.97 -14.73
N MET H 71 24.92 18.87 -14.00
CA MET H 71 23.80 18.80 -13.07
C MET H 71 23.99 19.69 -11.86
N ASN H 72 25.25 19.88 -11.44
CA ASN H 72 25.47 20.68 -10.25
C ASN H 72 25.76 22.13 -10.61
N ASN H 73 25.46 23.03 -9.67
CA ASN H 73 25.38 24.47 -9.90
C ASN H 73 26.70 25.18 -9.62
N ASN H 74 27.79 24.72 -10.22
CA ASN H 74 29.08 25.35 -9.98
C ASN H 74 29.90 25.61 -11.22
N VAL H 75 29.67 24.88 -12.32
CA VAL H 75 30.63 24.86 -13.42
C VAL H 75 30.76 26.22 -14.07
N SER H 76 29.71 27.03 -14.04
CA SER H 76 29.79 28.37 -14.59
C SER H 76 30.87 29.19 -13.90
N MET H 77 30.88 29.19 -12.56
CA MET H 77 31.85 29.97 -11.81
C MET H 77 33.27 29.55 -12.15
N LEU H 78 33.49 28.24 -12.38
CA LEU H 78 34.79 27.81 -12.87
C LEU H 78 34.95 28.11 -14.35
N ALA H 79 33.89 27.87 -15.13
CA ALA H 79 33.98 28.14 -16.57
C ALA H 79 34.15 29.62 -16.83
N GLU H 80 33.44 30.47 -16.08
CA GLU H 80 33.55 31.91 -16.29
C GLU H 80 34.95 32.41 -16.01
N GLU H 81 35.52 32.04 -14.85
CA GLU H 81 36.79 32.60 -14.44
C GLU H 81 37.98 31.91 -15.11
N TRP H 82 37.75 30.82 -15.85
CA TRP H 82 38.86 30.21 -16.57
C TRP H 82 39.10 30.90 -17.91
N LYS H 83 38.03 31.15 -18.67
CA LYS H 83 38.15 31.85 -19.94
C LYS H 83 38.79 33.22 -19.80
N ARG H 84 38.58 33.91 -18.69
CA ARG H 84 39.19 35.21 -18.48
C ARG H 84 40.72 35.07 -18.40
N PRO H 85 41.43 36.17 -18.52
CA PRO H 85 42.90 36.12 -18.44
C PRO H 85 43.36 35.94 -17.01
N PRO H 86 44.54 35.35 -16.80
CA PRO H 86 45.13 35.33 -15.46
C PRO H 86 45.35 36.75 -14.94
N GLY H 87 45.46 36.86 -13.62
CA GLY H 87 45.60 38.16 -13.00
C GLY H 87 44.26 38.76 -12.64
N ARG H 88 43.40 38.92 -13.65
CA ARG H 88 42.03 39.36 -13.41
C ARG H 88 41.24 38.34 -12.58
N ARG H 89 41.67 37.09 -12.54
CA ARG H 89 40.99 36.05 -11.78
C ARG H 89 40.93 36.47 -10.31
N ALA H 90 39.72 36.63 -9.80
CA ALA H 90 39.52 36.99 -8.40
C ALA H 90 39.79 35.82 -7.45
N LYS H 91 40.30 34.71 -7.95
CA LYS H 91 40.53 33.53 -7.14
C LYS H 91 41.88 32.91 -7.48
N ASP H 92 42.54 32.38 -6.45
CA ASP H 92 43.83 31.75 -6.63
C ASP H 92 43.68 30.46 -7.43
N PRO H 93 44.73 30.04 -8.14
CA PRO H 93 44.75 28.69 -8.71
C PRO H 93 44.42 27.61 -7.71
N ALA H 94 44.82 27.76 -6.46
CA ALA H 94 44.56 26.75 -5.45
C ALA H 94 43.07 26.52 -5.29
N VAL H 95 42.30 27.58 -5.02
CA VAL H 95 40.86 27.43 -4.88
C VAL H 95 40.24 26.94 -6.18
N LEU H 96 40.83 27.33 -7.31
CA LEU H 96 40.39 26.75 -8.57
C LEU H 96 40.68 25.27 -8.61
N ARG H 97 41.96 24.89 -8.44
CA ARG H 97 42.35 23.49 -8.59
C ARG H 97 41.58 22.59 -7.64
N TYR H 98 41.42 23.00 -6.39
CA TYR H 98 40.63 22.21 -5.47
C TYR H 98 39.19 22.13 -5.94
N MET H 99 38.51 23.27 -6.03
CA MET H 99 37.10 23.30 -6.35
C MET H 99 36.78 22.60 -7.67
N PHE H 100 37.70 22.64 -8.63
CA PHE H 100 37.53 21.85 -9.83
C PHE H 100 37.64 20.36 -9.56
N CYS H 101 38.58 19.94 -8.71
CA CYS H 101 38.74 18.54 -8.38
C CYS H 101 37.61 18.01 -7.52
N SER H 102 36.95 18.87 -6.75
CA SER H 102 35.82 18.40 -5.94
C SER H 102 34.56 18.30 -6.76
N MET H 103 34.67 18.42 -8.08
CA MET H 103 33.53 18.10 -8.94
C MET H 103 33.61 16.68 -9.43
N ALA H 104 34.83 16.22 -9.74
CA ALA H 104 35.01 14.85 -10.20
C ALA H 104 34.55 13.85 -9.16
N GLN H 105 35.06 13.95 -7.94
CA GLN H 105 34.81 12.91 -6.93
C GLN H 105 33.37 12.92 -6.45
N ARG H 106 32.55 13.83 -6.95
CA ARG H 106 31.12 13.70 -6.72
C ARG H 106 30.42 13.17 -7.96
N ALA H 107 31.10 13.21 -9.10
CA ALA H 107 30.50 12.72 -10.34
C ALA H 107 30.80 11.24 -10.55
N LEU H 108 31.96 10.78 -10.07
CA LEU H 108 32.40 9.42 -10.34
C LEU H 108 31.58 8.36 -9.62
N TRP H 109 30.67 8.83 -8.78
CA TRP H 109 29.84 7.96 -7.96
C TRP H 109 28.75 7.32 -8.76
N ALA H 110 28.91 7.36 -10.07
CA ALA H 110 27.91 6.79 -10.93
C ALA H 110 28.62 5.91 -11.92
N PRO H 111 29.46 6.53 -12.77
CA PRO H 111 30.08 5.68 -13.80
C PRO H 111 30.94 4.57 -13.26
N VAL H 112 30.80 4.20 -12.00
CA VAL H 112 31.46 2.99 -11.53
C VAL H 112 30.41 1.98 -11.12
N VAL H 113 29.22 2.45 -10.78
CA VAL H 113 28.13 1.53 -10.50
C VAL H 113 27.56 0.97 -11.79
N TRP H 114 27.72 1.70 -12.89
CA TRP H 114 27.20 1.19 -14.16
C TRP H 114 28.27 0.49 -14.96
N VAL H 115 29.39 0.16 -14.32
CA VAL H 115 30.32 -0.76 -14.95
C VAL H 115 30.42 -2.05 -14.14
N ALA H 116 30.16 -1.96 -12.84
CA ALA H 116 29.94 -3.18 -12.10
C ALA H 116 28.66 -3.87 -12.56
N VAL H 117 27.53 -3.18 -12.49
CA VAL H 117 26.23 -3.84 -12.61
C VAL H 117 25.90 -4.20 -14.05
N THR H 118 26.82 -3.99 -14.99
CA THR H 118 26.73 -4.69 -16.26
C THR H 118 27.92 -5.57 -16.52
N LEU H 119 28.64 -5.95 -15.48
CA LEU H 119 29.49 -7.12 -15.55
C LEU H 119 28.95 -8.29 -14.76
N LEU H 120 28.34 -8.03 -13.59
CA LEU H 120 27.92 -9.12 -12.72
C LEU H 120 26.80 -9.93 -13.35
N ASP H 121 26.11 -9.38 -14.34
CA ASP H 121 25.10 -10.20 -15.00
C ASP H 121 25.59 -10.73 -16.32
N GLY H 122 26.81 -10.37 -16.71
CA GLY H 122 27.50 -11.09 -17.74
C GLY H 122 26.99 -10.92 -19.15
N LYS H 123 25.75 -10.45 -19.32
CA LYS H 123 25.19 -10.30 -20.66
C LYS H 123 26.09 -9.45 -21.53
N CYS H 124 26.59 -8.35 -20.98
CA CYS H 124 27.49 -7.49 -21.74
C CYS H 124 28.75 -8.22 -22.14
N PHE H 125 29.17 -9.20 -21.35
CA PHE H 125 30.42 -9.88 -21.66
C PHE H 125 30.18 -11.08 -22.55
N LEU H 126 29.00 -11.67 -22.48
CA LEU H 126 28.75 -12.90 -23.22
C LEU H 126 28.82 -12.67 -24.72
N CYS H 127 28.14 -11.63 -25.21
CA CYS H 127 28.13 -11.36 -26.64
C CYS H 127 29.41 -10.71 -27.11
N ALA H 128 30.46 -10.71 -26.29
CA ALA H 128 31.67 -9.99 -26.68
C ALA H 128 32.85 -10.93 -26.88
N PHE H 129 32.78 -12.14 -26.37
CA PHE H 129 33.90 -13.06 -26.52
C PHE H 129 33.43 -14.46 -26.83
N CYS H 130 32.20 -14.61 -27.25
CA CYS H 130 31.76 -15.95 -27.61
C CYS H 130 32.43 -16.46 -28.86
N THR H 131 32.91 -15.57 -29.73
CA THR H 131 33.53 -16.01 -30.97
C THR H 131 34.79 -16.83 -30.73
N ALA H 132 35.44 -16.67 -29.58
CA ALA H 132 36.63 -17.44 -29.27
C ALA H 132 36.48 -18.14 -27.92
N VAL H 133 35.83 -19.30 -27.98
CA VAL H 133 35.75 -20.23 -26.87
C VAL H 133 36.61 -21.43 -27.25
N PRO H 134 37.34 -22.03 -26.33
CA PRO H 134 38.04 -23.27 -26.68
C PRO H 134 37.04 -24.40 -26.77
N VAL H 135 36.69 -24.77 -28.00
CA VAL H 135 35.63 -25.73 -28.21
C VAL H 135 36.06 -27.13 -27.82
N SER H 136 37.36 -27.41 -27.89
CA SER H 136 37.88 -28.69 -27.44
C SER H 136 37.71 -28.90 -25.95
N ALA H 137 37.59 -27.83 -25.17
CA ALA H 137 37.50 -27.93 -23.72
C ALA H 137 36.07 -28.24 -23.34
N LEU H 138 35.84 -29.44 -22.82
CA LEU H 138 34.50 -29.88 -22.46
C LEU H 138 33.60 -29.89 -23.68
N GLY H 139 33.98 -30.71 -24.66
CA GLY H 139 33.32 -30.70 -25.95
C GLY H 139 32.58 -31.97 -26.33
N ASN H 140 32.30 -32.84 -25.36
CA ASN H 140 31.48 -34.03 -25.57
C ASN H 140 32.04 -34.91 -26.69
N GLY H 141 33.21 -35.47 -26.41
CA GLY H 141 33.95 -36.25 -27.40
C GLY H 141 34.37 -35.35 -28.54
N SER H 142 35.22 -34.37 -28.29
CA SER H 142 35.57 -33.38 -29.32
C SER H 142 36.65 -33.86 -30.27
N LEU H 143 37.18 -32.95 -31.08
CA LEU H 143 38.18 -33.28 -32.08
C LEU H 143 38.04 -32.46 -33.34
N ALA H 144 37.03 -31.58 -33.40
CA ALA H 144 36.80 -30.69 -34.54
C ALA H 144 36.71 -31.50 -35.82
N PRO H 145 35.59 -32.16 -36.07
CA PRO H 145 35.53 -33.10 -37.21
C PRO H 145 35.61 -32.39 -38.54
N GLY H 146 36.83 -31.98 -38.90
CA GLY H 146 37.07 -31.35 -40.17
C GLY H 146 36.44 -29.99 -40.35
N LEU H 147 36.05 -29.34 -39.26
CA LEU H 147 35.33 -28.07 -39.35
C LEU H 147 36.25 -26.97 -39.86
N PRO H 148 35.80 -26.10 -40.74
CA PRO H 148 36.67 -25.03 -41.23
C PRO H 148 36.66 -23.83 -40.30
N ALA H 149 37.41 -22.78 -40.64
CA ALA H 149 37.33 -21.54 -39.87
C ALA H 149 36.05 -20.78 -40.17
N PRO H 150 35.77 -20.35 -41.40
CA PRO H 150 34.46 -19.78 -41.71
C PRO H 150 33.42 -20.87 -41.63
N GLU H 151 32.17 -20.46 -41.47
CA GLU H 151 31.05 -21.37 -41.25
C GLU H 151 31.20 -22.13 -39.94
N LEU H 152 32.05 -21.64 -39.07
CA LEU H 152 32.12 -22.01 -37.66
C LEU H 152 32.01 -20.80 -36.76
N ALA H 153 32.62 -19.69 -37.16
CA ALA H 153 32.32 -18.42 -36.51
C ALA H 153 30.82 -18.14 -36.56
N ARG H 154 30.18 -18.44 -37.70
CA ARG H 154 28.73 -18.33 -37.76
C ARG H 154 28.06 -19.47 -37.00
N LEU H 155 28.84 -20.45 -36.57
CA LEU H 155 28.29 -21.51 -35.72
C LEU H 155 28.41 -21.13 -34.25
N LEU H 156 29.60 -20.73 -33.82
CA LEU H 156 29.75 -20.29 -32.45
C LEU H 156 28.93 -19.06 -32.15
N ALA H 157 28.95 -18.08 -33.05
CA ALA H 157 28.52 -16.75 -32.68
C ALA H 157 27.06 -16.66 -32.30
N ARG H 158 26.26 -17.67 -32.62
CA ARG H 158 24.86 -17.56 -32.28
C ARG H 158 24.59 -17.81 -30.80
N VAL H 159 25.61 -18.22 -30.04
CA VAL H 159 25.38 -18.85 -28.74
C VAL H 159 24.44 -18.10 -27.82
N PRO H 160 24.50 -16.78 -27.72
CA PRO H 160 23.54 -16.09 -26.85
C PRO H 160 22.13 -16.12 -27.38
N CYS H 161 21.94 -16.06 -28.68
CA CYS H 161 20.58 -16.04 -29.21
C CYS H 161 19.99 -17.44 -29.06
N PRO H 162 19.13 -17.67 -28.06
CA PRO H 162 18.79 -19.06 -27.70
C PRO H 162 18.04 -19.83 -28.76
N GLU H 163 16.89 -19.35 -29.18
CA GLU H 163 16.03 -20.18 -30.04
C GLU H 163 16.61 -20.35 -31.43
N ILE H 164 17.58 -19.52 -31.81
CA ILE H 164 18.18 -19.67 -33.13
C ILE H 164 19.52 -20.37 -33.08
N TYR H 165 19.80 -21.11 -32.01
CA TYR H 165 21.07 -21.84 -31.95
C TYR H 165 21.09 -22.98 -32.95
N ASP H 166 22.24 -23.17 -33.60
CA ASP H 166 22.35 -24.22 -34.62
C ASP H 166 22.15 -25.60 -34.03
N GLY H 167 23.09 -26.04 -33.19
CA GLY H 167 22.99 -27.41 -32.68
C GLY H 167 24.18 -27.96 -31.93
N ASP H 168 24.17 -29.28 -31.73
CA ASP H 168 25.08 -29.94 -30.81
C ASP H 168 26.48 -30.13 -31.34
N TRP H 169 26.79 -29.63 -32.53
CA TRP H 169 28.09 -29.89 -33.11
C TRP H 169 29.18 -29.25 -32.26
N LEU H 170 29.91 -30.10 -31.55
CA LEU H 170 31.05 -29.65 -30.77
C LEU H 170 30.62 -28.70 -29.67
N LEU H 171 29.36 -28.75 -29.27
CA LEU H 171 28.93 -27.89 -28.17
C LEU H 171 27.50 -28.22 -27.80
N ALA H 172 27.20 -28.10 -26.52
CA ALA H 172 25.84 -27.91 -26.06
C ALA H 172 25.67 -26.44 -25.80
N ARG H 173 24.45 -26.02 -25.47
CA ARG H 173 24.29 -24.61 -25.13
C ARG H 173 24.67 -24.37 -23.68
N GLU H 174 24.23 -25.22 -22.77
CA GLU H 174 24.39 -24.90 -21.36
C GLU H 174 25.78 -25.22 -20.83
N VAL H 175 26.77 -25.35 -21.70
CA VAL H 175 28.15 -25.44 -21.25
C VAL H 175 29.01 -24.38 -21.90
N ALA H 176 28.55 -23.76 -22.98
CA ALA H 176 29.25 -22.60 -23.52
C ALA H 176 28.82 -21.34 -22.80
N VAL H 177 27.53 -21.21 -22.53
CA VAL H 177 27.09 -20.28 -21.51
C VAL H 177 27.33 -21.04 -20.21
N ARG H 178 27.25 -20.35 -19.07
CA ARG H 178 27.55 -20.94 -17.77
C ARG H 178 28.99 -21.39 -17.69
N TYR H 179 29.83 -20.88 -18.58
CA TYR H 179 31.25 -20.86 -18.40
C TYR H 179 31.84 -19.51 -18.81
N LEU H 180 31.05 -18.73 -19.54
CA LEU H 180 31.39 -17.34 -19.76
C LEU H 180 30.67 -16.43 -18.80
N ARG H 181 29.71 -16.94 -18.03
CA ARG H 181 29.17 -16.15 -16.95
C ARG H 181 29.91 -16.42 -15.66
N CYS H 182 30.82 -17.40 -15.66
CA CYS H 182 31.74 -17.52 -14.54
C CYS H 182 32.88 -16.52 -14.65
N ILE H 183 33.64 -16.57 -15.75
CA ILE H 183 34.77 -15.68 -15.94
C ILE H 183 34.34 -14.22 -15.77
N SER H 184 33.15 -13.88 -16.27
CA SER H 184 32.68 -12.51 -16.11
C SER H 184 32.55 -12.12 -14.66
N GLN H 185 31.82 -12.92 -13.87
CA GLN H 185 31.61 -12.56 -12.48
C GLN H 185 32.89 -12.56 -11.67
N ALA H 186 33.99 -13.03 -12.25
CA ALA H 186 35.26 -12.90 -11.58
C ALA H 186 35.81 -11.50 -11.74
N LEU H 187 35.69 -10.92 -12.93
CA LEU H 187 36.12 -9.54 -13.09
C LEU H 187 35.27 -8.62 -12.23
N GLY H 188 33.96 -8.90 -12.16
CA GLY H 188 33.06 -7.99 -11.47
C GLY H 188 33.42 -7.81 -10.01
N TRP H 189 33.95 -8.85 -9.37
CA TRP H 189 34.42 -8.68 -8.01
C TRP H 189 35.83 -8.16 -7.98
N SER H 190 36.73 -8.73 -8.79
CA SER H 190 38.11 -8.26 -8.80
C SER H 190 38.24 -6.88 -9.43
N PHE H 191 37.14 -6.33 -9.93
CA PHE H 191 37.14 -4.92 -10.29
C PHE H 191 36.64 -4.07 -9.14
N VAL H 192 35.43 -4.35 -8.63
CA VAL H 192 34.85 -3.52 -7.58
C VAL H 192 35.72 -3.52 -6.34
N LEU H 193 36.45 -4.60 -6.12
CA LEU H 193 37.44 -4.60 -5.05
C LEU H 193 38.48 -3.51 -5.26
N LEU H 194 39.15 -3.53 -6.42
CA LEU H 194 40.23 -2.58 -6.68
C LEU H 194 39.75 -1.13 -6.58
N THR H 195 38.55 -0.84 -7.07
CA THR H 195 38.07 0.52 -7.01
C THR H 195 37.86 0.97 -5.57
N THR H 196 37.13 0.19 -4.78
CA THR H 196 36.85 0.61 -3.41
C THR H 196 38.13 0.73 -2.60
N LEU H 197 39.08 -0.17 -2.82
CA LEU H 197 40.37 -0.02 -2.18
C LEU H 197 41.05 1.27 -2.61
N LEU H 198 40.83 1.69 -3.84
CA LEU H 198 41.39 2.97 -4.29
C LEU H 198 40.56 4.14 -3.79
N ALA H 199 39.34 3.86 -3.30
CA ALA H 199 38.61 4.90 -2.58
C ALA H 199 39.24 5.12 -1.20
N PHE H 200 39.98 4.13 -0.72
CA PHE H 200 40.60 4.25 0.59
C PHE H 200 41.71 5.30 0.56
N VAL H 201 42.63 4.97 -0.29
CA VAL H 201 43.77 5.74 -0.43
C VAL H 201 43.44 7.13 -0.66
N VAL H 202 42.45 7.47 -1.47
CA VAL H 202 42.29 8.89 -1.75
C VAL H 202 41.99 9.75 -0.57
N ARG H 203 41.02 9.32 0.23
CA ARG H 203 40.64 10.10 1.37
C ARG H 203 41.79 10.06 2.32
N SER H 204 42.26 8.84 2.52
CA SER H 204 43.29 8.64 3.50
C SER H 204 44.57 9.35 3.26
N VAL H 205 44.93 9.71 2.04
CA VAL H 205 46.08 10.49 2.01
C VAL H 205 45.86 11.91 1.85
N ARG H 206 45.16 12.39 0.84
CA ARG H 206 45.67 13.81 0.60
C ARG H 206 45.14 14.75 -0.49
N PRO H 207 45.81 14.70 -1.75
CA PRO H 207 45.50 15.46 -2.98
C PRO H 207 44.63 16.69 -2.78
N CYS H 208 45.27 17.78 -2.37
CA CYS H 208 44.66 19.11 -2.31
C CYS H 208 43.64 19.21 -1.16
N PHE H 209 44.04 18.73 0.01
CA PHE H 209 43.25 18.87 1.22
C PHE H 209 43.76 19.98 2.13
N THR H 210 44.58 20.88 1.59
CA THR H 210 45.24 21.91 2.38
C THR H 210 44.25 22.74 3.18
N GLN H 211 44.57 22.92 4.47
CA GLN H 211 43.67 23.65 5.36
C GLN H 211 43.47 25.08 4.90
N ALA H 212 44.46 25.64 4.20
CA ALA H 212 44.33 27.00 3.70
C ALA H 212 43.17 27.12 2.73
N ALA H 213 43.24 26.39 1.62
CA ALA H 213 42.35 26.68 0.50
C ALA H 213 40.96 26.11 0.76
N PHE H 214 40.87 25.04 1.53
CA PHE H 214 39.56 24.53 1.91
C PHE H 214 38.75 25.61 2.60
N LEU H 215 39.41 26.40 3.44
CA LEU H 215 38.72 27.47 4.15
C LEU H 215 38.18 28.50 3.18
N LYS H 216 39.04 29.04 2.32
CA LYS H 216 38.62 30.08 1.40
C LYS H 216 37.46 29.63 0.53
N SER H 217 37.48 28.36 0.13
CA SER H 217 36.42 27.84 -0.73
C SER H 217 35.08 27.89 -0.03
N LYS H 218 34.92 27.13 1.05
CA LYS H 218 33.63 26.99 1.69
C LYS H 218 33.10 28.34 2.16
N TYR H 219 34.00 29.25 2.53
CA TYR H 219 33.58 30.62 2.77
C TYR H 219 32.95 31.21 1.52
N TRP H 220 33.63 31.07 0.38
CA TRP H 220 33.17 31.70 -0.85
C TRP H 220 31.82 31.16 -1.27
N SER H 221 31.71 29.84 -1.42
CA SER H 221 30.44 29.25 -1.85
C SER H 221 29.33 29.55 -0.85
N HIS H 222 29.68 29.73 0.42
CA HIS H 222 28.68 30.18 1.38
C HIS H 222 28.26 31.61 1.07
N TYR H 223 29.15 32.39 0.48
CA TYR H 223 28.86 33.80 0.27
C TYR H 223 27.90 34.02 -0.88
N ILE H 224 27.99 33.18 -1.92
CA ILE H 224 27.10 33.32 -3.06
C ILE H 224 25.66 33.12 -2.64
N ASP H 225 25.43 32.26 -1.64
CA ASP H 225 24.08 32.01 -1.17
C ASP H 225 23.43 33.28 -0.66
N ILE H 226 24.08 33.94 0.31
CA ILE H 226 23.49 35.12 0.92
C ILE H 226 23.29 36.23 -0.10
N GLU H 227 24.15 36.29 -1.11
CA GLU H 227 24.02 37.33 -2.13
C GLU H 227 22.72 37.18 -2.90
N ARG H 228 22.46 35.98 -3.43
CA ARG H 228 21.24 35.76 -4.19
C ARG H 228 20.01 35.93 -3.31
N LYS H 229 20.01 35.31 -2.13
CA LYS H 229 18.84 35.38 -1.25
C LYS H 229 18.54 36.80 -0.85
N LEU H 230 19.56 37.62 -0.67
CA LEU H 230 19.33 38.98 -0.18
C LEU H 230 18.92 39.94 -1.28
N PHE H 231 19.31 39.69 -2.53
CA PHE H 231 18.96 40.63 -3.60
C PHE H 231 17.46 40.73 -3.76
N ASP H 232 16.75 39.60 -3.61
CA ASP H 232 15.30 39.61 -3.76
C ASP H 232 14.63 40.53 -2.77
N GLU H 233 15.22 40.68 -1.58
CA GLU H 233 14.62 41.54 -0.58
C GLU H 233 14.51 42.97 -1.07
N THR H 234 15.61 43.54 -1.58
CA THR H 234 15.60 44.93 -2.03
C THR H 234 14.62 45.11 -3.18
N CYS H 235 14.52 44.13 -4.07
CA CYS H 235 13.59 44.25 -5.19
C CYS H 235 12.16 44.35 -4.71
N THR H 236 11.68 43.31 -4.02
CA THR H 236 10.31 43.33 -3.52
C THR H 236 10.07 44.53 -2.64
N GLU H 237 11.07 44.93 -1.87
CA GLU H 237 10.96 46.17 -1.11
C GLU H 237 10.86 47.36 -2.04
N HIS H 238 11.87 47.57 -2.89
CA HIS H 238 11.89 48.75 -3.74
C HIS H 238 10.70 48.78 -4.71
N ALA H 239 10.18 47.60 -5.06
CA ALA H 239 9.04 47.56 -5.96
C ALA H 239 7.75 47.97 -5.24
N LYS H 240 7.59 47.56 -3.99
CA LYS H 240 6.35 47.81 -3.26
C LYS H 240 6.04 49.29 -3.20
N ALA H 241 7.05 50.12 -3.00
CA ALA H 241 6.82 51.55 -3.01
C ALA H 241 6.41 52.05 -4.39
N PHE H 242 6.71 51.29 -5.44
CA PHE H 242 6.43 51.76 -6.78
C PHE H 242 5.05 51.37 -7.29
N ALA H 243 4.50 50.25 -6.84
CA ALA H 243 3.20 49.83 -7.35
C ALA H 243 2.09 50.76 -6.91
N LYS H 244 2.20 51.36 -5.73
CA LYS H 244 1.12 52.14 -5.16
C LYS H 244 0.75 53.32 -6.04
N VAL H 245 1.71 53.86 -6.79
CA VAL H 245 1.39 54.99 -7.65
C VAL H 245 0.48 54.59 -8.80
N CYS H 246 0.66 53.39 -9.35
CA CYS H 246 -0.10 53.03 -10.53
C CYS H 246 -1.42 52.33 -10.19
N ILE H 247 -1.39 51.36 -9.27
CA ILE H 247 -2.58 50.59 -8.93
C ILE H 247 -3.71 51.49 -8.51
N GLN H 248 -3.39 52.56 -7.78
CA GLN H 248 -4.42 53.52 -7.41
C GLN H 248 -5.06 54.16 -8.63
N GLN H 249 -4.32 54.28 -9.73
CA GLN H 249 -4.86 54.92 -10.91
C GLN H 249 -5.97 54.09 -11.53
N PHE H 250 -5.85 52.76 -11.46
CA PHE H 250 -6.92 51.91 -11.94
C PHE H 250 -8.21 52.18 -11.19
N PHE H 251 -8.13 52.19 -9.86
CA PHE H 251 -9.22 52.74 -9.08
C PHE H 251 -9.39 54.22 -9.42
N GLU H 252 -10.61 54.71 -9.23
CA GLU H 252 -10.90 56.13 -9.44
C GLU H 252 -10.68 56.57 -10.88
N ALA H 253 -10.52 55.61 -11.79
CA ALA H 253 -10.13 55.91 -13.15
C ALA H 253 -10.97 55.20 -14.17
N MET H 254 -11.80 54.26 -13.70
CA MET H 254 -12.73 53.59 -14.60
C MET H 254 -14.05 54.35 -14.66
N ASN H 255 -14.70 54.54 -13.51
CA ASN H 255 -15.88 55.35 -13.41
C ASN H 255 -15.91 56.19 -12.14
N HIS H 256 -14.95 56.02 -11.24
CA HIS H 256 -14.95 56.64 -9.92
C HIS H 256 -16.13 56.19 -9.06
N ASP H 257 -16.77 55.10 -9.47
CA ASP H 257 -17.94 54.56 -8.79
C ASP H 257 -18.40 53.34 -9.55
N LEU H 258 -19.46 52.73 -9.04
CA LEU H 258 -20.13 51.62 -9.71
C LEU H 258 -21.55 52.03 -10.06
N GLU H 259 -22.01 51.60 -11.22
CA GLU H 259 -23.39 51.81 -11.62
C GLU H 259 -24.35 50.95 -10.82
N LEU H 260 -23.86 49.90 -10.16
CA LEU H 260 -24.69 49.00 -9.38
C LEU H 260 -25.15 49.59 -8.06
N GLY H 261 -24.88 50.87 -7.81
CA GLY H 261 -25.39 51.51 -6.61
C GLY H 261 -26.92 51.49 -6.61
N HIS H 262 -27.48 50.86 -5.58
CA HIS H 262 -28.93 50.76 -5.45
C HIS H 262 -29.48 51.93 -4.66
#